data_4X23
#
_entry.id   4X23
#
_cell.length_a   102.994
_cell.length_b   176.102
_cell.length_c   208.846
_cell.angle_alpha   90.00
_cell.angle_beta   90.00
_cell.angle_gamma   90.00
#
_symmetry.space_group_name_H-M   'P 21 21 21'
#
loop_
_entity.id
_entity.type
_entity.pdbx_description
1 polymer 'DNA (147-MER)'
2 polymer 'DNA (147-MER)'
3 polymer 'Histone H3'
4 polymer 'Histone H4'
5 polymer 'Histone H2A'
6 polymer 'Histone H2B'
7 polymer CENP-C
#
loop_
_entity_poly.entity_id
_entity_poly.type
_entity_poly.pdbx_seq_one_letter_code
_entity_poly.pdbx_strand_id
1 'polydeoxyribonucleotide'
;(DA)(DT)(DC)(DG)(DA)(DG)(DA)(DA)(DT)(DC)(DC)(DC)(DG)(DG)(DT)(DG)(DC)(DC)(DG)(DA)
(DG)(DG)(DC)(DC)(DG)(DC)(DT)(DC)(DA)(DA)(DT)(DT)(DG)(DG)(DT)(DC)(DG)(DT)(DA)(DG)
(DA)(DC)(DA)(DG)(DC)(DT)(DC)(DT)(DA)(DG)(DC)(DA)(DC)(DC)(DG)(DC)(DT)(DT)(DA)(DA)
(DA)(DC)(DG)(DC)(DA)(DC)(DG)(DT)(DA)(DC)(DG)(DC)(DG)(DC)(DT)(DG)(DT)(DC)(DC)(DC)
(DC)(DC)(DG)(DC)(DG)(DT)(DT)(DT)(DT)(DA)(DA)(DC)(DC)(DG)(DC)(DC)(DA)(DA)(DG)(DG)
(DG)(DG)(DA)(DT)(DT)(DA)(DC)(DT)(DC)(DC)(DC)(DT)(DA)(DG)(DT)(DC)(DT)(DC)(DC)(DA)
(DG)(DG)(DC)(DA)(DC)(DG)(DT)(DG)(DT)(DC)(DA)(DG)(DA)(DT)(DA)(DT)(DA)(DT)(DA)(DC)
(DA)(DT)(DC)(DC)(DG)(DA)(DT)
;
I,S
2 'polydeoxyribonucleotide'
;(DA)(DT)(DC)(DG)(DG)(DA)(DT)(DG)(DT)(DA)(DT)(DA)(DT)(DA)(DT)(DC)(DT)(DG)(DA)(DC)
(DA)(DC)(DG)(DT)(DG)(DC)(DC)(DT)(DG)(DG)(DA)(DG)(DA)(DC)(DT)(DA)(DG)(DG)(DG)(DA)
(DG)(DT)(DA)(DA)(DT)(DC)(DC)(DC)(DC)(DT)(DT)(DG)(DG)(DC)(DG)(DG)(DT)(DT)(DA)(DA)
(DA)(DA)(DC)(DG)(DC)(DG)(DG)(DG)(DG)(DG)(DA)(DC)(DA)(DG)(DC)(DG)(DC)(DG)(DT)(DA)
(DC)(DG)(DT)(DG)(DC)(DG)(DT)(DT)(DT)(DA)(DA)(DG)(DC)(DG)(DG)(DT)(DG)(DC)(DT)(DA)
(DG)(DA)(DG)(DC)(DT)(DG)(DT)(DC)(DT)(DA)(DC)(DG)(DA)(DC)(DC)(DA)(DA)(DT)(DT)(DG)
(DA)(DG)(DC)(DG)(DG)(DC)(DC)(DT)(DC)(DG)(DG)(DC)(DA)(DC)(DC)(DG)(DG)(DG)(DA)(DT)
(DT)(DC)(DT)(DC)(DG)(DA)(DT)
;
J,T
3 'polypeptide(L)'
;RYRPGTVALREIRRYQKSTELLIRKLPFQRLVREIAQDFKTDLRFQSSAVMALQEASEAYLVGLFEDTNLCAIHAKRVTI
MPKDIQLARRIRGIEGGL
;
A,E,K,O
4 'polypeptide(L)' DNIQGITKPAIRRLARRGGVKRISGLIYEETRGVLKVFLENVIRDAVTYTEHAKRKTVTAMDVVYALKRQGRTLYGFGG B,F,L,P
5 'polypeptide(L)'
;SRSNRAGLQFPVGRIHRLLRKGNYAERVGAGAPVYLAAVMEYLAAEVLELAGNAARDNKKTRIIPRHLQLAIRNDEELNK
LLSGVTIAQGGVLPNIQAVLLP
;
C,G,M,Q
6 'polypeptide(L)'
;ESYAIYIYKVLKQVHPDTGISSKAMSIMNSFVNDIFERIAAEASRLAHYNKRSTITSREIQTAVRLLLPGELAKHAVSEG
TKAVTKYTSS
;
D,H,N,R
7 'polypeptide(L)' PNVRRSNRIRLKPLEYWRGERIDYQ V,U,X,W
#
loop_
_chem_comp.id
_chem_comp.type
_chem_comp.name
_chem_comp.formula
DA DNA linking 2'-DEOXYADENOSINE-5'-MONOPHOSPHATE 'C10 H14 N5 O6 P'
DC DNA linking 2'-DEOXYCYTIDINE-5'-MONOPHOSPHATE 'C9 H14 N3 O7 P'
DG DNA linking 2'-DEOXYGUANOSINE-5'-MONOPHOSPHATE 'C10 H14 N5 O7 P'
DT DNA linking THYMIDINE-5'-MONOPHOSPHATE 'C10 H15 N2 O8 P'
#
# COMPACT_ATOMS: atom_id res chain seq x y z
N ARG C 1 14.01 42.54 19.34
CA ARG C 1 14.86 41.82 20.28
C ARG C 1 14.59 40.32 20.32
N TYR C 2 14.77 39.63 19.19
CA TYR C 2 14.56 38.19 19.15
C TYR C 2 15.80 37.37 19.45
N ARG C 3 15.85 36.17 18.89
CA ARG C 3 16.92 35.22 19.19
C ARG C 3 17.65 34.76 17.94
N PRO C 4 18.97 34.54 18.05
CA PRO C 4 19.82 34.10 16.94
C PRO C 4 19.40 32.75 16.38
N GLY C 5 18.56 32.76 15.35
CA GLY C 5 18.13 31.53 14.70
C GLY C 5 16.62 31.40 14.61
N THR C 6 15.91 32.24 15.36
CA THR C 6 14.45 32.21 15.36
C THR C 6 13.88 32.83 14.09
N VAL C 7 14.45 33.95 13.69
CA VAL C 7 14.03 34.64 12.47
C VAL C 7 14.40 33.81 11.24
N ALA C 8 15.50 33.06 11.37
CA ALA C 8 15.97 32.16 10.31
C ALA C 8 14.88 31.17 9.89
N LEU C 9 14.20 30.58 10.87
CA LEU C 9 13.11 29.65 10.59
C LEU C 9 11.93 30.37 9.96
N ARG C 10 11.70 31.61 10.36
CA ARG C 10 10.59 32.40 9.86
C ARG C 10 10.78 32.69 8.37
N GLU C 11 12.03 32.87 7.97
CA GLU C 11 12.36 33.16 6.58
C GLU C 11 12.26 31.90 5.73
N ILE C 12 12.47 30.75 6.36
CA ILE C 12 12.35 29.46 5.67
C ILE C 12 10.93 29.27 5.15
N ARG C 13 9.97 29.31 6.05
CA ARG C 13 8.57 29.02 5.74
C ARG C 13 7.98 30.10 4.82
N ARG C 14 8.54 31.30 4.87
CA ARG C 14 8.04 32.40 4.06
C ARG C 14 8.48 32.28 2.60
N TYR C 15 9.59 31.60 2.36
CA TYR C 15 10.10 31.44 1.01
C TYR C 15 9.63 30.13 0.38
N GLN C 16 9.47 29.09 1.18
CA GLN C 16 8.94 27.81 0.71
C GLN C 16 7.49 27.96 0.24
N LYS C 17 6.76 28.86 0.90
CA LYS C 17 5.36 29.11 0.56
C LYS C 17 5.22 29.87 -0.76
N SER C 18 6.22 30.67 -1.08
CA SER C 18 6.18 31.50 -2.28
C SER C 18 6.77 30.79 -3.50
N THR C 19 6.45 31.32 -4.68
CA THR C 19 6.94 30.75 -5.93
C THR C 19 7.75 31.79 -6.70
N GLU C 20 7.94 32.95 -6.09
CA GLU C 20 8.66 34.05 -6.71
C GLU C 20 10.14 33.67 -6.90
N LEU C 21 10.75 34.21 -7.96
CA LEU C 21 12.17 34.00 -8.19
C LEU C 21 12.99 34.67 -7.10
N LEU C 22 13.95 33.94 -6.55
CA LEU C 22 14.71 34.40 -5.40
C LEU C 22 15.95 35.20 -5.83
N ILE C 23 16.24 35.19 -7.12
CA ILE C 23 17.37 35.94 -7.64
C ILE C 23 16.87 37.10 -8.51
N ARG C 24 17.66 38.17 -8.57
CA ARG C 24 17.30 39.37 -9.30
C ARG C 24 17.26 39.09 -10.80
N LYS C 25 16.37 39.76 -11.51
CA LYS C 25 16.15 39.48 -12.94
C LYS C 25 17.30 39.96 -13.83
N LEU C 26 17.70 41.21 -13.63
CA LEU C 26 18.68 41.85 -14.51
C LEU C 26 20.13 41.35 -14.36
N PRO C 27 20.62 41.15 -13.11
CA PRO C 27 21.97 40.59 -13.00
C PRO C 27 22.12 39.20 -13.62
N PHE C 28 21.10 38.37 -13.48
CA PHE C 28 21.14 37.02 -14.05
C PHE C 28 21.11 37.07 -15.57
N GLN C 29 20.40 38.05 -16.14
CA GLN C 29 20.31 38.20 -17.58
C GLN C 29 21.68 38.39 -18.23
N ARG C 30 22.45 39.33 -17.70
CA ARG C 30 23.77 39.62 -18.25
C ARG C 30 24.78 38.55 -17.84
N LEU C 31 24.47 37.82 -16.78
CA LEU C 31 25.32 36.72 -16.34
C LEU C 31 25.32 35.61 -17.39
N VAL C 32 24.14 35.36 -17.98
CA VAL C 32 24.00 34.37 -19.04
C VAL C 32 24.73 34.83 -20.29
N ARG C 33 24.74 36.15 -20.50
CA ARG C 33 25.43 36.75 -21.64
C ARG C 33 26.92 36.45 -21.59
N GLU C 34 27.52 36.65 -20.42
CA GLU C 34 28.95 36.43 -20.24
C GLU C 34 29.37 34.99 -20.49
N ILE C 35 28.61 34.06 -19.92
CA ILE C 35 28.91 32.63 -20.04
C ILE C 35 28.83 32.18 -21.49
N ALA C 36 27.87 32.75 -22.23
CA ALA C 36 27.66 32.41 -23.63
C ALA C 36 28.76 32.97 -24.54
N GLN C 37 29.47 33.98 -24.06
CA GLN C 37 30.51 34.63 -24.86
C GLN C 37 31.64 33.67 -25.25
N ASP C 38 31.94 32.73 -24.37
CA ASP C 38 33.02 31.77 -24.60
C ASP C 38 32.69 30.82 -25.74
N PHE C 39 31.42 30.47 -25.88
CA PHE C 39 30.98 29.52 -26.91
C PHE C 39 30.71 30.20 -28.24
N LYS C 40 30.03 31.34 -28.19
CA LYS C 40 29.74 32.11 -29.40
C LYS C 40 29.64 33.60 -29.10
N THR C 41 30.19 34.42 -29.97
CA THR C 41 30.19 35.86 -29.77
C THR C 41 28.96 36.51 -30.42
N ASP C 42 28.55 37.64 -29.88
CA ASP C 42 27.39 38.39 -30.37
C ASP C 42 26.15 37.51 -30.43
N LEU C 43 25.62 37.15 -29.26
CA LEU C 43 24.41 36.34 -29.18
C LEU C 43 23.24 37.12 -28.60
N ARG C 44 22.03 36.79 -29.07
CA ARG C 44 20.82 37.40 -28.55
C ARG C 44 19.93 36.35 -27.90
N PHE C 45 19.25 36.74 -26.83
CA PHE C 45 18.44 35.82 -26.06
C PHE C 45 16.99 36.27 -26.01
N GLN C 46 16.08 35.34 -26.27
CA GLN C 46 14.65 35.61 -26.16
C GLN C 46 14.29 35.96 -24.73
N SER C 47 13.24 36.75 -24.56
CA SER C 47 12.81 37.19 -23.24
C SER C 47 12.43 36.00 -22.36
N SER C 48 11.91 34.95 -22.99
CA SER C 48 11.54 33.74 -22.28
C SER C 48 12.73 32.80 -22.11
N ALA C 49 13.70 32.90 -23.02
CA ALA C 49 14.89 32.05 -22.98
C ALA C 49 15.73 32.29 -21.73
N VAL C 50 15.88 33.55 -21.35
CA VAL C 50 16.65 33.89 -20.16
C VAL C 50 15.90 33.43 -18.90
N MET C 51 14.57 33.59 -18.92
CA MET C 51 13.73 33.14 -17.81
C MET C 51 13.82 31.63 -17.61
N ALA C 52 13.94 30.90 -18.72
CA ALA C 52 14.09 29.45 -18.69
C ALA C 52 15.36 29.04 -17.95
N LEU C 53 16.44 29.78 -18.19
CA LEU C 53 17.69 29.55 -17.47
C LEU C 53 17.52 29.79 -15.98
N GLN C 54 16.83 30.87 -15.64
CA GLN C 54 16.68 31.28 -14.24
C GLN C 54 15.82 30.29 -13.46
N GLU C 55 14.78 29.77 -14.10
CA GLU C 55 13.91 28.79 -13.46
C GLU C 55 14.65 27.49 -13.15
N ALA C 56 15.32 26.94 -14.17
CA ALA C 56 16.03 25.67 -14.00
C ALA C 56 17.21 25.78 -13.05
N SER C 57 17.92 26.91 -13.11
CA SER C 57 19.09 27.13 -12.26
C SER C 57 18.68 27.23 -10.80
N GLU C 58 17.71 28.10 -10.52
CA GLU C 58 17.19 28.29 -9.18
C GLU C 58 16.62 27.00 -8.60
N ALA C 59 15.84 26.29 -9.42
CA ALA C 59 15.23 25.03 -9.00
C ALA C 59 16.30 24.00 -8.62
N TYR C 60 17.34 23.90 -9.44
CA TYR C 60 18.44 22.98 -9.21
C TYR C 60 19.19 23.32 -7.92
N LEU C 61 19.46 24.60 -7.71
CA LEU C 61 20.18 25.04 -6.52
C LEU C 61 19.41 24.74 -5.25
N VAL C 62 18.11 25.05 -5.26
CA VAL C 62 17.24 24.77 -4.11
C VAL C 62 17.25 23.28 -3.80
N GLY C 63 17.10 22.47 -4.84
CA GLY C 63 17.17 21.03 -4.70
C GLY C 63 18.51 20.58 -4.15
N LEU C 64 19.57 21.25 -4.59
CA LEU C 64 20.92 20.95 -4.12
C LEU C 64 21.09 21.33 -2.65
N PHE C 65 20.49 22.44 -2.25
CA PHE C 65 20.56 22.89 -0.87
C PHE C 65 19.85 21.94 0.08
N GLU C 66 18.78 21.31 -0.40
CA GLU C 66 18.04 20.33 0.39
C GLU C 66 18.89 19.11 0.69
N ASP C 67 19.54 18.58 -0.35
CA ASP C 67 20.43 17.43 -0.18
C ASP C 67 21.63 17.82 0.68
N THR C 68 22.05 19.07 0.56
CA THR C 68 23.15 19.60 1.34
C THR C 68 22.82 19.63 2.84
N ASN C 69 21.63 20.13 3.16
CA ASN C 69 21.20 20.23 4.54
C ASN C 69 21.16 18.88 5.26
N LEU C 70 20.76 17.84 4.54
CA LEU C 70 20.72 16.49 5.10
C LEU C 70 22.12 16.00 5.47
N CYS C 71 23.10 16.36 4.64
CA CYS C 71 24.49 16.01 4.92
C CYS C 71 25.01 16.79 6.12
N ALA C 72 24.53 18.02 6.26
CA ALA C 72 24.91 18.87 7.38
C ALA C 72 24.41 18.27 8.69
N ILE C 73 23.12 17.95 8.72
CA ILE C 73 22.50 17.36 9.90
C ILE C 73 23.13 16.01 10.23
N HIS C 74 23.55 15.27 9.22
CA HIS C 74 24.17 13.96 9.41
C HIS C 74 25.48 14.08 10.18
N ALA C 75 26.12 15.24 10.09
CA ALA C 75 27.35 15.50 10.83
C ALA C 75 27.04 16.10 12.21
N LYS C 76 25.79 15.93 12.64
CA LYS C 76 25.32 16.40 13.94
C LYS C 76 25.51 17.91 14.09
N ARG C 77 25.40 18.63 12.98
CA ARG C 77 25.48 20.09 12.99
C ARG C 77 24.36 20.70 12.17
N VAL C 78 23.99 21.93 12.50
CA VAL C 78 22.89 22.61 11.82
C VAL C 78 23.37 23.64 10.81
N THR C 79 24.68 23.85 10.74
CA THR C 79 25.25 24.80 9.81
C THR C 79 25.82 24.09 8.58
N ILE C 80 25.42 24.55 7.40
CA ILE C 80 25.91 23.96 6.16
C ILE C 80 27.29 24.50 5.78
N MET C 81 28.18 23.59 5.40
CA MET C 81 29.54 23.94 5.02
C MET C 81 29.85 23.40 3.62
N PRO C 82 30.88 23.96 2.95
CA PRO C 82 31.30 23.48 1.62
C PRO C 82 31.58 21.98 1.56
N LYS C 83 31.92 21.36 2.69
CA LYS C 83 32.10 19.92 2.76
C LYS C 83 30.83 19.19 2.36
N ASP C 84 29.69 19.77 2.71
CA ASP C 84 28.39 19.18 2.43
C ASP C 84 28.00 19.33 0.96
N ILE C 85 28.27 20.50 0.40
CA ILE C 85 27.95 20.78 -1.00
C ILE C 85 28.68 19.81 -1.93
N GLN C 86 29.98 19.65 -1.69
CA GLN C 86 30.82 18.78 -2.51
C GLN C 86 30.39 17.31 -2.45
N LEU C 87 30.09 16.84 -1.24
CA LEU C 87 29.64 15.47 -1.04
C LEU C 87 28.28 15.22 -1.67
N ALA C 88 27.39 16.19 -1.55
CA ALA C 88 26.04 16.07 -2.10
C ALA C 88 26.06 15.84 -3.61
N ARG C 89 27.02 16.46 -4.29
CA ARG C 89 27.14 16.30 -5.74
C ARG C 89 27.76 14.95 -6.12
N ARG C 90 28.68 14.46 -5.29
CA ARG C 90 29.35 13.20 -5.56
C ARG C 90 28.37 12.03 -5.52
N ILE C 91 27.48 12.06 -4.53
CA ILE C 91 26.50 11.00 -4.34
C ILE C 91 25.41 11.06 -5.41
N ARG C 92 25.02 12.27 -5.80
CA ARG C 92 24.02 12.47 -6.85
C ARG C 92 24.44 11.81 -8.16
N GLY C 93 25.74 11.79 -8.43
CA GLY C 93 26.27 11.20 -9.65
C GLY C 93 26.53 12.23 -10.72
N ILE C 94 26.47 11.80 -11.98
CA ILE C 94 26.72 12.67 -13.11
C ILE C 94 25.48 13.46 -13.53
N GLU C 95 25.65 14.36 -14.49
CA GLU C 95 24.57 15.16 -15.05
C GLU C 95 23.71 15.84 -13.99
N ASP D 1 33.51 39.64 -11.85
CA ASP D 1 32.87 40.94 -11.66
C ASP D 1 31.36 40.85 -11.90
N ASN D 2 30.97 40.19 -12.99
CA ASN D 2 29.56 40.04 -13.31
C ASN D 2 28.99 38.78 -12.64
N ILE D 3 29.86 37.84 -12.32
CA ILE D 3 29.47 36.64 -11.59
C ILE D 3 29.04 37.03 -10.17
N GLN D 4 29.54 38.18 -9.71
CA GLN D 4 29.14 38.73 -8.43
C GLN D 4 27.83 39.51 -8.55
N GLY D 5 27.21 39.42 -9.74
CA GLY D 5 25.92 40.04 -9.98
C GLY D 5 24.89 39.49 -9.01
N ILE D 6 24.92 38.17 -8.83
CA ILE D 6 24.12 37.54 -7.78
C ILE D 6 24.74 37.90 -6.44
N THR D 7 23.91 38.07 -5.42
CA THR D 7 24.38 38.61 -4.15
C THR D 7 24.34 37.61 -3.00
N LYS D 8 24.85 38.03 -1.85
CA LYS D 8 24.85 37.20 -0.65
C LYS D 8 23.43 36.91 -0.12
N PRO D 9 22.57 37.94 0.00
CA PRO D 9 21.22 37.60 0.46
C PRO D 9 20.43 36.80 -0.57
N ALA D 10 20.80 36.92 -1.84
CA ALA D 10 20.17 36.14 -2.91
C ALA D 10 20.41 34.65 -2.71
N ILE D 11 21.66 34.27 -2.48
CA ILE D 11 22.00 32.89 -2.18
C ILE D 11 21.40 32.48 -0.83
N ARG D 12 21.40 33.42 0.11
CA ARG D 12 20.94 33.16 1.47
C ARG D 12 19.47 32.74 1.49
N ARG D 13 18.65 33.36 0.64
CA ARG D 13 17.23 33.04 0.60
C ARG D 13 16.97 31.79 -0.24
N LEU D 14 17.88 31.49 -1.15
CA LEU D 14 17.81 30.25 -1.93
C LEU D 14 17.95 29.04 -1.02
N ALA D 15 18.74 29.20 0.04
CA ALA D 15 18.96 28.15 1.01
C ALA D 15 17.81 28.07 2.00
N ARG D 16 17.11 29.19 2.19
CA ARG D 16 15.93 29.21 3.04
C ARG D 16 14.81 28.37 2.43
N ARG D 17 14.63 28.50 1.13
CA ARG D 17 13.66 27.69 0.40
C ARG D 17 14.08 26.23 0.43
N GLY D 18 15.39 25.99 0.51
CA GLY D 18 15.92 24.65 0.64
C GLY D 18 15.73 24.10 2.05
N GLY D 19 15.39 24.99 2.97
CA GLY D 19 15.10 24.60 4.34
C GLY D 19 16.31 24.40 5.22
N VAL D 20 17.22 25.38 5.21
CA VAL D 20 18.38 25.33 6.09
C VAL D 20 18.28 26.45 7.14
N LYS D 21 18.95 26.25 8.28
CA LYS D 21 18.86 27.18 9.38
C LYS D 21 20.06 28.12 9.42
N ARG D 22 21.26 27.57 9.59
CA ARG D 22 22.47 28.37 9.68
C ARG D 22 23.39 28.12 8.46
N ILE D 23 23.91 29.21 7.91
CA ILE D 23 24.73 29.13 6.70
C ILE D 23 26.13 29.69 6.92
N SER D 24 27.14 28.92 6.54
CA SER D 24 28.53 29.35 6.69
C SER D 24 28.87 30.47 5.71
N GLY D 25 30.07 31.02 5.85
CA GLY D 25 30.51 32.12 5.01
C GLY D 25 31.05 31.68 3.67
N LEU D 26 31.73 30.55 3.65
CA LEU D 26 32.34 30.02 2.43
C LEU D 26 31.30 29.43 1.49
N ILE D 27 30.07 29.27 1.99
CA ILE D 27 28.98 28.73 1.19
C ILE D 27 28.66 29.61 -0.02
N TYR D 28 28.61 30.92 0.20
CA TYR D 28 28.22 31.87 -0.84
C TYR D 28 29.17 31.82 -2.04
N GLU D 29 30.45 31.62 -1.77
CA GLU D 29 31.45 31.52 -2.84
C GLU D 29 31.37 30.16 -3.54
N GLU D 30 31.16 29.10 -2.75
CA GLU D 30 31.03 27.76 -3.29
C GLU D 30 29.79 27.64 -4.17
N THR D 31 28.74 28.36 -3.79
CA THR D 31 27.48 28.34 -4.53
C THR D 31 27.64 29.01 -5.89
N ARG D 32 28.43 30.08 -5.93
CA ARG D 32 28.73 30.77 -7.18
C ARG D 32 29.43 29.84 -8.16
N GLY D 33 30.23 28.92 -7.62
CA GLY D 33 30.92 27.94 -8.42
C GLY D 33 29.97 27.00 -9.14
N VAL D 34 29.13 26.32 -8.37
CA VAL D 34 28.20 25.33 -8.94
C VAL D 34 27.17 26.00 -9.84
N LEU D 35 26.92 27.28 -9.64
CA LEU D 35 25.98 28.03 -10.47
C LEU D 35 26.60 28.32 -11.83
N LYS D 36 27.86 28.73 -11.83
CA LYS D 36 28.57 29.03 -13.06
C LYS D 36 28.85 27.75 -13.83
N VAL D 37 29.04 26.65 -13.10
CA VAL D 37 29.25 25.34 -13.72
C VAL D 37 27.97 24.85 -14.37
N PHE D 38 26.85 25.00 -13.65
CA PHE D 38 25.55 24.58 -14.16
C PHE D 38 25.19 25.36 -15.42
N LEU D 39 25.36 26.67 -15.37
CA LEU D 39 25.05 27.54 -16.51
C LEU D 39 25.91 27.18 -17.71
N GLU D 40 27.19 26.88 -17.47
CA GLU D 40 28.11 26.52 -18.54
C GLU D 40 27.63 25.30 -19.31
N ASN D 41 27.25 24.25 -18.58
CA ASN D 41 26.82 23.01 -19.19
C ASN D 41 25.52 23.16 -20.00
N VAL D 42 24.58 23.93 -19.46
CA VAL D 42 23.29 24.14 -20.12
C VAL D 42 23.45 25.01 -21.37
N ILE D 43 24.12 26.15 -21.21
CA ILE D 43 24.30 27.11 -22.29
C ILE D 43 25.12 26.50 -23.44
N ARG D 44 26.13 25.71 -23.10
CA ARG D 44 26.96 25.04 -24.11
C ARG D 44 26.10 24.22 -25.06
N ASP D 45 25.20 23.42 -24.49
CA ASP D 45 24.28 22.63 -25.29
C ASP D 45 23.24 23.53 -25.96
N ALA D 46 22.83 24.58 -25.26
CA ALA D 46 21.84 25.51 -25.78
C ALA D 46 22.35 26.24 -27.02
N VAL D 47 23.55 26.79 -26.91
CA VAL D 47 24.17 27.49 -28.03
C VAL D 47 24.45 26.52 -29.18
N THR D 48 24.82 25.28 -28.84
CA THR D 48 25.07 24.25 -29.84
C THR D 48 23.82 24.00 -30.69
N TYR D 49 22.66 23.98 -30.04
CA TYR D 49 21.39 23.86 -30.75
C TYR D 49 21.13 25.10 -31.60
N THR D 50 21.46 26.26 -31.05
CA THR D 50 21.27 27.53 -31.74
C THR D 50 22.12 27.60 -33.00
N GLU D 51 23.36 27.16 -32.90
CA GLU D 51 24.29 27.21 -34.01
C GLU D 51 23.89 26.24 -35.12
N HIS D 52 23.33 25.09 -34.73
CA HIS D 52 22.88 24.09 -35.70
C HIS D 52 21.66 24.58 -36.47
N ALA D 53 20.91 25.50 -35.85
CA ALA D 53 19.72 26.03 -36.49
C ALA D 53 20.05 27.26 -37.34
N LYS D 54 21.34 27.57 -37.46
CA LYS D 54 21.82 28.71 -38.23
C LYS D 54 21.18 30.01 -37.76
N ARG D 55 21.21 30.23 -36.45
CA ARG D 55 20.61 31.43 -35.85
C ARG D 55 21.57 32.13 -34.90
N LYS D 56 21.45 33.44 -34.82
CA LYS D 56 22.29 34.24 -33.92
C LYS D 56 21.53 34.57 -32.63
N THR D 57 20.31 34.05 -32.54
CA THR D 57 19.47 34.30 -31.36
C THR D 57 19.04 33.00 -30.69
N VAL D 58 19.46 32.82 -29.44
CA VAL D 58 19.04 31.65 -28.68
C VAL D 58 17.59 31.83 -28.24
N THR D 59 16.80 30.77 -28.38
CA THR D 59 15.38 30.84 -28.02
C THR D 59 15.07 29.94 -26.83
N ALA D 60 13.86 30.09 -26.30
CA ALA D 60 13.42 29.33 -25.14
C ALA D 60 13.44 27.82 -25.41
N MET D 61 12.99 27.43 -26.60
CA MET D 61 12.92 26.02 -26.98
C MET D 61 14.31 25.38 -27.02
N ASP D 62 15.30 26.17 -27.42
CA ASP D 62 16.69 25.70 -27.46
C ASP D 62 17.19 25.35 -26.06
N VAL D 63 16.81 26.17 -25.09
CA VAL D 63 17.19 25.92 -23.70
C VAL D 63 16.47 24.70 -23.14
N VAL D 64 15.22 24.51 -23.57
CA VAL D 64 14.42 23.37 -23.14
C VAL D 64 15.04 22.06 -23.64
N TYR D 65 15.40 22.04 -24.91
CA TYR D 65 16.03 20.87 -25.52
C TYR D 65 17.35 20.53 -24.83
N ALA D 66 18.07 21.56 -24.39
CA ALA D 66 19.34 21.38 -23.72
C ALA D 66 19.16 20.85 -22.30
N LEU D 67 18.27 21.49 -21.55
CA LEU D 67 17.97 21.10 -20.18
C LEU D 67 17.42 19.67 -20.10
N LYS D 68 16.53 19.34 -21.03
CA LYS D 68 15.89 18.02 -21.05
C LYS D 68 16.88 16.95 -21.50
N ARG D 69 17.98 17.37 -22.09
CA ARG D 69 18.98 16.44 -22.60
C ARG D 69 20.00 16.06 -21.52
N GLN D 70 19.71 16.43 -20.28
CA GLN D 70 20.59 16.08 -19.17
C GLN D 70 19.83 15.93 -17.86
N GLY D 71 18.63 15.35 -17.94
CA GLY D 71 17.86 15.02 -16.75
C GLY D 71 17.26 16.20 -16.02
N ARG D 72 17.41 17.40 -16.58
CA ARG D 72 16.88 18.60 -15.96
C ARG D 72 15.67 19.12 -16.75
N THR D 73 14.75 18.22 -17.06
CA THR D 73 13.56 18.56 -17.84
C THR D 73 12.74 19.68 -17.20
N LEU D 74 12.25 20.60 -18.04
CA LEU D 74 11.52 21.77 -17.56
C LEU D 74 10.17 21.93 -18.26
N TYR D 75 9.11 22.07 -17.47
CA TYR D 75 7.78 22.33 -18.00
C TYR D 75 7.45 23.81 -17.96
N GLY D 76 6.69 24.28 -18.94
CA GLY D 76 6.21 25.66 -18.95
C GLY D 76 6.70 26.49 -20.11
N PHE D 77 7.74 26.03 -20.79
CA PHE D 77 8.30 26.77 -21.91
C PHE D 77 8.40 25.90 -23.16
N GLY D 78 7.31 25.21 -23.47
CA GLY D 78 7.27 24.35 -24.65
C GLY D 78 7.53 22.89 -24.31
N GLY D 79 7.29 22.02 -25.28
CA GLY D 79 7.48 20.59 -25.09
C GLY D 79 7.20 19.80 -26.34
N SER E 1 33.87 -1.50 -53.00
CA SER E 1 33.26 -1.28 -51.69
C SER E 1 33.10 0.21 -51.40
N ARG E 2 32.47 0.53 -50.27
CA ARG E 2 32.25 1.91 -49.87
C ARG E 2 33.12 2.25 -48.67
N SER E 3 33.17 1.33 -47.70
CA SER E 3 33.98 1.49 -46.50
C SER E 3 35.46 1.56 -46.84
N ASN E 4 35.86 0.89 -47.92
CA ASN E 4 37.23 0.94 -48.39
C ASN E 4 37.52 2.28 -49.06
N ARG E 5 36.49 2.83 -49.69
CA ARG E 5 36.59 4.17 -50.26
C ARG E 5 36.56 5.21 -49.14
N ALA E 6 36.05 4.80 -47.98
CA ALA E 6 35.97 5.68 -46.82
C ALA E 6 37.25 5.60 -46.00
N GLY E 7 38.08 4.60 -46.31
CA GLY E 7 39.31 4.37 -45.58
C GLY E 7 39.03 4.00 -44.14
N LEU E 8 37.95 3.23 -43.94
CA LEU E 8 37.52 2.83 -42.62
C LEU E 8 37.34 1.31 -42.53
N GLN E 9 37.37 0.80 -41.30
CA GLN E 9 37.18 -0.63 -41.07
C GLN E 9 35.70 -0.95 -40.89
N PHE E 10 34.98 -0.07 -40.20
CA PHE E 10 33.56 -0.26 -39.95
C PHE E 10 32.76 -0.14 -41.24
N PRO E 11 31.81 -1.06 -41.44
CA PRO E 11 31.00 -1.15 -42.67
C PRO E 11 30.05 0.03 -42.85
N VAL E 12 30.37 0.92 -43.77
CA VAL E 12 29.50 2.06 -44.05
C VAL E 12 28.16 1.57 -44.63
N GLY E 13 28.22 0.48 -45.37
CA GLY E 13 27.03 -0.11 -45.96
C GLY E 13 26.04 -0.61 -44.93
N ARG E 14 26.53 -1.35 -43.93
CA ARG E 14 25.67 -1.88 -42.88
C ARG E 14 25.09 -0.75 -42.03
N ILE E 15 25.93 0.23 -41.70
CA ILE E 15 25.50 1.38 -40.93
C ILE E 15 24.41 2.18 -41.67
N HIS E 16 24.55 2.28 -42.99
CA HIS E 16 23.61 3.02 -43.81
C HIS E 16 22.19 2.45 -43.76
N ARG E 17 22.08 1.12 -43.74
CA ARG E 17 20.78 0.46 -43.67
C ARG E 17 20.16 0.62 -42.27
N LEU E 18 21.01 0.68 -41.25
CA LEU E 18 20.55 0.79 -39.88
C LEU E 18 19.84 2.13 -39.61
N LEU E 19 20.32 3.19 -40.25
CA LEU E 19 19.67 4.49 -40.13
C LEU E 19 18.33 4.50 -40.88
N ARG E 20 18.18 3.57 -41.81
CA ARG E 20 16.94 3.43 -42.57
C ARG E 20 15.91 2.62 -41.79
N LYS E 21 16.27 1.38 -41.48
CA LYS E 21 15.35 0.46 -40.80
C LYS E 21 15.17 0.85 -39.33
N GLY E 22 16.11 1.62 -38.79
CA GLY E 22 16.07 2.03 -37.40
C GLY E 22 15.04 3.11 -37.10
N ASN E 23 14.39 3.61 -38.16
CA ASN E 23 13.37 4.65 -38.04
C ASN E 23 13.88 5.90 -37.33
N TYR E 24 14.88 6.55 -37.92
CA TYR E 24 15.39 7.81 -37.40
C TYR E 24 14.97 8.98 -38.29
N ALA E 25 14.73 8.68 -39.56
CA ALA E 25 14.31 9.69 -40.53
C ALA E 25 13.76 9.03 -41.79
N GLU E 26 13.09 9.82 -42.63
CA GLU E 26 12.56 9.31 -43.88
C GLU E 26 13.69 9.12 -44.89
N ARG E 27 14.53 10.14 -45.02
CA ARG E 27 15.66 10.11 -45.94
C ARG E 27 16.99 10.28 -45.20
N VAL E 28 17.82 9.25 -45.20
CA VAL E 28 19.13 9.34 -44.56
C VAL E 28 20.18 9.68 -45.61
N GLY E 29 21.01 10.68 -45.29
CA GLY E 29 22.03 11.17 -46.21
C GLY E 29 23.05 10.13 -46.65
N ALA E 30 23.89 10.52 -47.61
CA ALA E 30 24.92 9.64 -48.13
C ALA E 30 26.20 9.75 -47.32
N GLY E 31 26.50 10.95 -46.86
CA GLY E 31 27.71 11.18 -46.07
C GLY E 31 27.51 10.87 -44.60
N ALA E 32 26.25 10.92 -44.16
CA ALA E 32 25.92 10.65 -42.76
C ALA E 32 26.42 9.29 -42.23
N PRO E 33 26.19 8.19 -42.98
CA PRO E 33 26.68 6.92 -42.43
C PRO E 33 28.21 6.84 -42.44
N VAL E 34 28.85 7.57 -43.36
CA VAL E 34 30.30 7.58 -43.45
C VAL E 34 30.91 8.34 -42.27
N TYR E 35 30.32 9.49 -41.96
CA TYR E 35 30.75 10.31 -40.85
C TYR E 35 30.63 9.56 -39.52
N LEU E 36 29.49 8.91 -39.33
CA LEU E 36 29.21 8.16 -38.11
C LEU E 36 30.14 6.97 -37.97
N ALA E 37 30.48 6.33 -39.09
CA ALA E 37 31.38 5.18 -39.09
C ALA E 37 32.78 5.59 -38.66
N ALA E 38 33.14 6.83 -38.96
CA ALA E 38 34.48 7.33 -38.62
C ALA E 38 34.58 7.68 -37.14
N VAL E 39 33.45 8.05 -36.55
CA VAL E 39 33.41 8.40 -35.13
C VAL E 39 33.40 7.12 -34.29
N MET E 40 32.64 6.13 -34.73
CA MET E 40 32.54 4.86 -34.03
C MET E 40 33.88 4.12 -34.02
N GLU E 41 34.53 4.08 -35.17
CA GLU E 41 35.83 3.43 -35.31
C GLU E 41 36.89 4.12 -34.44
N TYR E 42 36.85 5.45 -34.42
CA TYR E 42 37.78 6.24 -33.62
C TYR E 42 37.67 5.91 -32.13
N LEU E 43 36.46 6.00 -31.60
CA LEU E 43 36.22 5.69 -30.19
C LEU E 43 36.60 4.25 -29.87
N ALA E 44 36.31 3.34 -30.80
CA ALA E 44 36.67 1.95 -30.64
C ALA E 44 38.18 1.80 -30.60
N ALA E 45 38.87 2.52 -31.46
CA ALA E 45 40.33 2.52 -31.49
C ALA E 45 40.88 3.14 -30.22
N GLU E 46 40.24 4.22 -29.78
CA GLU E 46 40.66 4.95 -28.59
C GLU E 46 40.61 4.07 -27.34
N VAL E 47 39.57 3.26 -27.23
CA VAL E 47 39.42 2.36 -26.09
C VAL E 47 40.40 1.19 -26.18
N LEU E 48 40.46 0.57 -27.36
CA LEU E 48 41.32 -0.60 -27.58
C LEU E 48 42.80 -0.27 -27.36
N GLU E 49 43.23 0.89 -27.84
CA GLU E 49 44.62 1.31 -27.68
C GLU E 49 44.98 1.51 -26.23
N LEU E 50 44.10 2.19 -25.49
CA LEU E 50 44.31 2.42 -24.07
C LEU E 50 44.18 1.12 -23.27
N ALA E 51 43.35 0.20 -23.75
CA ALA E 51 43.19 -1.10 -23.11
C ALA E 51 44.40 -1.99 -23.33
N GLY E 52 44.86 -2.07 -24.57
CA GLY E 52 46.00 -2.91 -24.91
C GLY E 52 47.31 -2.56 -24.24
N ASN E 53 47.63 -1.27 -24.18
CA ASN E 53 48.85 -0.84 -23.49
C ASN E 53 48.72 -1.10 -21.99
N ALA E 54 47.48 -1.08 -21.51
CA ALA E 54 47.20 -1.40 -20.12
C ALA E 54 47.16 -2.91 -19.91
N ALA E 55 47.07 -3.65 -21.02
CA ALA E 55 47.07 -5.10 -20.96
C ALA E 55 48.50 -5.66 -21.05
N ARG E 56 49.36 -4.98 -21.79
CA ARG E 56 50.74 -5.44 -21.97
C ARG E 56 51.58 -5.26 -20.71
N ASP E 57 51.22 -4.29 -19.87
CA ASP E 57 51.96 -4.05 -18.63
C ASP E 57 51.52 -5.07 -17.57
N ASN E 58 50.39 -5.71 -17.83
CA ASN E 58 49.87 -6.76 -16.98
C ASN E 58 50.38 -8.12 -17.47
N LYS E 59 51.29 -8.06 -18.43
CA LYS E 59 51.94 -9.24 -19.01
C LYS E 59 50.96 -10.22 -19.65
N LYS E 60 49.86 -9.69 -20.16
CA LYS E 60 48.88 -10.52 -20.86
C LYS E 60 48.71 -10.03 -22.29
N THR E 61 48.56 -10.96 -23.24
CA THR E 61 48.43 -10.59 -24.64
C THR E 61 46.98 -10.64 -25.12
N ARG E 62 46.09 -11.10 -24.26
CA ARG E 62 44.67 -11.12 -24.59
C ARG E 62 43.89 -10.15 -23.69
N ILE E 63 43.13 -9.26 -24.32
CA ILE E 63 42.39 -8.27 -23.57
C ILE E 63 41.15 -8.88 -22.92
N ILE E 64 41.13 -8.84 -21.58
CA ILE E 64 40.00 -9.33 -20.80
C ILE E 64 39.23 -8.14 -20.21
N PRO E 65 37.97 -8.34 -19.81
CA PRO E 65 37.12 -7.27 -19.25
C PRO E 65 37.77 -6.40 -18.17
N ARG E 66 38.65 -6.95 -17.34
CA ARG E 66 39.34 -6.15 -16.33
C ARG E 66 40.20 -5.07 -16.99
N HIS E 67 40.84 -5.42 -18.10
CA HIS E 67 41.68 -4.47 -18.83
C HIS E 67 40.85 -3.32 -19.39
N LEU E 68 39.69 -3.65 -19.97
CA LEU E 68 38.81 -2.63 -20.50
C LEU E 68 38.33 -1.69 -19.40
N GLN E 69 38.01 -2.26 -18.24
CA GLN E 69 37.58 -1.48 -17.09
C GLN E 69 38.67 -0.52 -16.62
N LEU E 70 39.90 -1.02 -16.54
CA LEU E 70 41.03 -0.20 -16.12
C LEU E 70 41.28 0.94 -17.11
N ALA E 71 41.07 0.68 -18.39
CA ALA E 71 41.30 1.68 -19.43
C ALA E 71 40.29 2.82 -19.36
N ILE E 72 39.02 2.48 -19.32
CA ILE E 72 37.95 3.46 -19.34
C ILE E 72 37.91 4.32 -18.06
N ARG E 73 38.05 3.67 -16.92
CA ARG E 73 37.90 4.37 -15.63
C ARG E 73 39.14 5.14 -15.23
N ASN E 74 40.16 5.15 -16.09
CA ASN E 74 41.39 5.89 -15.82
C ASN E 74 41.61 7.04 -16.79
N ASP E 75 40.64 7.27 -17.67
CA ASP E 75 40.69 8.38 -18.60
C ASP E 75 39.55 9.33 -18.32
N GLU E 76 39.88 10.61 -18.09
CA GLU E 76 38.90 11.63 -17.72
C GLU E 76 37.75 11.73 -18.73
N GLU E 77 38.09 11.92 -20.00
CA GLU E 77 37.09 12.11 -21.04
C GLU E 77 36.28 10.83 -21.30
N LEU E 78 36.96 9.69 -21.28
CA LEU E 78 36.34 8.40 -21.53
C LEU E 78 35.40 7.96 -20.41
N ASN E 79 35.85 8.10 -19.16
CA ASN E 79 35.07 7.71 -18.00
C ASN E 79 33.75 8.48 -17.88
N LYS E 80 33.77 9.75 -18.27
CA LYS E 80 32.58 10.58 -18.21
C LYS E 80 31.53 10.11 -19.22
N LEU E 81 32.00 9.63 -20.36
CA LEU E 81 31.11 9.15 -21.42
C LEU E 81 30.41 7.88 -20.95
N LEU E 82 31.18 6.94 -20.44
CA LEU E 82 30.66 5.64 -20.01
C LEU E 82 30.38 5.61 -18.51
N SER E 83 29.95 6.74 -17.96
CA SER E 83 29.67 6.85 -16.53
C SER E 83 28.51 5.97 -16.10
N GLY E 84 27.41 6.03 -16.84
CA GLY E 84 26.20 5.30 -16.47
C GLY E 84 26.24 3.80 -16.72
N VAL E 85 27.15 3.37 -17.59
CA VAL E 85 27.24 1.95 -17.93
C VAL E 85 28.29 1.24 -17.08
N THR E 86 28.00 -0.01 -16.74
CA THR E 86 28.90 -0.83 -15.94
C THR E 86 29.41 -2.03 -16.74
N ILE E 87 30.73 -2.18 -16.82
CA ILE E 87 31.33 -3.29 -17.53
C ILE E 87 31.23 -4.58 -16.72
N ALA E 88 30.66 -5.62 -17.33
CA ALA E 88 30.48 -6.91 -16.68
C ALA E 88 31.83 -7.54 -16.30
N GLN E 89 31.87 -8.12 -15.11
CA GLN E 89 33.09 -8.71 -14.53
C GLN E 89 34.34 -7.88 -14.82
N GLY E 90 34.21 -6.57 -14.66
CA GLY E 90 35.34 -5.67 -14.86
C GLY E 90 35.99 -5.28 -13.57
N GLY E 91 35.27 -5.42 -12.46
CA GLY E 91 35.79 -5.07 -11.16
C GLY E 91 35.84 -3.57 -10.98
N VAL E 92 36.48 -3.11 -9.91
CA VAL E 92 36.63 -1.68 -9.66
C VAL E 92 38.09 -1.31 -9.44
N LEU E 93 38.41 -0.05 -9.73
CA LEU E 93 39.76 0.46 -9.49
C LEU E 93 40.10 0.45 -8.01
N PRO E 94 41.27 -0.08 -7.66
CA PRO E 94 41.74 -0.15 -6.27
C PRO E 94 41.85 1.23 -5.63
N ASN E 95 40.88 1.58 -4.80
CA ASN E 95 40.87 2.87 -4.12
C ASN E 95 40.56 2.72 -2.64
N ILE E 96 41.47 3.22 -1.81
CA ILE E 96 41.29 3.17 -0.36
C ILE E 96 41.28 4.58 0.20
N GLN E 97 40.27 4.88 1.02
CA GLN E 97 40.13 6.21 1.59
C GLN E 97 41.32 6.59 2.47
N ALA E 98 41.56 7.90 2.61
CA ALA E 98 42.72 8.41 3.34
C ALA E 98 42.66 8.11 4.84
N VAL E 99 41.50 8.36 5.44
CA VAL E 99 41.34 8.27 6.88
C VAL E 99 41.18 6.82 7.36
N LEU E 100 41.30 5.87 6.44
CA LEU E 100 41.18 4.47 6.79
C LEU E 100 42.54 3.80 6.96
N LEU E 101 43.60 4.55 6.69
CA LEU E 101 44.95 4.05 6.83
C LEU E 101 45.55 4.45 8.17
N PRO E 102 46.36 3.57 8.78
CA PRO E 102 47.02 3.83 10.06
C PRO E 102 47.92 5.07 10.03
N GLU F 1 25.88 -11.40 -36.80
CA GLU F 1 25.30 -10.13 -37.20
C GLU F 1 25.76 -9.01 -36.28
N SER F 2 27.06 -8.99 -35.99
CA SER F 2 27.63 -8.00 -35.07
C SER F 2 28.85 -7.30 -35.67
N TYR F 3 29.55 -6.54 -34.84
CA TYR F 3 30.74 -5.82 -35.27
C TYR F 3 32.02 -6.54 -34.87
N ALA F 4 31.89 -7.82 -34.54
CA ALA F 4 32.99 -8.62 -34.01
C ALA F 4 34.24 -8.61 -34.89
N ILE F 5 34.05 -8.76 -36.20
CA ILE F 5 35.17 -8.86 -37.12
C ILE F 5 35.85 -7.52 -37.36
N TYR F 6 35.11 -6.43 -37.15
CA TYR F 6 35.63 -5.10 -37.42
C TYR F 6 36.46 -4.56 -36.27
N ILE F 7 36.01 -4.82 -35.04
CA ILE F 7 36.74 -4.41 -33.85
C ILE F 7 38.10 -5.09 -33.80
N TYR F 8 38.15 -6.31 -34.33
CA TYR F 8 39.40 -7.07 -34.37
C TYR F 8 40.38 -6.46 -35.37
N LYS F 9 39.86 -5.97 -36.48
CA LYS F 9 40.68 -5.28 -37.48
C LYS F 9 41.26 -4.00 -36.92
N VAL F 10 40.43 -3.24 -36.21
CA VAL F 10 40.87 -2.00 -35.58
C VAL F 10 41.91 -2.29 -34.50
N LEU F 11 41.73 -3.41 -33.79
CA LEU F 11 42.66 -3.81 -32.75
C LEU F 11 44.06 -4.09 -33.30
N LYS F 12 44.12 -4.79 -34.42
CA LYS F 12 45.40 -5.16 -35.03
C LYS F 12 46.14 -3.95 -35.59
N GLN F 13 45.41 -2.88 -35.91
CA GLN F 13 46.04 -1.65 -36.37
C GLN F 13 46.77 -0.95 -35.22
N VAL F 14 46.06 -0.77 -34.11
CA VAL F 14 46.62 -0.10 -32.94
C VAL F 14 47.52 -1.04 -32.13
N HIS F 15 47.29 -2.34 -32.26
CA HIS F 15 48.04 -3.34 -31.51
C HIS F 15 48.00 -4.70 -32.21
N PRO F 16 48.94 -4.93 -33.15
CA PRO F 16 48.99 -6.19 -33.89
C PRO F 16 49.47 -7.36 -33.04
N ASP F 17 50.12 -7.06 -31.92
CA ASP F 17 50.71 -8.09 -31.08
C ASP F 17 49.69 -8.70 -30.10
N THR F 18 48.87 -7.86 -29.49
CA THR F 18 47.92 -8.33 -28.48
C THR F 18 46.60 -8.81 -29.09
N GLY F 19 45.88 -9.62 -28.33
CA GLY F 19 44.58 -10.12 -28.75
C GLY F 19 43.48 -9.72 -27.77
N ILE F 20 42.30 -10.30 -27.94
CA ILE F 20 41.15 -9.97 -27.10
C ILE F 20 40.27 -11.19 -26.82
N SER F 21 39.84 -11.33 -25.57
CA SER F 21 38.98 -12.45 -25.19
C SER F 21 37.58 -12.28 -25.75
N SER F 22 36.82 -13.36 -25.82
CA SER F 22 35.48 -13.33 -26.38
C SER F 22 34.50 -12.53 -25.53
N LYS F 23 34.68 -12.59 -24.22
CA LYS F 23 33.82 -11.83 -23.31
C LYS F 23 34.04 -10.32 -23.47
N ALA F 24 35.30 -9.93 -23.58
CA ALA F 24 35.65 -8.52 -23.76
C ALA F 24 35.25 -8.05 -25.15
N MET F 25 35.23 -8.98 -26.10
CA MET F 25 34.78 -8.69 -27.46
C MET F 25 33.30 -8.30 -27.44
N SER F 26 32.51 -9.02 -26.66
CA SER F 26 31.10 -8.74 -26.51
C SER F 26 30.88 -7.36 -25.88
N ILE F 27 31.74 -7.02 -24.94
CA ILE F 27 31.68 -5.73 -24.27
C ILE F 27 31.91 -4.59 -25.26
N MET F 28 32.94 -4.73 -26.09
CA MET F 28 33.25 -3.73 -27.11
C MET F 28 32.16 -3.68 -28.17
N ASN F 29 31.55 -4.82 -28.44
CA ASN F 29 30.47 -4.89 -29.41
C ASN F 29 29.23 -4.19 -28.90
N SER F 30 28.98 -4.32 -27.60
CA SER F 30 27.88 -3.61 -26.96
C SER F 30 28.17 -2.13 -26.90
N PHE F 31 29.46 -1.79 -26.83
CA PHE F 31 29.91 -0.41 -26.77
C PHE F 31 29.56 0.35 -28.05
N VAL F 32 30.01 -0.18 -29.19
CA VAL F 32 29.80 0.47 -30.47
C VAL F 32 28.31 0.56 -30.82
N ASN F 33 27.52 -0.35 -30.27
CA ASN F 33 26.06 -0.29 -30.44
C ASN F 33 25.47 0.81 -29.57
N ASP F 34 25.94 0.88 -28.32
CA ASP F 34 25.47 1.89 -27.39
C ASP F 34 25.94 3.28 -27.83
N ILE F 35 27.01 3.32 -28.60
CA ILE F 35 27.51 4.57 -29.18
C ILE F 35 26.70 4.92 -30.43
N PHE F 36 26.35 3.89 -31.20
CA PHE F 36 25.58 4.06 -32.42
C PHE F 36 24.21 4.68 -32.17
N GLU F 37 23.39 3.97 -31.40
CA GLU F 37 22.02 4.42 -31.13
C GLU F 37 21.99 5.75 -30.39
N ARG F 38 22.97 5.97 -29.52
CA ARG F 38 23.06 7.20 -28.74
C ARG F 38 23.21 8.41 -29.66
N ILE F 39 24.07 8.29 -30.66
CA ILE F 39 24.29 9.37 -31.62
C ILE F 39 23.14 9.45 -32.63
N ALA F 40 22.70 8.28 -33.09
CA ALA F 40 21.62 8.20 -34.08
C ALA F 40 20.33 8.82 -33.56
N ALA F 41 19.98 8.51 -32.32
CA ALA F 41 18.78 9.07 -31.70
C ALA F 41 18.89 10.58 -31.57
N GLU F 42 20.06 11.03 -31.12
CA GLU F 42 20.33 12.45 -30.94
C GLU F 42 20.27 13.21 -32.27
N ALA F 43 20.79 12.60 -33.32
CA ALA F 43 20.78 13.21 -34.65
C ALA F 43 19.36 13.28 -35.19
N SER F 44 18.61 12.21 -34.98
CA SER F 44 17.21 12.16 -35.40
C SER F 44 16.38 13.21 -34.65
N ARG F 45 16.60 13.27 -33.34
CA ARG F 45 15.92 14.25 -32.49
C ARG F 45 16.30 15.68 -32.88
N LEU F 46 17.51 15.83 -33.39
CA LEU F 46 18.02 17.13 -33.79
C LEU F 46 17.33 17.64 -35.05
N ALA F 47 17.17 16.74 -36.02
CA ALA F 47 16.51 17.08 -37.29
C ALA F 47 15.01 17.31 -37.07
N HIS F 48 14.43 16.58 -36.13
CA HIS F 48 13.02 16.73 -35.78
C HIS F 48 12.75 18.14 -35.24
N TYR F 49 13.70 18.67 -34.49
CA TYR F 49 13.59 20.02 -33.95
C TYR F 49 13.53 21.07 -35.05
N ASN F 50 14.30 20.85 -36.11
CA ASN F 50 14.37 21.79 -37.22
C ASN F 50 13.41 21.45 -38.34
N LYS F 51 12.50 20.53 -38.07
CA LYS F 51 11.48 20.10 -39.02
C LYS F 51 12.09 19.55 -40.32
N ARG F 52 13.30 19.02 -40.21
CA ARG F 52 13.97 18.42 -41.36
C ARG F 52 13.76 16.91 -41.38
N SER F 53 13.50 16.36 -42.56
CA SER F 53 13.24 14.94 -42.70
C SER F 53 14.49 14.17 -43.12
N THR F 54 15.63 14.83 -43.09
CA THR F 54 16.88 14.20 -43.52
C THR F 54 18.00 14.29 -42.49
N ILE F 55 18.55 13.14 -42.12
CA ILE F 55 19.76 13.09 -41.32
C ILE F 55 20.99 13.13 -42.23
N THR F 56 21.86 14.10 -42.00
CA THR F 56 23.07 14.25 -42.82
C THR F 56 24.31 14.30 -41.95
N SER F 57 25.46 14.49 -42.58
CA SER F 57 26.73 14.59 -41.88
C SER F 57 26.73 15.75 -40.89
N ARG F 58 25.96 16.79 -41.21
CA ARG F 58 25.88 17.98 -40.37
C ARG F 58 25.17 17.64 -39.06
N GLU F 59 24.15 16.79 -39.13
CA GLU F 59 23.45 16.35 -37.94
C GLU F 59 24.33 15.45 -37.08
N ILE F 60 25.04 14.54 -37.72
CA ILE F 60 25.94 13.62 -37.03
C ILE F 60 27.06 14.37 -36.32
N GLN F 61 27.59 15.40 -36.99
CA GLN F 61 28.67 16.20 -36.43
C GLN F 61 28.20 16.96 -35.19
N THR F 62 27.02 17.58 -35.28
CA THR F 62 26.46 18.32 -34.17
C THR F 62 26.11 17.40 -33.01
N ALA F 63 25.68 16.18 -33.34
CA ALA F 63 25.35 15.17 -32.33
C ALA F 63 26.59 14.76 -31.54
N VAL F 64 27.71 14.67 -32.23
CA VAL F 64 28.99 14.35 -31.61
C VAL F 64 29.38 15.40 -30.57
N ARG F 65 29.22 16.67 -30.94
CA ARG F 65 29.56 17.78 -30.05
C ARG F 65 28.69 17.81 -28.80
N LEU F 66 27.49 17.24 -28.90
CA LEU F 66 26.55 17.22 -27.77
C LEU F 66 26.82 16.06 -26.81
N LEU F 67 27.21 14.91 -27.37
CA LEU F 67 27.41 13.69 -26.58
C LEU F 67 28.82 13.62 -26.02
N LEU F 68 29.81 13.59 -26.91
CA LEU F 68 31.21 13.51 -26.51
C LEU F 68 31.58 14.73 -25.65
N PRO F 69 32.21 14.46 -24.48
CA PRO F 69 32.62 15.45 -23.48
C PRO F 69 33.24 16.72 -24.05
N GLY F 70 34.53 16.70 -24.34
CA GLY F 70 35.20 17.88 -24.85
C GLY F 70 36.41 17.56 -25.73
N GLU F 71 37.49 17.10 -25.09
CA GLU F 71 38.72 16.77 -25.79
C GLU F 71 38.51 15.63 -26.78
N LEU F 72 37.48 14.83 -26.54
CA LEU F 72 37.15 13.70 -27.39
C LEU F 72 36.29 14.14 -28.57
N ALA F 73 35.41 15.11 -28.34
CA ALA F 73 34.52 15.60 -29.38
C ALA F 73 35.28 16.23 -30.54
N LYS F 74 36.33 16.97 -30.21
CA LYS F 74 37.13 17.66 -31.23
C LYS F 74 37.76 16.67 -32.21
N HIS F 75 38.46 15.68 -31.66
CA HIS F 75 39.14 14.68 -32.48
C HIS F 75 38.12 13.80 -33.22
N ALA F 76 36.97 13.56 -32.60
CA ALA F 76 35.92 12.77 -33.21
C ALA F 76 35.37 13.47 -34.46
N VAL F 77 35.21 14.78 -34.36
CA VAL F 77 34.76 15.60 -35.48
C VAL F 77 35.78 15.56 -36.62
N SER F 78 37.05 15.74 -36.28
CA SER F 78 38.13 15.71 -37.25
C SER F 78 38.18 14.36 -37.97
N GLU F 79 38.11 13.28 -37.20
CA GLU F 79 38.12 11.94 -37.75
C GLU F 79 36.92 11.72 -38.66
N GLY F 80 35.80 12.35 -38.32
CA GLY F 80 34.60 12.26 -39.13
C GLY F 80 34.67 13.10 -40.38
N THR F 81 35.18 14.33 -40.23
CA THR F 81 35.30 15.25 -41.35
C THR F 81 36.24 14.70 -42.43
N LYS F 82 37.36 14.14 -41.99
CA LYS F 82 38.34 13.57 -42.91
C LYS F 82 37.75 12.44 -43.75
N ALA F 83 36.89 11.64 -43.14
CA ALA F 83 36.27 10.50 -43.83
C ALA F 83 35.36 10.98 -44.96
N VAL F 84 34.48 11.92 -44.66
CA VAL F 84 33.55 12.46 -45.65
C VAL F 84 34.30 13.02 -46.85
N THR F 85 35.36 13.77 -46.57
CA THR F 85 36.17 14.40 -47.62
C THR F 85 36.88 13.35 -48.48
N LYS F 86 37.04 12.15 -47.95
CA LYS F 86 37.64 11.05 -48.69
C LYS F 86 36.63 10.51 -49.69
N TYR F 87 35.36 10.58 -49.31
CA TYR F 87 34.27 10.01 -50.09
C TYR F 87 33.75 11.01 -51.12
N THR F 88 34.41 12.16 -51.22
CA THR F 88 34.05 13.17 -52.20
C THR F 88 34.71 12.91 -53.54
N SER F 89 35.89 12.30 -53.50
CA SER F 89 36.63 11.97 -54.71
C SER F 89 36.50 10.50 -55.06
N SER F 90 37.49 9.70 -54.65
CA SER F 90 37.56 8.26 -54.85
C SER F 90 36.23 7.55 -55.08
N ARG G 1 47.34 -13.73 14.93
CA ARG G 1 47.10 -12.86 16.07
C ARG G 1 47.43 -11.39 15.76
N TYR G 2 46.70 -10.82 14.81
CA TYR G 2 46.90 -9.43 14.39
C TYR G 2 46.12 -8.41 15.21
N ARG G 3 45.77 -7.31 14.54
CA ARG G 3 45.14 -6.16 15.17
C ARG G 3 43.77 -5.89 14.56
N PRO G 4 42.82 -5.43 15.39
CA PRO G 4 41.45 -5.13 14.94
C PRO G 4 41.42 -4.06 13.86
N GLY G 5 41.41 -4.48 12.60
CA GLY G 5 41.34 -3.56 11.48
C GLY G 5 42.41 -3.78 10.44
N THR G 6 43.41 -4.59 10.80
CA THR G 6 44.53 -4.87 9.90
C THR G 6 44.11 -5.83 8.79
N VAL G 7 43.37 -6.87 9.16
CA VAL G 7 42.87 -7.84 8.19
C VAL G 7 41.82 -7.17 7.30
N ALA G 8 41.11 -6.21 7.87
CA ALA G 8 40.11 -5.44 7.14
C ALA G 8 40.71 -4.77 5.91
N LEU G 9 41.89 -4.17 6.08
CA LEU G 9 42.61 -3.55 4.98
C LEU G 9 43.08 -4.60 3.97
N ARG G 10 43.44 -5.77 4.47
CA ARG G 10 43.97 -6.84 3.63
C ARG G 10 42.94 -7.36 2.63
N GLU G 11 41.69 -7.47 3.06
CA GLU G 11 40.64 -7.98 2.20
C GLU G 11 40.14 -6.94 1.21
N ILE G 12 40.27 -5.66 1.55
CA ILE G 12 39.88 -4.59 0.64
C ILE G 12 40.67 -4.64 -0.67
N ARG G 13 41.99 -4.55 -0.57
CA ARG G 13 42.84 -4.47 -1.76
C ARG G 13 42.86 -5.78 -2.56
N ARG G 14 42.59 -6.90 -1.89
CA ARG G 14 42.61 -8.19 -2.57
C ARG G 14 41.33 -8.40 -3.38
N TYR G 15 40.25 -7.74 -3.00
CA TYR G 15 38.99 -7.87 -3.70
C TYR G 15 38.82 -6.78 -4.77
N GLN G 16 39.37 -5.60 -4.52
CA GLN G 16 39.37 -4.55 -5.52
C GLN G 16 40.20 -4.95 -6.72
N LYS G 17 41.25 -5.72 -6.48
CA LYS G 17 42.14 -6.20 -7.53
C LYS G 17 41.48 -7.31 -8.35
N SER G 18 40.59 -8.06 -7.72
CA SER G 18 39.94 -9.18 -8.38
C SER G 18 38.63 -8.77 -9.04
N THR G 19 38.14 -9.60 -9.95
CA THR G 19 36.90 -9.33 -10.68
C THR G 19 35.87 -10.43 -10.45
N GLU G 20 36.22 -11.37 -9.59
CA GLU G 20 35.34 -12.51 -9.30
C GLU G 20 34.07 -12.06 -8.59
N LEU G 21 32.98 -12.80 -8.81
CA LEU G 21 31.72 -12.55 -8.14
C LEU G 21 31.84 -12.80 -6.65
N LEU G 22 31.36 -11.86 -5.85
CA LEU G 22 31.55 -11.92 -4.40
C LEU G 22 30.45 -12.69 -3.68
N ILE G 23 29.36 -12.98 -4.39
CA ILE G 23 28.28 -13.78 -3.81
C ILE G 23 28.17 -15.13 -4.52
N ARG G 24 27.68 -16.12 -3.79
CA ARG G 24 27.57 -17.47 -4.33
C ARG G 24 26.55 -17.53 -5.46
N LYS G 25 26.80 -18.38 -6.44
CA LYS G 25 25.98 -18.46 -7.64
C LYS G 25 24.61 -19.08 -7.39
N LEU G 26 24.58 -20.20 -6.69
CA LEU G 26 23.34 -20.96 -6.50
C LEU G 26 22.32 -20.30 -5.57
N PRO G 27 22.75 -19.72 -4.42
CA PRO G 27 21.77 -19.00 -3.61
C PRO G 27 21.14 -17.83 -4.36
N PHE G 28 21.93 -17.12 -5.15
CA PHE G 28 21.43 -16.02 -5.96
C PHE G 28 20.52 -16.55 -7.07
N GLN G 29 20.84 -17.74 -7.56
CA GLN G 29 20.08 -18.40 -8.61
C GLN G 29 18.62 -18.59 -8.21
N ARG G 30 18.40 -19.18 -7.03
CA ARG G 30 17.06 -19.44 -6.55
C ARG G 30 16.39 -18.18 -6.02
N LEU G 31 17.19 -17.17 -5.68
CA LEU G 31 16.65 -15.89 -5.21
C LEU G 31 15.88 -15.18 -6.32
N VAL G 32 16.42 -15.25 -7.53
CA VAL G 32 15.78 -14.64 -8.69
C VAL G 32 14.49 -15.38 -9.05
N ARG G 33 14.49 -16.69 -8.82
CA ARG G 33 13.31 -17.53 -9.07
C ARG G 33 12.12 -17.09 -8.25
N GLU G 34 12.35 -16.88 -6.95
CA GLU G 34 11.28 -16.49 -6.03
C GLU G 34 10.67 -15.14 -6.39
N ILE G 35 11.54 -14.16 -6.66
CA ILE G 35 11.10 -12.81 -6.97
C ILE G 35 10.30 -12.77 -8.27
N ALA G 36 10.71 -13.56 -9.25
CA ALA G 36 10.03 -13.60 -10.53
C ALA G 36 8.70 -14.34 -10.43
N GLN G 37 8.57 -15.18 -9.42
CA GLN G 37 7.37 -15.97 -9.21
C GLN G 37 6.14 -15.09 -8.92
N ASP G 38 6.39 -13.96 -8.25
CA ASP G 38 5.31 -13.05 -7.89
C ASP G 38 4.69 -12.38 -9.10
N PHE G 39 5.51 -12.11 -10.11
CA PHE G 39 5.03 -11.45 -11.32
C PHE G 39 4.42 -12.45 -12.29
N LYS G 40 5.09 -13.59 -12.48
CA LYS G 40 4.57 -14.65 -13.33
C LYS G 40 5.07 -16.00 -12.84
N THR G 41 4.21 -17.01 -12.89
CA THR G 41 4.55 -18.34 -12.41
C THR G 41 5.15 -19.20 -13.51
N ASP G 42 5.98 -20.16 -13.11
CA ASP G 42 6.65 -21.08 -14.03
C ASP G 42 7.46 -20.33 -15.08
N LEU G 43 8.56 -19.71 -14.65
CA LEU G 43 9.44 -18.98 -15.55
C LEU G 43 10.80 -19.68 -15.69
N ARG G 44 11.39 -19.55 -16.87
CA ARG G 44 12.71 -20.14 -17.12
C ARG G 44 13.75 -19.06 -17.38
N PHE G 45 14.97 -19.28 -16.90
CA PHE G 45 16.03 -18.29 -17.02
C PHE G 45 17.24 -18.85 -17.76
N GLN G 46 17.73 -18.09 -18.74
CA GLN G 46 18.96 -18.46 -19.43
C GLN G 46 20.14 -18.40 -18.46
N SER G 47 21.17 -19.21 -18.73
CA SER G 47 22.34 -19.28 -17.87
C SER G 47 23.04 -17.92 -17.81
N SER G 48 22.98 -17.18 -18.91
CA SER G 48 23.57 -15.86 -18.99
C SER G 48 22.65 -14.79 -18.41
N ALA G 49 21.35 -15.05 -18.44
CA ALA G 49 20.36 -14.11 -17.95
C ALA G 49 20.50 -13.88 -16.45
N VAL G 50 20.77 -14.95 -15.71
CA VAL G 50 20.95 -14.85 -14.27
C VAL G 50 22.25 -14.13 -13.97
N MET G 51 23.27 -14.40 -14.77
CA MET G 51 24.57 -13.74 -14.63
C MET G 51 24.42 -12.23 -14.83
N ALA G 52 23.54 -11.84 -15.76
CA ALA G 52 23.26 -10.44 -16.01
C ALA G 52 22.68 -9.77 -14.77
N LEU G 53 21.78 -10.47 -14.08
CA LEU G 53 21.23 -9.98 -12.82
C LEU G 53 22.30 -9.85 -11.76
N GLN G 54 23.16 -10.87 -11.67
CA GLN G 54 24.17 -10.94 -10.62
C GLN G 54 25.25 -9.88 -10.81
N GLU G 55 25.64 -9.62 -12.06
CA GLU G 55 26.64 -8.60 -12.36
C GLU G 55 26.13 -7.22 -11.99
N ALA G 56 24.93 -6.89 -12.45
CA ALA G 56 24.33 -5.59 -12.19
C ALA G 56 24.05 -5.37 -10.70
N SER G 57 23.67 -6.43 -10.02
CA SER G 57 23.36 -6.37 -8.60
C SER G 57 24.60 -6.03 -7.77
N GLU G 58 25.66 -6.81 -7.97
CA GLU G 58 26.91 -6.58 -7.27
C GLU G 58 27.48 -5.21 -7.58
N ALA G 59 27.45 -4.83 -8.86
CA ALA G 59 27.96 -3.54 -9.30
C ALA G 59 27.24 -2.39 -8.60
N TYR G 60 25.91 -2.49 -8.53
CA TYR G 60 25.11 -1.49 -7.85
C TYR G 60 25.43 -1.42 -6.36
N LEU G 61 25.54 -2.59 -5.73
CA LEU G 61 25.82 -2.66 -4.30
C LEU G 61 27.18 -2.08 -3.95
N VAL G 62 28.20 -2.44 -4.73
CA VAL G 62 29.54 -1.91 -4.52
C VAL G 62 29.53 -0.39 -4.64
N GLY G 63 28.88 0.12 -5.68
CA GLY G 63 28.73 1.55 -5.87
C GLY G 63 27.99 2.21 -4.73
N LEU G 64 26.99 1.51 -4.20
CA LEU G 64 26.21 2.03 -3.07
C LEU G 64 27.04 2.08 -1.79
N PHE G 65 27.89 1.07 -1.60
CA PHE G 65 28.76 1.02 -0.42
C PHE G 65 29.80 2.14 -0.44
N GLU G 66 30.24 2.52 -1.63
CA GLU G 66 31.19 3.62 -1.79
C GLU G 66 30.57 4.94 -1.34
N ASP G 67 29.35 5.21 -1.82
CA ASP G 67 28.65 6.43 -1.42
C ASP G 67 28.29 6.38 0.06
N THR G 68 28.00 5.19 0.55
CA THR G 68 27.69 5.00 1.97
C THR G 68 28.90 5.33 2.83
N ASN G 69 30.06 4.77 2.46
CA ASN G 69 31.28 5.00 3.21
C ASN G 69 31.66 6.47 3.26
N LEU G 70 31.42 7.17 2.15
CA LEU G 70 31.68 8.60 2.07
C LEU G 70 30.81 9.39 3.05
N CYS G 71 29.58 8.94 3.22
CA CYS G 71 28.66 9.54 4.19
C CYS G 71 29.11 9.24 5.61
N ALA G 72 29.67 8.05 5.80
CA ALA G 72 30.15 7.63 7.11
C ALA G 72 31.33 8.48 7.55
N ILE G 73 32.32 8.60 6.68
CA ILE G 73 33.51 9.40 6.97
C ILE G 73 33.13 10.87 7.19
N HIS G 74 32.12 11.33 6.45
CA HIS G 74 31.64 12.70 6.59
C HIS G 74 31.06 12.95 7.98
N ALA G 75 30.55 11.89 8.60
CA ALA G 75 30.01 11.97 9.94
C ALA G 75 31.10 11.72 10.99
N LYS G 76 32.35 11.85 10.56
CA LYS G 76 33.52 11.68 11.43
C LYS G 76 33.57 10.30 12.08
N ARG G 77 33.07 9.29 11.38
CA ARG G 77 33.16 7.91 11.86
C ARG G 77 33.66 7.00 10.73
N VAL G 78 34.30 5.90 11.10
CA VAL G 78 34.85 4.98 10.11
C VAL G 78 33.99 3.73 9.94
N THR G 79 32.95 3.59 10.76
CA THR G 79 32.06 2.45 10.68
C THR G 79 30.77 2.82 9.96
N ILE G 80 30.40 2.03 8.96
CA ILE G 80 29.17 2.29 8.22
C ILE G 80 27.96 1.73 8.97
N MET G 81 26.91 2.54 9.07
CA MET G 81 25.68 2.15 9.73
C MET G 81 24.51 2.34 8.78
N PRO G 82 23.38 1.66 9.05
CA PRO G 82 22.17 1.82 8.22
C PRO G 82 21.76 3.28 8.07
N LYS G 83 22.13 4.11 9.05
CA LYS G 83 21.92 5.54 8.99
C LYS G 83 22.57 6.15 7.76
N ASP G 84 23.74 5.64 7.40
CA ASP G 84 24.49 6.13 6.25
C ASP G 84 23.90 5.64 4.93
N ILE G 85 23.53 4.37 4.88
CA ILE G 85 22.95 3.78 3.68
C ILE G 85 21.67 4.50 3.27
N GLN G 86 20.81 4.76 4.24
CA GLN G 86 19.52 5.41 3.98
C GLN G 86 19.70 6.80 3.41
N LEU G 87 20.64 7.56 3.97
CA LEU G 87 20.92 8.91 3.48
C LEU G 87 21.52 8.86 2.08
N ALA G 88 22.38 7.87 1.84
CA ALA G 88 23.04 7.71 0.55
C ALA G 88 22.04 7.53 -0.59
N ARG G 89 20.95 6.82 -0.31
CA ARG G 89 19.91 6.59 -1.31
C ARG G 89 19.06 7.84 -1.52
N ARG G 90 18.84 8.58 -0.43
CA ARG G 90 18.02 9.79 -0.49
C ARG G 90 18.67 10.87 -1.33
N ILE G 91 19.98 11.03 -1.18
CA ILE G 91 20.73 12.04 -1.93
C ILE G 91 20.84 11.61 -3.40
N ARG G 92 20.99 10.32 -3.62
CA ARG G 92 21.04 9.76 -4.97
C ARG G 92 19.76 10.10 -5.73
N GLY G 93 18.67 10.22 -4.99
CA GLY G 93 17.38 10.53 -5.58
C GLY G 93 16.51 9.30 -5.78
N ILE G 94 15.63 9.36 -6.77
CA ILE G 94 14.71 8.26 -7.04
C ILE G 94 15.41 7.19 -7.86
N GLU G 95 15.80 7.57 -9.08
CA GLU G 95 16.56 6.70 -9.97
C GLU G 95 17.72 5.95 -9.28
N GLY G 96 18.28 6.56 -8.24
CA GLY G 96 19.38 5.97 -7.51
C GLY G 96 18.92 5.14 -6.31
N GLY G 97 18.14 4.10 -6.58
CA GLY G 97 17.70 3.19 -5.54
C GLY G 97 16.30 3.48 -5.05
N LEU G 98 15.33 2.70 -5.53
CA LEU G 98 13.94 2.84 -5.12
C LEU G 98 13.13 1.60 -5.49
N ASP H 1 13.23 -16.39 3.77
CA ASP H 1 13.92 -17.67 3.90
C ASP H 1 14.96 -17.84 2.80
N ASN H 2 14.57 -17.55 1.57
CA ASN H 2 15.46 -17.66 0.43
C ASN H 2 16.25 -16.37 0.23
N ILE H 3 15.70 -15.27 0.73
CA ILE H 3 16.40 -13.99 0.70
C ILE H 3 17.64 -14.05 1.58
N GLN H 4 17.63 -14.98 2.54
CA GLN H 4 18.79 -15.23 3.38
C GLN H 4 19.78 -16.15 2.69
N GLY H 5 19.51 -16.45 1.42
CA GLY H 5 20.41 -17.26 0.62
C GLY H 5 21.78 -16.63 0.52
N ILE H 6 21.80 -15.32 0.29
CA ILE H 6 23.04 -14.57 0.37
C ILE H 6 23.43 -14.47 1.83
N THR H 7 24.73 -14.46 2.12
CA THR H 7 25.20 -14.60 3.49
C THR H 7 25.85 -13.33 4.03
N LYS H 8 26.21 -13.38 5.31
CA LYS H 8 26.88 -12.26 5.97
C LYS H 8 28.29 -11.99 5.42
N PRO H 9 29.13 -13.03 5.25
CA PRO H 9 30.43 -12.71 4.67
C PRO H 9 30.34 -12.28 3.20
N ALA H 10 29.28 -12.70 2.53
CA ALA H 10 29.02 -12.29 1.15
C ALA H 10 28.82 -10.78 1.08
N ILE H 11 27.94 -10.28 1.94
CA ILE H 11 27.71 -8.84 2.04
C ILE H 11 28.96 -8.15 2.57
N ARG H 12 29.64 -8.81 3.49
CA ARG H 12 30.82 -8.24 4.14
C ARG H 12 31.92 -7.96 3.14
N ARG H 13 32.10 -8.85 2.16
CA ARG H 13 33.16 -8.69 1.17
C ARG H 13 32.72 -7.76 0.04
N LEU H 14 31.41 -7.64 -0.17
CA LEU H 14 30.87 -6.69 -1.14
C LEU H 14 31.19 -5.27 -0.70
N ALA H 15 31.23 -5.07 0.61
CA ALA H 15 31.54 -3.76 1.18
C ALA H 15 33.05 -3.52 1.19
N ARG H 16 33.81 -4.61 1.20
CA ARG H 16 35.27 -4.50 1.13
C ARG H 16 35.69 -3.96 -0.22
N ARG H 17 35.05 -4.46 -1.28
CA ARG H 17 35.29 -3.96 -2.63
C ARG H 17 34.84 -2.50 -2.73
N GLY H 18 33.85 -2.13 -1.92
CA GLY H 18 33.39 -0.76 -1.86
C GLY H 18 34.36 0.12 -1.09
N GLY H 19 35.29 -0.52 -0.39
CA GLY H 19 36.32 0.20 0.33
C GLY H 19 35.88 0.70 1.70
N VAL H 20 35.29 -0.18 2.50
CA VAL H 20 34.92 0.18 3.86
C VAL H 20 35.77 -0.60 4.87
N LYS H 21 35.91 -0.04 6.06
CA LYS H 21 36.76 -0.63 7.09
C LYS H 21 35.95 -1.44 8.10
N ARG H 22 35.05 -0.77 8.80
CA ARG H 22 34.24 -1.41 9.83
C ARG H 22 32.77 -1.44 9.43
N ILE H 23 32.12 -2.58 9.63
CA ILE H 23 30.74 -2.77 9.22
C ILE H 23 29.85 -3.11 10.41
N SER H 24 28.75 -2.36 10.57
CA SER H 24 27.83 -2.60 11.67
C SER H 24 27.06 -3.90 11.48
N GLY H 25 26.28 -4.27 12.51
CA GLY H 25 25.52 -5.51 12.48
C GLY H 25 24.22 -5.37 11.72
N LEU H 26 23.59 -4.21 11.85
CA LEU H 26 22.30 -3.95 11.22
C LEU H 26 22.46 -3.72 9.71
N ILE H 27 23.69 -3.56 9.27
CA ILE H 27 24.01 -3.35 7.85
C ILE H 27 23.56 -4.53 6.98
N TYR H 28 23.85 -5.74 7.45
CA TYR H 28 23.61 -6.95 6.68
C TYR H 28 22.13 -7.12 6.34
N GLU H 29 21.27 -6.74 7.27
CA GLU H 29 19.83 -6.82 7.04
C GLU H 29 19.36 -5.69 6.12
N GLU H 30 19.94 -4.52 6.30
CA GLU H 30 19.62 -3.35 5.47
C GLU H 30 20.04 -3.60 4.02
N THR H 31 21.14 -4.32 3.84
CA THR H 31 21.65 -4.63 2.51
C THR H 31 20.74 -5.62 1.79
N ARG H 32 20.19 -6.59 2.54
CA ARG H 32 19.25 -7.55 1.99
C ARG H 32 18.01 -6.85 1.47
N GLY H 33 17.64 -5.76 2.13
CA GLY H 33 16.48 -4.98 1.73
C GLY H 33 16.65 -4.35 0.36
N VAL H 34 17.72 -3.56 0.20
CA VAL H 34 17.96 -2.84 -1.04
C VAL H 34 18.26 -3.79 -2.21
N LEU H 35 18.70 -5.01 -1.89
CA LEU H 35 18.97 -6.00 -2.93
C LEU H 35 17.67 -6.57 -3.47
N LYS H 36 16.75 -6.89 -2.57
CA LYS H 36 15.45 -7.44 -2.96
C LYS H 36 14.64 -6.37 -3.67
N VAL H 37 14.86 -5.11 -3.28
CA VAL H 37 14.18 -3.98 -3.92
C VAL H 37 14.72 -3.77 -5.33
N PHE H 38 16.04 -3.81 -5.48
CA PHE H 38 16.67 -3.63 -6.78
C PHE H 38 16.27 -4.73 -7.75
N LEU H 39 16.33 -5.97 -7.29
CA LEU H 39 15.99 -7.12 -8.12
C LEU H 39 14.54 -7.09 -8.58
N GLU H 40 13.64 -6.68 -7.71
CA GLU H 40 12.22 -6.61 -8.05
C GLU H 40 11.98 -5.66 -9.22
N ASN H 41 12.57 -4.49 -9.16
CA ASN H 41 12.39 -3.48 -10.21
C ASN H 41 12.94 -3.95 -11.56
N VAL H 42 14.08 -4.62 -11.52
CA VAL H 42 14.70 -5.12 -12.75
C VAL H 42 13.89 -6.27 -13.33
N ILE H 43 13.57 -7.25 -12.49
CA ILE H 43 12.83 -8.43 -12.93
C ILE H 43 11.42 -8.07 -13.42
N ARG H 44 10.77 -7.13 -12.74
CA ARG H 44 9.44 -6.68 -13.15
C ARG H 44 9.47 -6.18 -14.59
N ASP H 45 10.45 -5.35 -14.90
CA ASP H 45 10.62 -4.83 -16.26
C ASP H 45 11.08 -5.95 -17.20
N ALA H 46 11.91 -6.84 -16.69
CA ALA H 46 12.45 -7.94 -17.48
C ALA H 46 11.35 -8.92 -17.91
N VAL H 47 10.53 -9.33 -16.96
CA VAL H 47 9.41 -10.23 -17.24
C VAL H 47 8.41 -9.57 -18.18
N THR H 48 8.23 -8.27 -18.02
CA THR H 48 7.32 -7.49 -18.86
C THR H 48 7.73 -7.59 -20.34
N TYR H 49 9.04 -7.54 -20.58
CA TYR H 49 9.57 -7.72 -21.93
C TYR H 49 9.33 -9.15 -22.42
N THR H 50 9.52 -10.11 -21.52
CA THR H 50 9.36 -11.53 -21.85
C THR H 50 7.92 -11.86 -22.24
N GLU H 51 6.97 -11.30 -21.50
CA GLU H 51 5.56 -11.56 -21.77
C GLU H 51 5.12 -10.94 -23.09
N HIS H 52 5.69 -9.80 -23.45
CA HIS H 52 5.36 -9.14 -24.70
C HIS H 52 5.87 -9.94 -25.89
N ALA H 53 6.90 -10.75 -25.66
CA ALA H 53 7.47 -11.58 -26.71
C ALA H 53 6.76 -12.94 -26.76
N LYS H 54 5.71 -13.07 -25.95
CA LYS H 54 4.92 -14.30 -25.87
C LYS H 54 5.80 -15.50 -25.52
N ARG H 55 6.63 -15.34 -24.50
CA ARG H 55 7.55 -16.39 -24.09
C ARG H 55 7.49 -16.64 -22.58
N LYS H 56 7.73 -17.88 -22.18
CA LYS H 56 7.74 -18.25 -20.77
C LYS H 56 9.16 -18.33 -20.23
N THR H 57 10.13 -17.98 -21.08
CA THR H 57 11.55 -18.02 -20.70
C THR H 57 12.22 -16.67 -20.87
N VAL H 58 12.69 -16.11 -19.76
CA VAL H 58 13.41 -14.84 -19.79
C VAL H 58 14.83 -15.05 -20.32
N THR H 59 15.27 -14.16 -21.20
CA THR H 59 16.59 -14.27 -21.80
C THR H 59 17.50 -13.13 -21.36
N ALA H 60 18.78 -13.24 -21.68
CA ALA H 60 19.78 -12.24 -21.30
C ALA H 60 19.46 -10.87 -21.85
N MET H 61 19.03 -10.82 -23.11
CA MET H 61 18.70 -9.55 -23.77
C MET H 61 17.54 -8.84 -23.08
N ASP H 62 16.60 -9.62 -22.55
CA ASP H 62 15.47 -9.05 -21.81
C ASP H 62 15.94 -8.32 -20.56
N VAL H 63 16.93 -8.88 -19.89
CA VAL H 63 17.50 -8.25 -18.71
C VAL H 63 18.28 -7.00 -19.10
N VAL H 64 18.93 -7.06 -20.26
CA VAL H 64 19.70 -5.93 -20.76
C VAL H 64 18.79 -4.76 -21.11
N TYR H 65 17.70 -5.06 -21.81
CA TYR H 65 16.71 -4.05 -22.17
C TYR H 65 16.10 -3.40 -20.93
N ALA H 66 15.93 -4.20 -19.88
CA ALA H 66 15.36 -3.71 -18.62
C ALA H 66 16.36 -2.82 -17.88
N LEU H 67 17.57 -3.31 -17.74
CA LEU H 67 18.63 -2.58 -17.06
C LEU H 67 18.96 -1.25 -17.75
N LYS H 68 19.01 -1.28 -19.08
CA LYS H 68 19.35 -0.08 -19.86
C LYS H 68 18.21 0.94 -19.84
N ARG H 69 17.02 0.48 -19.47
CA ARG H 69 15.84 1.34 -19.46
C ARG H 69 15.69 2.10 -18.13
N GLN H 70 16.74 2.04 -17.30
CA GLN H 70 16.70 2.74 -16.03
C GLN H 70 18.09 3.20 -15.58
N GLY H 71 18.91 3.63 -16.55
CA GLY H 71 20.21 4.21 -16.25
C GLY H 71 21.25 3.21 -15.79
N ARG H 72 20.89 1.93 -15.79
CA ARG H 72 21.79 0.87 -15.35
C ARG H 72 22.28 0.06 -16.54
N THR H 73 22.76 0.75 -17.57
CA THR H 73 23.24 0.11 -18.79
C THR H 73 24.32 -0.92 -18.50
N LEU H 74 24.24 -2.07 -19.17
CA LEU H 74 25.18 -3.16 -18.92
C LEU H 74 25.83 -3.67 -20.21
N TYR H 75 27.16 -3.72 -20.20
CA TYR H 75 27.93 -4.27 -21.31
C TYR H 75 28.33 -5.70 -21.02
N GLY H 76 28.39 -6.53 -22.06
CA GLY H 76 28.89 -7.89 -21.91
C GLY H 76 27.91 -8.99 -22.24
N PHE H 77 26.62 -8.66 -22.29
CA PHE H 77 25.61 -9.66 -22.58
C PHE H 77 24.72 -9.24 -23.75
N GLY H 78 25.36 -8.77 -24.82
CA GLY H 78 24.62 -8.34 -26.00
C GLY H 78 24.43 -6.84 -26.05
N GLY H 79 23.98 -6.35 -27.20
CA GLY H 79 23.77 -4.92 -27.40
C GLY H 79 23.20 -4.61 -28.76
N SER I 1 -16.80 11.69 -36.21
CA SER I 1 -15.46 11.81 -35.65
C SER I 1 -14.95 10.47 -35.16
N ARG I 2 -13.70 10.44 -34.71
CA ARG I 2 -13.10 9.22 -34.20
C ARG I 2 -12.90 9.29 -32.69
N SER I 3 -12.41 10.43 -32.23
CA SER I 3 -12.20 10.66 -30.81
C SER I 3 -13.53 10.67 -30.05
N ASN I 4 -14.58 11.10 -30.73
CA ASN I 4 -15.92 11.08 -30.15
C ASN I 4 -16.51 9.68 -30.15
N ARG I 5 -16.13 8.88 -31.14
CA ARG I 5 -16.52 7.48 -31.20
C ARG I 5 -15.74 6.67 -30.18
N ALA I 6 -14.60 7.22 -29.76
CA ALA I 6 -13.76 6.57 -28.77
C ALA I 6 -14.17 6.98 -27.36
N GLY I 7 -15.05 7.98 -27.28
CA GLY I 7 -15.48 8.53 -26.01
C GLY I 7 -14.35 9.22 -25.26
N LEU I 8 -13.48 9.90 -26.02
CA LEU I 8 -12.33 10.57 -25.44
C LEU I 8 -12.28 12.04 -25.87
N GLN I 9 -11.59 12.86 -25.11
CA GLN I 9 -11.43 14.28 -25.43
C GLN I 9 -10.22 14.52 -26.31
N PHE I 10 -9.13 13.82 -26.03
CA PHE I 10 -7.90 13.98 -26.78
C PHE I 10 -8.07 13.44 -28.21
N PRO I 11 -7.56 14.20 -29.20
CA PRO I 11 -7.74 13.87 -30.61
C PRO I 11 -7.01 12.60 -31.04
N VAL I 12 -7.77 11.53 -31.24
CA VAL I 12 -7.21 10.27 -31.71
C VAL I 12 -6.66 10.44 -33.12
N GLY I 13 -7.31 11.29 -33.90
CA GLY I 13 -6.89 11.56 -35.26
C GLY I 13 -5.53 12.24 -35.32
N ARG I 14 -5.35 13.27 -34.50
CA ARG I 14 -4.09 14.00 -34.46
C ARG I 14 -2.96 13.14 -33.90
N ILE I 15 -3.25 12.39 -32.84
CA ILE I 15 -2.28 11.52 -32.22
C ILE I 15 -1.81 10.45 -33.20
N HIS I 16 -2.74 9.96 -34.02
CA HIS I 16 -2.43 8.96 -35.03
C HIS I 16 -1.43 9.49 -36.05
N ARG I 17 -1.56 10.78 -36.39
CA ARG I 17 -0.66 11.41 -37.34
C ARG I 17 0.73 11.62 -36.75
N LEU I 18 0.78 11.94 -35.46
CA LEU I 18 2.05 12.20 -34.79
C LEU I 18 2.87 10.92 -34.64
N LEU I 19 2.19 9.79 -34.44
CA LEU I 19 2.87 8.50 -34.34
C LEU I 19 3.38 8.05 -35.71
N ARG I 20 2.80 8.61 -36.77
CA ARG I 20 3.20 8.29 -38.13
C ARG I 20 4.38 9.15 -38.57
N LYS I 21 4.19 10.47 -38.56
CA LYS I 21 5.22 11.41 -39.00
C LYS I 21 6.37 11.52 -37.99
N GLY I 22 6.12 11.11 -36.76
CA GLY I 22 7.12 11.19 -35.71
C GLY I 22 8.25 10.18 -35.85
N ASN I 23 8.14 9.33 -36.85
CA ASN I 23 9.15 8.30 -37.14
C ASN I 23 9.41 7.38 -35.96
N TYR I 24 8.37 6.66 -35.55
CA TYR I 24 8.51 5.65 -34.51
C TYR I 24 8.41 4.26 -35.11
N ALA I 25 7.72 4.17 -36.24
CA ALA I 25 7.56 2.92 -36.97
C ALA I 25 7.05 3.15 -38.38
N GLU I 26 7.15 2.14 -39.22
CA GLU I 26 6.65 2.20 -40.59
C GLU I 26 5.13 2.05 -40.59
N ARG I 27 4.64 1.09 -39.83
CA ARG I 27 3.21 0.80 -39.76
C ARG I 27 2.64 1.05 -38.37
N VAL I 28 1.79 2.05 -38.26
CA VAL I 28 1.13 2.36 -36.99
C VAL I 28 -0.26 1.71 -36.95
N GLY I 29 -0.55 1.01 -35.87
CA GLY I 29 -1.81 0.32 -35.72
C GLY I 29 -3.02 1.23 -35.74
N ALA I 30 -4.21 0.63 -35.77
CA ALA I 30 -5.45 1.40 -35.79
C ALA I 30 -5.93 1.69 -34.37
N GLY I 31 -5.73 0.73 -33.47
CA GLY I 31 -6.12 0.87 -32.09
C GLY I 31 -5.08 1.58 -31.25
N ALA I 32 -3.84 1.53 -31.72
CA ALA I 32 -2.71 2.16 -31.02
C ALA I 32 -2.92 3.65 -30.71
N PRO I 33 -3.36 4.46 -31.69
CA PRO I 33 -3.52 5.87 -31.32
C PRO I 33 -4.69 6.09 -30.36
N VAL I 34 -5.67 5.19 -30.38
CA VAL I 34 -6.81 5.29 -29.49
C VAL I 34 -6.39 4.95 -28.07
N TYR I 35 -5.60 3.90 -27.93
CA TYR I 35 -5.10 3.46 -26.62
C TYR I 35 -4.27 4.54 -25.96
N LEU I 36 -3.36 5.15 -26.72
CA LEU I 36 -2.49 6.19 -26.21
C LEU I 36 -3.28 7.45 -25.82
N ALA I 37 -4.33 7.74 -26.58
CA ALA I 37 -5.16 8.90 -26.32
C ALA I 37 -5.91 8.76 -25.01
N ALA I 38 -6.23 7.52 -24.64
CA ALA I 38 -6.97 7.25 -23.41
C ALA I 38 -6.06 7.34 -22.20
N VAL I 39 -4.77 7.04 -22.41
CA VAL I 39 -3.79 7.09 -21.33
C VAL I 39 -3.41 8.54 -21.04
N MET I 40 -3.21 9.31 -22.09
CA MET I 40 -2.85 10.72 -21.95
C MET I 40 -3.99 11.50 -21.31
N GLU I 41 -5.21 11.24 -21.75
CA GLU I 41 -6.40 11.89 -21.21
C GLU I 41 -6.59 11.55 -19.74
N TYR I 42 -6.35 10.28 -19.39
CA TYR I 42 -6.48 9.82 -18.01
C TYR I 42 -5.49 10.55 -17.09
N LEU I 43 -4.22 10.52 -17.45
CA LEU I 43 -3.18 11.18 -16.67
C LEU I 43 -3.45 12.68 -16.55
N ALA I 44 -3.94 13.26 -17.64
CA ALA I 44 -4.30 14.68 -17.64
C ALA I 44 -5.43 14.92 -16.65
N ALA I 45 -6.42 14.02 -16.65
CA ALA I 45 -7.54 14.11 -15.73
C ALA I 45 -7.07 13.91 -14.30
N GLU I 46 -6.17 12.95 -14.11
CA GLU I 46 -5.64 12.62 -12.79
C GLU I 46 -4.90 13.81 -12.16
N VAL I 47 -4.14 14.52 -12.99
CA VAL I 47 -3.39 15.69 -12.52
C VAL I 47 -4.29 16.89 -12.28
N LEU I 48 -5.16 17.19 -13.24
CA LEU I 48 -6.06 18.34 -13.17
C LEU I 48 -6.98 18.29 -11.96
N GLU I 49 -7.49 17.09 -11.66
CA GLU I 49 -8.40 16.90 -10.54
C GLU I 49 -7.72 17.21 -9.22
N LEU I 50 -6.50 16.72 -9.05
CA LEU I 50 -5.72 16.98 -7.85
C LEU I 50 -5.29 18.44 -7.79
N ALA I 51 -5.12 19.06 -8.96
CA ALA I 51 -4.75 20.46 -9.04
C ALA I 51 -5.91 21.34 -8.60
N GLY I 52 -7.10 21.03 -9.10
CA GLY I 52 -8.31 21.77 -8.75
C GLY I 52 -8.60 21.68 -7.26
N ASN I 53 -8.42 20.50 -6.70
CA ASN I 53 -8.62 20.29 -5.27
C ASN I 53 -7.59 21.08 -4.46
N ALA I 54 -6.41 21.27 -5.03
CA ALA I 54 -5.36 22.07 -4.40
C ALA I 54 -5.60 23.55 -4.66
N ALA I 55 -6.48 23.84 -5.62
CA ALA I 55 -6.84 25.22 -5.95
C ALA I 55 -7.96 25.71 -5.05
N ARG I 56 -8.84 24.79 -4.66
CA ARG I 56 -9.97 25.12 -3.81
C ARG I 56 -9.50 25.47 -2.41
N ASP I 57 -8.36 24.92 -2.01
CA ASP I 57 -7.80 25.19 -0.68
C ASP I 57 -7.06 26.52 -0.66
N ASN I 58 -6.69 27.01 -1.84
CA ASN I 58 -6.04 28.32 -1.96
C ASN I 58 -7.04 29.43 -2.24
N LYS I 59 -8.32 29.08 -2.17
CA LYS I 59 -9.41 30.03 -2.40
C LYS I 59 -9.34 30.64 -3.80
N LYS I 60 -8.81 29.88 -4.75
CA LYS I 60 -8.67 30.34 -6.13
C LYS I 60 -9.45 29.47 -7.11
N THR I 61 -10.03 30.11 -8.12
CA THR I 61 -10.83 29.41 -9.11
C THR I 61 -10.02 29.19 -10.39
N ARG I 62 -8.81 29.74 -10.43
CA ARG I 62 -7.91 29.54 -11.57
C ARG I 62 -6.68 28.74 -11.16
N ILE I 63 -6.40 27.67 -11.89
CA ILE I 63 -5.27 26.81 -11.57
C ILE I 63 -3.95 27.46 -11.98
N ILE I 64 -3.09 27.69 -11.01
CA ILE I 64 -1.77 28.26 -11.25
C ILE I 64 -0.71 27.18 -11.09
N PRO I 65 0.49 27.40 -11.67
CA PRO I 65 1.61 26.45 -11.56
C PRO I 65 1.85 25.94 -10.14
N ARG I 66 1.60 26.78 -9.14
CA ARG I 66 1.77 26.38 -7.74
C ARG I 66 0.83 25.23 -7.38
N HIS I 67 -0.39 25.28 -7.91
CA HIS I 67 -1.39 24.24 -7.66
C HIS I 67 -0.92 22.91 -8.25
N LEU I 68 -0.40 22.95 -9.47
CA LEU I 68 0.11 21.76 -10.13
C LEU I 68 1.28 21.14 -9.36
N GLN I 69 2.17 21.99 -8.85
CA GLN I 69 3.31 21.54 -8.08
C GLN I 69 2.89 20.81 -6.80
N LEU I 70 1.93 21.40 -6.10
CA LEU I 70 1.41 20.80 -4.87
C LEU I 70 0.73 19.46 -5.14
N ALA I 71 0.10 19.34 -6.29
CA ALA I 71 -0.61 18.12 -6.67
C ALA I 71 0.35 16.97 -6.94
N ILE I 72 1.35 17.22 -7.77
CA ILE I 72 2.29 16.18 -8.19
C ILE I 72 3.16 15.67 -7.05
N ARG I 73 3.68 16.58 -6.23
CA ARG I 73 4.65 16.22 -5.20
C ARG I 73 4.02 15.60 -3.95
N ASN I 74 2.71 15.40 -3.97
CA ASN I 74 2.04 14.78 -2.83
C ASN I 74 1.44 13.42 -3.18
N ASP I 75 1.66 12.98 -4.41
CA ASP I 75 1.22 11.66 -4.83
C ASP I 75 2.43 10.81 -5.23
N GLU I 76 2.57 9.64 -4.64
CA GLU I 76 3.71 8.77 -4.88
C GLU I 76 3.92 8.46 -6.34
N GLU I 77 2.85 7.98 -6.99
CA GLU I 77 2.93 7.52 -8.36
C GLU I 77 3.20 8.68 -9.31
N LEU I 78 2.58 9.83 -9.06
CA LEU I 78 2.78 11.01 -9.89
C LEU I 78 4.18 11.61 -9.70
N ASN I 79 4.59 11.75 -8.45
CA ASN I 79 5.90 12.31 -8.14
C ASN I 79 7.03 11.45 -8.68
N LYS I 80 6.82 10.13 -8.67
CA LYS I 80 7.81 9.19 -9.18
C LYS I 80 7.91 9.31 -10.69
N LEU I 81 6.77 9.55 -11.33
CA LEU I 81 6.72 9.70 -12.79
C LEU I 81 7.41 10.98 -13.23
N LEU I 82 7.08 12.08 -12.57
CA LEU I 82 7.62 13.39 -12.91
C LEU I 82 8.80 13.75 -12.01
N SER I 83 9.57 12.75 -11.62
CA SER I 83 10.70 12.94 -10.72
C SER I 83 11.79 13.80 -11.37
N GLY I 84 12.15 13.47 -12.60
CA GLY I 84 13.22 14.15 -13.30
C GLY I 84 12.83 15.53 -13.80
N VAL I 85 11.54 15.78 -13.88
CA VAL I 85 11.05 17.06 -14.40
C VAL I 85 10.77 18.06 -13.29
N THR I 86 11.07 19.34 -13.56
CA THR I 86 10.85 20.41 -12.60
C THR I 86 9.83 21.41 -13.13
N ILE I 87 8.77 21.65 -12.35
CA ILE I 87 7.73 22.60 -12.72
C ILE I 87 8.20 24.04 -12.53
N ALA I 88 8.11 24.83 -13.59
CA ALA I 88 8.51 26.24 -13.55
C ALA I 88 7.66 27.03 -12.55
N GLN I 89 8.31 27.89 -11.78
CA GLN I 89 7.70 28.71 -10.72
C GLN I 89 6.59 27.99 -9.95
N GLY I 90 6.86 26.73 -9.61
CA GLY I 90 5.92 25.93 -8.85
C GLY I 90 6.26 25.94 -7.38
N GLY I 91 7.51 26.30 -7.07
CA GLY I 91 7.98 26.33 -5.70
C GLY I 91 8.24 24.94 -5.19
N VAL I 92 8.46 24.81 -3.89
CA VAL I 92 8.73 23.52 -3.29
C VAL I 92 7.76 23.28 -2.13
N LEU I 93 7.49 22.01 -1.83
CA LEU I 93 6.62 21.64 -0.73
C LEU I 93 7.22 22.14 0.59
N PRO I 94 6.40 22.83 1.40
CA PRO I 94 6.86 23.33 2.70
C PRO I 94 7.32 22.21 3.61
N ASN I 95 8.64 22.06 3.73
CA ASN I 95 9.21 21.03 4.59
C ASN I 95 10.34 21.56 5.45
N ILE I 96 10.19 21.43 6.77
CA ILE I 96 11.23 21.86 7.70
C ILE I 96 11.70 20.65 8.50
N GLN I 97 13.02 20.47 8.58
CA GLN I 97 13.59 19.34 9.28
C GLN I 97 13.27 19.37 10.77
N ALA I 98 13.28 18.19 11.39
CA ALA I 98 12.90 18.05 12.79
C ALA I 98 13.86 18.76 13.74
N VAL I 99 15.16 18.58 13.52
CA VAL I 99 16.17 19.09 14.44
C VAL I 99 16.44 20.58 14.24
N LEU I 100 15.67 21.21 13.34
CA LEU I 100 15.82 22.63 13.09
C LEU I 100 14.75 23.42 13.83
N LEU I 101 13.84 22.71 14.49
CA LEU I 101 12.75 23.33 15.23
C LEU I 101 13.10 23.46 16.72
N PRO I 102 12.65 24.55 17.35
CA PRO I 102 12.90 24.81 18.77
C PRO I 102 12.35 23.70 19.67
N GLU J 1 -1.34 25.04 -32.35
CA GLU J 1 -0.99 23.67 -32.70
C GLU J 1 -0.67 22.85 -31.46
N SER J 2 -1.50 22.99 -30.43
CA SER J 2 -1.26 22.32 -29.16
C SER J 2 -2.49 21.57 -28.66
N TYR J 3 -2.41 21.10 -27.41
CA TYR J 3 -3.50 20.35 -26.78
C TYR J 3 -4.31 21.25 -25.85
N ALA J 4 -4.15 22.56 -26.00
CA ALA J 4 -4.75 23.53 -25.10
C ALA J 4 -6.27 23.36 -24.94
N ILE J 5 -6.96 23.15 -26.06
CA ILE J 5 -8.42 23.07 -26.03
C ILE J 5 -8.92 21.75 -25.45
N TYR J 6 -8.09 20.70 -25.52
CA TYR J 6 -8.51 19.38 -25.06
C TYR J 6 -8.34 19.24 -23.56
N ILE J 7 -7.24 19.77 -23.04
CA ILE J 7 -6.98 19.75 -21.61
C ILE J 7 -8.05 20.54 -20.88
N TYR J 8 -8.55 21.57 -21.54
CA TYR J 8 -9.61 22.40 -20.98
C TYR J 8 -10.93 21.62 -20.92
N LYS J 9 -11.18 20.80 -21.92
CA LYS J 9 -12.36 19.94 -21.94
C LYS J 9 -12.29 18.92 -20.81
N VAL J 10 -11.12 18.31 -20.63
CA VAL J 10 -10.88 17.37 -19.55
C VAL J 10 -10.99 18.07 -18.20
N LEU J 11 -10.55 19.33 -18.17
CA LEU J 11 -10.61 20.13 -16.95
C LEU J 11 -12.05 20.33 -16.49
N LYS J 12 -12.94 20.65 -17.44
CA LYS J 12 -14.34 20.88 -17.13
C LYS J 12 -15.03 19.60 -16.68
N GLN J 13 -14.47 18.46 -17.07
CA GLN J 13 -14.98 17.17 -16.62
C GLN J 13 -14.67 16.93 -15.15
N VAL J 14 -13.41 17.12 -14.77
CA VAL J 14 -13.01 16.90 -13.39
C VAL J 14 -13.43 18.08 -12.50
N HIS J 15 -13.56 19.25 -13.11
CA HIS J 15 -13.89 20.47 -12.38
C HIS J 15 -14.47 21.53 -13.30
N PRO J 16 -15.80 21.53 -13.45
CA PRO J 16 -16.47 22.50 -14.34
C PRO J 16 -16.46 23.91 -13.76
N ASP J 17 -16.21 24.02 -12.46
CA ASP J 17 -16.24 25.32 -11.79
C ASP J 17 -14.94 26.11 -11.92
N THR J 18 -13.81 25.42 -11.76
CA THR J 18 -12.51 26.09 -11.79
C THR J 18 -11.95 26.22 -13.20
N GLY J 19 -11.01 27.15 -13.36
CA GLY J 19 -10.33 27.37 -14.63
C GLY J 19 -8.84 27.18 -14.48
N ILE J 20 -8.08 27.55 -15.51
CA ILE J 20 -6.63 27.36 -15.47
C ILE J 20 -5.90 28.53 -16.14
N SER J 21 -4.82 28.97 -15.50
CA SER J 21 -4.01 30.07 -16.03
C SER J 21 -3.22 29.63 -17.25
N SER J 22 -2.76 30.61 -18.04
CA SER J 22 -2.03 30.32 -19.27
C SER J 22 -0.68 29.67 -18.97
N LYS J 23 -0.08 30.05 -17.85
CA LYS J 23 1.20 29.47 -17.44
C LYS J 23 1.03 27.99 -17.10
N ALA J 24 -0.02 27.68 -16.34
CA ALA J 24 -0.31 26.31 -15.96
C ALA J 24 -0.79 25.49 -17.15
N MET J 25 -1.44 26.17 -18.10
CA MET J 25 -1.87 25.52 -19.33
C MET J 25 -0.68 25.05 -20.14
N SER J 26 0.35 25.89 -20.19
CA SER J 26 1.59 25.56 -20.88
C SER J 26 2.29 24.38 -20.20
N ILE J 27 2.24 24.35 -18.88
CA ILE J 27 2.82 23.25 -18.11
C ILE J 27 2.12 21.93 -18.44
N MET J 28 0.80 21.96 -18.44
CA MET J 28 0.01 20.77 -18.75
C MET J 28 0.21 20.36 -20.21
N ASN J 29 0.42 21.33 -21.07
CA ASN J 29 0.65 21.07 -22.48
C ASN J 29 2.01 20.42 -22.71
N SER J 30 3.00 20.89 -21.95
CA SER J 30 4.34 20.30 -22.00
C SER J 30 4.31 18.91 -21.38
N PHE J 31 3.40 18.72 -20.43
CA PHE J 31 3.25 17.44 -19.74
C PHE J 31 2.78 16.34 -20.69
N VAL J 32 1.65 16.56 -21.37
CA VAL J 32 1.08 15.55 -22.26
C VAL J 32 1.99 15.23 -23.43
N ASN J 33 2.86 16.17 -23.81
CA ASN J 33 3.84 15.92 -24.84
C ASN J 33 4.96 15.03 -24.31
N ASP J 34 5.42 15.32 -23.09
CA ASP J 34 6.46 14.54 -22.46
C ASP J 34 5.97 13.13 -22.14
N ILE J 35 4.65 12.99 -22.03
CA ILE J 35 4.03 11.69 -21.84
C ILE J 35 3.92 10.97 -23.17
N PHE J 36 3.62 11.72 -24.23
CA PHE J 36 3.48 11.16 -25.57
C PHE J 36 4.77 10.52 -26.09
N GLU J 37 5.82 11.33 -26.21
CA GLU J 37 7.09 10.86 -26.75
C GLU J 37 7.72 9.76 -25.89
N ARG J 38 7.55 9.86 -24.57
CA ARG J 38 8.12 8.89 -23.65
C ARG J 38 7.55 7.50 -23.91
N ILE J 39 6.24 7.43 -24.11
CA ILE J 39 5.57 6.15 -24.38
C ILE J 39 5.81 5.71 -25.82
N ALA J 40 5.75 6.66 -26.75
CA ALA J 40 5.95 6.38 -28.16
C ALA J 40 7.34 5.80 -28.44
N ALA J 41 8.36 6.41 -27.85
CA ALA J 41 9.73 5.95 -28.03
C ALA J 41 9.92 4.56 -27.44
N GLU J 42 9.38 4.35 -26.24
CA GLU J 42 9.50 3.06 -25.57
C GLU J 42 8.78 1.96 -26.36
N ALA J 43 7.63 2.31 -26.92
CA ALA J 43 6.85 1.37 -27.73
C ALA J 43 7.58 1.05 -29.02
N SER J 44 8.17 2.07 -29.64
CA SER J 44 8.95 1.89 -30.86
C SER J 44 10.16 1.01 -30.60
N ARG J 45 10.86 1.31 -29.52
CA ARG J 45 12.02 0.53 -29.10
C ARG J 45 11.63 -0.89 -28.74
N LEU J 46 10.39 -1.06 -28.29
CA LEU J 46 9.86 -2.37 -27.91
C LEU J 46 9.62 -3.27 -29.12
N ALA J 47 9.04 -2.71 -30.17
CA ALA J 47 8.77 -3.46 -31.40
C ALA J 47 10.07 -3.78 -32.12
N HIS J 48 11.04 -2.89 -32.01
CA HIS J 48 12.36 -3.09 -32.61
C HIS J 48 13.05 -4.29 -31.99
N TYR J 49 12.85 -4.50 -30.70
CA TYR J 49 13.42 -5.63 -29.99
C TYR J 49 12.89 -6.95 -30.53
N ASN J 50 11.60 -6.97 -30.86
CA ASN J 50 10.94 -8.18 -31.33
C ASN J 50 10.92 -8.27 -32.85
N LYS J 51 11.68 -7.39 -33.51
CA LYS J 51 11.78 -7.35 -34.97
C LYS J 51 10.43 -7.18 -35.66
N ARG J 52 9.50 -6.54 -34.97
CA ARG J 52 8.18 -6.26 -35.53
C ARG J 52 8.14 -4.84 -36.11
N SER J 53 7.49 -4.71 -37.27
CA SER J 53 7.43 -3.42 -37.95
C SER J 53 6.13 -2.67 -37.67
N THR J 54 5.37 -3.15 -36.71
CA THR J 54 4.08 -2.54 -36.40
C THR J 54 3.92 -2.20 -34.92
N ILE J 55 3.61 -0.93 -34.64
CA ILE J 55 3.22 -0.52 -33.29
C ILE J 55 1.72 -0.69 -33.17
N THR J 56 1.28 -1.45 -32.17
CA THR J 56 -0.14 -1.72 -31.97
C THR J 56 -0.55 -1.39 -30.54
N SER J 57 -1.82 -1.63 -30.23
CA SER J 57 -2.34 -1.40 -28.88
C SER J 57 -1.60 -2.25 -27.85
N ARG J 58 -1.12 -3.41 -28.30
CA ARG J 58 -0.40 -4.33 -27.43
C ARG J 58 0.95 -3.76 -27.00
N GLU J 59 1.62 -3.08 -27.93
CA GLU J 59 2.90 -2.44 -27.62
C GLU J 59 2.72 -1.26 -26.67
N ILE J 60 1.70 -0.44 -26.94
CA ILE J 60 1.41 0.73 -26.10
C ILE J 60 1.06 0.31 -24.67
N GLN J 61 0.31 -0.78 -24.54
CA GLN J 61 -0.08 -1.29 -23.23
C GLN J 61 1.14 -1.74 -22.43
N THR J 62 2.04 -2.46 -23.10
CA THR J 62 3.26 -2.96 -22.47
C THR J 62 4.16 -1.79 -22.06
N ALA J 63 4.13 -0.73 -22.87
CA ALA J 63 4.91 0.47 -22.58
C ALA J 63 4.40 1.16 -21.32
N VAL J 64 3.09 1.16 -21.15
CA VAL J 64 2.47 1.76 -19.96
C VAL J 64 2.95 1.05 -18.69
N ARG J 65 2.94 -0.28 -18.72
CA ARG J 65 3.37 -1.07 -17.58
C ARG J 65 4.84 -0.86 -17.23
N LEU J 66 5.62 -0.46 -18.23
CA LEU J 66 7.05 -0.21 -18.04
C LEU J 66 7.32 1.19 -17.50
N LEU J 67 6.55 2.17 -17.98
CA LEU J 67 6.77 3.55 -17.61
C LEU J 67 5.99 3.93 -16.35
N LEU J 68 4.67 3.85 -16.44
CA LEU J 68 3.81 4.18 -15.31
C LEU J 68 4.09 3.26 -14.13
N PRO J 69 4.30 3.85 -12.95
CA PRO J 69 4.55 3.08 -11.73
C PRO J 69 3.26 2.43 -11.25
N GLY J 70 3.35 1.54 -10.27
CA GLY J 70 2.21 0.80 -9.77
C GLY J 70 0.94 1.61 -9.52
N GLU J 71 -0.19 0.92 -9.61
CA GLU J 71 -1.53 1.49 -9.43
C GLU J 71 -1.91 2.53 -10.50
N LEU J 72 -0.93 3.20 -11.10
CA LEU J 72 -1.21 4.14 -12.16
C LEU J 72 -1.28 3.39 -13.49
N ALA J 73 -0.41 2.40 -13.64
CA ALA J 73 -0.37 1.59 -14.84
C ALA J 73 -1.65 0.79 -15.02
N LYS J 74 -2.18 0.29 -13.90
CA LYS J 74 -3.39 -0.53 -13.92
C LYS J 74 -4.58 0.26 -14.47
N HIS J 75 -4.83 1.43 -13.88
CA HIS J 75 -5.94 2.27 -14.30
C HIS J 75 -5.73 2.80 -15.71
N ALA J 76 -4.48 3.06 -16.07
CA ALA J 76 -4.14 3.53 -17.40
C ALA J 76 -4.45 2.47 -18.46
N VAL J 77 -4.16 1.22 -18.12
CA VAL J 77 -4.48 0.10 -18.99
C VAL J 77 -5.98 -0.05 -19.16
N SER J 78 -6.71 0.04 -18.05
CA SER J 78 -8.17 -0.06 -18.07
C SER J 78 -8.79 1.04 -18.93
N GLU J 79 -8.33 2.27 -18.74
CA GLU J 79 -8.81 3.40 -19.52
C GLU J 79 -8.50 3.22 -21.01
N GLY J 80 -7.37 2.58 -21.30
CA GLY J 80 -6.98 2.31 -22.67
C GLY J 80 -7.78 1.17 -23.25
N THR J 81 -7.95 0.11 -22.47
CA THR J 81 -8.71 -1.06 -22.90
C THR J 81 -10.16 -0.68 -23.18
N LYS J 82 -10.74 0.13 -22.30
CA LYS J 82 -12.11 0.59 -22.45
C LYS J 82 -12.31 1.37 -23.75
N ALA J 83 -11.33 2.20 -24.08
CA ALA J 83 -11.40 3.02 -25.28
C ALA J 83 -11.35 2.16 -26.55
N VAL J 84 -10.36 1.28 -26.62
CA VAL J 84 -10.16 0.41 -27.77
C VAL J 84 -11.39 -0.46 -28.05
N THR J 85 -11.93 -1.05 -27.00
CA THR J 85 -13.09 -1.94 -27.14
C THR J 85 -14.34 -1.21 -27.63
N LYS J 86 -14.39 0.10 -27.43
CA LYS J 86 -15.51 0.90 -27.92
C LYS J 86 -15.39 1.14 -29.42
N TYR J 87 -14.16 1.27 -29.90
CA TYR J 87 -13.91 1.55 -31.31
C TYR J 87 -13.76 0.25 -32.10
N THR J 88 -13.97 -0.88 -31.42
CA THR J 88 -13.87 -2.19 -32.06
C THR J 88 -15.19 -2.60 -32.72
N SER J 89 -16.30 -2.14 -32.16
CA SER J 89 -17.61 -2.46 -32.69
C SER J 89 -18.18 -1.29 -33.51
N SER J 90 -17.88 -0.07 -33.07
CA SER J 90 -18.34 1.11 -33.78
C SER J 90 -17.25 1.66 -34.70
N VAL K 3 -21.23 12.44 -13.99
CA VAL K 3 -21.05 13.73 -14.65
C VAL K 3 -19.71 14.34 -14.26
N ARG K 4 -18.92 13.57 -13.51
CA ARG K 4 -17.59 14.00 -13.09
C ARG K 4 -16.55 12.96 -13.52
N ARG K 5 -15.45 12.88 -12.78
CA ARG K 5 -14.40 11.90 -13.10
C ARG K 5 -14.01 11.05 -11.89
N SER K 6 -13.38 9.91 -12.18
CA SER K 6 -13.14 8.89 -11.16
C SER K 6 -11.82 9.07 -10.42
N ASN K 7 -11.58 8.17 -9.46
CA ASN K 7 -10.41 8.24 -8.60
C ASN K 7 -9.71 6.89 -8.45
N ARG K 8 -8.50 6.93 -7.92
CA ARG K 8 -7.72 5.72 -7.65
C ARG K 8 -7.18 5.73 -6.22
N ILE K 9 -6.18 4.89 -5.95
CA ILE K 9 -5.58 4.85 -4.63
C ILE K 9 -4.32 5.71 -4.58
N ARG K 10 -4.41 6.85 -3.91
CA ARG K 10 -3.30 7.77 -3.78
C ARG K 10 -2.71 7.70 -2.38
N LEU K 11 -1.43 8.02 -2.26
CA LEU K 11 -0.78 8.00 -0.95
C LEU K 11 -0.10 9.33 -0.62
N LYS K 12 1.20 9.39 -0.86
CA LYS K 12 2.05 10.48 -0.40
C LYS K 12 3.45 10.23 -0.96
N PRO K 13 4.41 11.16 -0.74
CA PRO K 13 5.79 10.85 -1.13
C PRO K 13 6.24 9.47 -0.65
N LEU K 14 5.78 9.05 0.54
CA LEU K 14 5.91 7.67 1.00
C LEU K 14 7.35 7.28 1.27
N GLU K 15 8.28 8.16 0.89
CA GLU K 15 9.70 7.95 1.10
C GLU K 15 10.16 6.67 0.42
N TYR K 16 11.33 6.21 0.87
CA TYR K 16 11.97 4.98 0.41
C TYR K 16 13.23 4.91 1.25
N TRP K 17 14.33 4.42 0.66
CA TRP K 17 15.62 4.25 1.33
C TRP K 17 15.60 3.66 2.76
N ARG K 18 14.43 3.62 3.38
CA ARG K 18 14.22 3.02 4.68
C ARG K 18 12.78 2.59 4.82
N GLY K 19 11.90 3.36 4.20
CA GLY K 19 10.46 3.15 4.29
C GLY K 19 9.93 1.98 3.50
N GLU K 20 8.61 1.88 3.45
CA GLU K 20 7.92 0.79 2.78
C GLU K 20 7.84 1.00 1.27
N ARG K 21 7.72 -0.10 0.54
CA ARG K 21 7.28 -0.06 -0.85
C ARG K 21 5.94 -0.77 -0.97
N ILE K 22 5.14 -0.39 -1.96
CA ILE K 22 3.78 -0.92 -2.05
C ILE K 22 3.71 -2.25 -2.79
N ASP K 23 2.99 -3.20 -2.20
CA ASP K 23 2.73 -4.49 -2.83
C ASP K 23 1.25 -4.83 -2.74
N TYR K 24 0.83 -5.87 -3.47
CA TYR K 24 -0.57 -6.29 -3.44
C TYR K 24 -0.70 -7.79 -3.64
N ASN L 7 46.45 11.41 -28.42
CA ASN L 7 47.36 12.49 -28.09
C ASN L 7 46.78 13.44 -27.05
N ARG L 8 45.65 13.05 -26.47
CA ARG L 8 44.99 13.86 -25.44
C ARG L 8 45.75 13.80 -24.11
N ILE L 9 45.06 14.15 -23.03
CA ILE L 9 45.65 14.03 -21.70
C ILE L 9 45.81 12.55 -21.34
N ARG L 10 46.99 12.20 -20.83
CA ARG L 10 47.30 10.79 -20.53
C ARG L 10 48.49 10.68 -19.57
N LEU L 11 48.96 9.45 -19.38
CA LEU L 11 50.11 9.20 -18.52
C LEU L 11 51.34 8.85 -19.36
N ARG O 1 -37.14 19.88 -13.34
CA ARG O 1 -36.79 18.48 -13.19
C ARG O 1 -38.03 17.60 -13.14
N TYR O 2 -38.81 17.62 -14.22
CA TYR O 2 -40.06 16.88 -14.28
C TYR O 2 -39.88 15.48 -14.88
N ARG O 3 -38.80 14.79 -14.52
CA ARG O 3 -38.52 13.48 -15.11
C ARG O 3 -38.44 12.40 -14.05
N PRO O 4 -38.95 11.20 -14.37
CA PRO O 4 -38.98 10.06 -13.45
C PRO O 4 -37.60 9.59 -13.03
N GLY O 5 -37.10 10.12 -11.91
CA GLY O 5 -35.81 9.70 -11.39
C GLY O 5 -34.84 10.84 -11.13
N THR O 6 -35.14 12.00 -11.68
CA THR O 6 -34.25 13.16 -11.53
C THR O 6 -34.34 13.74 -10.13
N VAL O 7 -35.55 13.88 -9.62
CA VAL O 7 -35.77 14.39 -8.28
C VAL O 7 -35.25 13.37 -7.27
N ALA O 8 -35.36 12.09 -7.64
CA ALA O 8 -34.85 10.99 -6.82
C ALA O 8 -33.37 11.16 -6.52
N LEU O 9 -32.59 11.52 -7.55
CA LEU O 9 -31.18 11.79 -7.37
C LEU O 9 -30.96 13.06 -6.54
N ARG O 10 -31.85 14.02 -6.70
CA ARG O 10 -31.73 15.30 -6.00
C ARG O 10 -31.88 15.16 -4.49
N GLU O 11 -32.78 14.28 -4.06
CA GLU O 11 -33.02 14.08 -2.64
C GLU O 11 -31.93 13.21 -2.00
N ILE O 12 -31.30 12.36 -2.81
CA ILE O 12 -30.20 11.52 -2.32
C ILE O 12 -29.06 12.37 -1.77
N ARG O 13 -28.51 13.23 -2.62
CA ARG O 13 -27.34 14.02 -2.26
C ARG O 13 -27.64 15.07 -1.20
N ARG O 14 -28.89 15.51 -1.12
CA ARG O 14 -29.25 16.54 -0.14
C ARG O 14 -29.38 15.95 1.26
N TYR O 15 -29.65 14.65 1.34
CA TYR O 15 -29.80 13.99 2.63
C TYR O 15 -28.49 13.37 3.09
N GLN O 16 -27.69 12.89 2.14
CA GLN O 16 -26.36 12.36 2.46
C GLN O 16 -25.45 13.49 2.97
N LYS O 17 -25.67 14.69 2.45
CA LYS O 17 -24.88 15.85 2.84
C LYS O 17 -25.28 16.33 4.23
N SER O 18 -26.53 16.08 4.59
CA SER O 18 -27.06 16.53 5.88
C SER O 18 -26.83 15.49 6.97
N THR O 19 -26.96 15.92 8.22
CA THR O 19 -26.75 15.03 9.36
C THR O 19 -28.00 14.97 10.24
N GLU O 20 -29.06 15.65 9.81
CA GLU O 20 -30.31 15.71 10.54
C GLU O 20 -31.03 14.35 10.61
N LEU O 21 -31.77 14.14 11.69
CA LEU O 21 -32.57 12.94 11.85
C LEU O 21 -33.68 12.91 10.80
N LEU O 22 -33.84 11.77 10.14
CA LEU O 22 -34.77 11.65 9.02
C LEU O 22 -36.19 11.25 9.43
N ILE O 23 -36.36 10.82 10.67
CA ILE O 23 -37.69 10.47 11.17
C ILE O 23 -38.15 11.44 12.24
N ARG O 24 -39.45 11.60 12.36
CA ARG O 24 -40.03 12.55 13.32
C ARG O 24 -39.76 12.11 14.75
N LYS O 25 -39.58 13.09 15.63
CA LYS O 25 -39.18 12.81 17.02
C LYS O 25 -40.32 12.22 17.85
N LEU O 26 -41.49 12.83 17.78
CA LEU O 26 -42.62 12.45 18.63
C LEU O 26 -43.25 11.09 18.28
N PRO O 27 -43.45 10.80 16.98
CA PRO O 27 -43.95 9.44 16.67
C PRO O 27 -42.99 8.35 17.13
N PHE O 28 -41.70 8.57 16.98
CA PHE O 28 -40.70 7.62 17.43
C PHE O 28 -40.68 7.58 18.95
N GLN O 29 -40.96 8.74 19.56
CA GLN O 29 -40.99 8.87 21.01
C GLN O 29 -42.00 7.90 21.64
N ARG O 30 -43.23 7.94 21.12
CA ARG O 30 -44.30 7.09 21.63
C ARG O 30 -44.14 5.65 21.17
N LEU O 31 -43.40 5.45 20.07
CA LEU O 31 -43.16 4.12 19.53
C LEU O 31 -42.32 3.27 20.49
N VAL O 32 -41.32 3.90 21.11
CA VAL O 32 -40.46 3.22 22.07
C VAL O 32 -41.27 2.86 23.32
N ARG O 33 -42.23 3.70 23.66
CA ARG O 33 -43.09 3.49 24.82
C ARG O 33 -43.87 2.17 24.72
N GLU O 34 -44.50 1.96 23.58
CA GLU O 34 -45.32 0.76 23.36
C GLU O 34 -44.50 -0.52 23.43
N ILE O 35 -43.36 -0.52 22.73
CA ILE O 35 -42.49 -1.69 22.67
C ILE O 35 -41.93 -2.04 24.05
N ALA O 36 -41.58 -1.02 24.81
CA ALA O 36 -41.02 -1.22 26.15
C ALA O 36 -42.09 -1.65 27.14
N GLN O 37 -43.35 -1.34 26.83
CA GLN O 37 -44.47 -1.67 27.70
C GLN O 37 -44.64 -3.18 27.85
N ASP O 38 -44.31 -3.92 26.79
CA ASP O 38 -44.46 -5.37 26.79
C ASP O 38 -43.50 -6.06 27.77
N PHE O 39 -42.31 -5.48 27.93
CA PHE O 39 -41.31 -6.07 28.81
C PHE O 39 -41.55 -5.64 30.26
N LYS O 40 -41.84 -4.36 30.46
CA LYS O 40 -42.15 -3.85 31.80
C LYS O 40 -43.09 -2.66 31.69
N THR O 41 -44.05 -2.57 32.60
CA THR O 41 -45.04 -1.51 32.58
C THR O 41 -44.59 -0.29 33.38
N ASP O 42 -45.09 0.88 32.99
CA ASP O 42 -44.76 2.15 33.64
C ASP O 42 -43.25 2.40 33.64
N LEU O 43 -42.71 2.68 32.46
CA LEU O 43 -41.28 2.97 32.34
C LEU O 43 -41.05 4.42 31.95
N ARG O 44 -39.94 4.99 32.41
CA ARG O 44 -39.60 6.37 32.08
C ARG O 44 -38.31 6.43 31.27
N PHE O 45 -38.25 7.36 30.33
CA PHE O 45 -37.10 7.48 29.43
C PHE O 45 -36.44 8.85 29.54
N GLN O 46 -35.13 8.86 29.69
CA GLN O 46 -34.38 10.10 29.67
C GLN O 46 -34.47 10.74 28.28
N SER O 47 -34.36 12.07 28.23
CA SER O 47 -34.45 12.80 26.97
C SER O 47 -33.35 12.38 26.00
N SER O 48 -32.19 12.03 26.54
CA SER O 48 -31.06 11.60 25.73
C SER O 48 -31.16 10.11 25.38
N ALA O 49 -31.86 9.36 26.24
CA ALA O 49 -32.02 7.93 26.05
C ALA O 49 -32.79 7.60 24.78
N VAL O 50 -33.83 8.37 24.51
CA VAL O 50 -34.66 8.15 23.31
C VAL O 50 -33.88 8.52 22.05
N MET O 51 -33.11 9.61 22.13
CA MET O 51 -32.29 10.04 21.01
C MET O 51 -31.24 8.99 20.64
N ALA O 52 -30.69 8.34 21.66
CA ALA O 52 -29.71 7.27 21.46
C ALA O 52 -30.32 6.13 20.66
N LEU O 53 -31.57 5.79 20.98
CA LEU O 53 -32.31 4.78 20.24
C LEU O 53 -32.55 5.22 18.80
N GLN O 54 -32.92 6.49 18.63
CA GLN O 54 -33.25 7.03 17.32
C GLN O 54 -32.03 7.09 16.41
N GLU O 55 -30.88 7.44 16.99
CA GLU O 55 -29.64 7.50 16.23
C GLU O 55 -29.24 6.12 15.72
N ALA O 56 -29.23 5.16 16.63
CA ALA O 56 -28.85 3.78 16.31
C ALA O 56 -29.82 3.14 15.32
N SER O 57 -31.11 3.49 15.45
CA SER O 57 -32.14 2.94 14.59
C SER O 57 -31.96 3.38 13.14
N GLU O 58 -31.83 4.69 12.95
CA GLU O 58 -31.63 5.26 11.61
C GLU O 58 -30.35 4.74 10.98
N ALA O 59 -29.28 4.69 11.76
CA ALA O 59 -27.99 4.22 11.27
C ALA O 59 -28.07 2.78 10.77
N TYR O 60 -28.73 1.92 11.55
CA TYR O 60 -28.89 0.53 11.17
C TYR O 60 -29.72 0.41 9.89
N LEU O 61 -30.81 1.17 9.83
CA LEU O 61 -31.70 1.15 8.68
C LEU O 61 -31.01 1.64 7.41
N VAL O 62 -30.31 2.75 7.51
CA VAL O 62 -29.57 3.30 6.36
C VAL O 62 -28.54 2.30 5.87
N GLY O 63 -27.78 1.72 6.80
CA GLY O 63 -26.81 0.70 6.47
C GLY O 63 -27.44 -0.51 5.79
N LEU O 64 -28.64 -0.86 6.26
CA LEU O 64 -29.37 -1.97 5.68
C LEU O 64 -29.84 -1.65 4.27
N PHE O 65 -30.24 -0.40 4.05
CA PHE O 65 -30.68 0.06 2.74
C PHE O 65 -29.53 0.04 1.74
N GLU O 66 -28.33 0.33 2.22
CA GLU O 66 -27.13 0.29 1.39
C GLU O 66 -26.87 -1.13 0.91
N ASP O 67 -26.93 -2.07 1.85
CA ASP O 67 -26.75 -3.48 1.52
C ASP O 67 -27.91 -3.97 0.66
N THR O 68 -29.10 -3.42 0.91
CA THR O 68 -30.28 -3.74 0.11
C THR O 68 -30.12 -3.30 -1.33
N ASN O 69 -29.71 -2.04 -1.51
CA ASN O 69 -29.51 -1.46 -2.83
C ASN O 69 -28.45 -2.21 -3.63
N LEU O 70 -27.40 -2.66 -2.94
CA LEU O 70 -26.33 -3.42 -3.58
C LEU O 70 -26.85 -4.74 -4.11
N CYS O 71 -27.75 -5.38 -3.36
CA CYS O 71 -28.38 -6.62 -3.78
C CYS O 71 -29.34 -6.38 -4.93
N ALA O 72 -29.99 -5.21 -4.91
CA ALA O 72 -30.94 -4.83 -5.94
C ALA O 72 -30.25 -4.66 -7.29
N ILE O 73 -29.17 -3.88 -7.31
CA ILE O 73 -28.40 -3.65 -8.52
C ILE O 73 -27.83 -4.97 -9.05
N HIS O 74 -27.47 -5.85 -8.12
CA HIS O 74 -26.93 -7.15 -8.47
C HIS O 74 -27.95 -7.99 -9.24
N ALA O 75 -29.23 -7.72 -8.99
CA ALA O 75 -30.30 -8.40 -9.69
C ALA O 75 -30.67 -7.64 -10.98
N LYS O 76 -29.77 -6.76 -11.40
CA LYS O 76 -29.92 -5.98 -12.63
C LYS O 76 -31.20 -5.12 -12.62
N ARG O 77 -31.56 -4.64 -11.43
CA ARG O 77 -32.69 -3.74 -11.29
C ARG O 77 -32.30 -2.55 -10.42
N VAL O 78 -32.96 -1.41 -10.61
CA VAL O 78 -32.64 -0.21 -9.86
C VAL O 78 -33.66 0.06 -8.75
N THR O 79 -34.70 -0.77 -8.71
CA THR O 79 -35.74 -0.63 -7.69
C THR O 79 -35.54 -1.66 -6.58
N ILE O 80 -35.53 -1.19 -5.34
CA ILE O 80 -35.38 -2.09 -4.20
C ILE O 80 -36.72 -2.73 -3.83
N MET O 81 -36.69 -4.04 -3.61
CA MET O 81 -37.89 -4.80 -3.25
C MET O 81 -37.63 -5.55 -1.94
N PRO O 82 -38.71 -5.95 -1.25
CA PRO O 82 -38.57 -6.74 -0.01
C PRO O 82 -37.71 -8.00 -0.21
N LYS O 83 -37.68 -8.49 -1.45
CA LYS O 83 -36.83 -9.62 -1.81
C LYS O 83 -35.36 -9.28 -1.54
N ASP O 84 -35.00 -8.02 -1.77
CA ASP O 84 -33.62 -7.56 -1.57
C ASP O 84 -33.29 -7.37 -0.09
N ILE O 85 -34.21 -6.77 0.65
CA ILE O 85 -34.02 -6.52 2.08
C ILE O 85 -33.81 -7.81 2.86
N GLN O 86 -34.65 -8.80 2.61
CA GLN O 86 -34.59 -10.07 3.32
C GLN O 86 -33.28 -10.80 3.08
N LEU O 87 -32.81 -10.79 1.83
CA LEU O 87 -31.55 -11.43 1.49
C LEU O 87 -30.38 -10.70 2.14
N ALA O 88 -30.47 -9.37 2.18
CA ALA O 88 -29.42 -8.55 2.77
C ALA O 88 -29.20 -8.90 4.24
N ARG O 89 -30.30 -9.23 4.93
CA ARG O 89 -30.23 -9.62 6.32
C ARG O 89 -29.68 -11.03 6.48
N ARG O 90 -30.02 -11.90 5.54
CA ARG O 90 -29.62 -13.29 5.58
C ARG O 90 -28.11 -13.46 5.44
N ILE O 91 -27.53 -12.69 4.52
CA ILE O 91 -26.09 -12.75 4.28
C ILE O 91 -25.32 -12.09 5.43
N ARG O 92 -25.87 -11.01 5.97
CA ARG O 92 -25.27 -10.31 7.10
C ARG O 92 -25.08 -11.19 8.32
N GLY O 93 -25.95 -12.18 8.49
CA GLY O 93 -25.89 -13.04 9.66
C GLY O 93 -26.90 -12.57 10.69
N ILE O 94 -26.59 -12.78 11.97
CA ILE O 94 -27.49 -12.41 13.04
C ILE O 94 -27.39 -10.93 13.40
N GLU O 95 -26.69 -10.18 12.56
CA GLU O 95 -26.56 -8.74 12.76
C GLU O 95 -27.72 -8.00 12.09
N ASP P 1 -50.59 0.09 15.48
CA ASP P 1 -51.21 1.40 15.51
C ASP P 1 -50.16 2.50 15.68
N ASN P 2 -49.26 2.30 16.63
CA ASN P 2 -48.20 3.26 16.91
C ASN P 2 -46.98 2.99 16.03
N ILE P 3 -46.87 1.76 15.54
CA ILE P 3 -45.80 1.39 14.62
C ILE P 3 -45.97 2.17 13.32
N GLN P 4 -47.18 2.62 13.05
CA GLN P 4 -47.45 3.48 11.90
C GLN P 4 -47.11 4.93 12.23
N GLY P 5 -46.50 5.15 13.38
CA GLY P 5 -46.05 6.47 13.79
C GLY P 5 -45.04 7.00 12.79
N ILE P 6 -44.12 6.13 12.39
CA ILE P 6 -43.21 6.45 11.29
C ILE P 6 -44.03 6.44 10.00
N THR P 7 -43.67 7.31 9.06
CA THR P 7 -44.50 7.50 7.88
C THR P 7 -43.82 7.00 6.61
N LYS P 8 -44.55 7.06 5.50
CA LYS P 8 -44.03 6.65 4.21
C LYS P 8 -42.88 7.56 3.72
N PRO P 9 -43.06 8.89 3.77
CA PRO P 9 -41.91 9.71 3.34
C PRO P 9 -40.73 9.63 4.31
N ALA P 10 -41.02 9.29 5.57
CA ALA P 10 -39.97 9.11 6.57
C ALA P 10 -39.03 7.97 6.19
N ILE P 11 -39.61 6.82 5.87
CA ILE P 11 -38.85 5.67 5.40
C ILE P 11 -38.23 5.97 4.05
N ARG P 12 -38.96 6.71 3.21
CA ARG P 12 -38.54 7.02 1.86
C ARG P 12 -37.22 7.79 1.84
N ARG P 13 -37.06 8.72 2.78
CA ARG P 13 -35.86 9.55 2.83
C ARG P 13 -34.71 8.83 3.53
N LEU P 14 -35.04 7.86 4.39
CA LEU P 14 -34.03 7.02 5.02
C LEU P 14 -33.32 6.19 3.96
N ALA P 15 -34.06 5.83 2.91
CA ALA P 15 -33.52 5.05 1.82
C ALA P 15 -32.76 5.95 0.85
N ARG P 16 -33.11 7.22 0.81
CA ARG P 16 -32.39 8.19 0.00
C ARG P 16 -30.98 8.40 0.55
N ARG P 17 -30.88 8.51 1.87
CA ARG P 17 -29.59 8.61 2.53
C ARG P 17 -28.81 7.31 2.33
N GLY P 18 -29.54 6.21 2.18
CA GLY P 18 -28.94 4.92 1.89
C GLY P 18 -28.50 4.84 0.45
N GLY P 19 -28.96 5.79 -0.36
CA GLY P 19 -28.56 5.87 -1.75
C GLY P 19 -29.32 4.97 -2.70
N VAL P 20 -30.64 5.00 -2.63
CA VAL P 20 -31.47 4.23 -3.56
C VAL P 20 -32.24 5.18 -4.47
N LYS P 21 -32.60 4.70 -5.66
CA LYS P 21 -33.29 5.54 -6.64
C LYS P 21 -34.79 5.29 -6.62
N ARG P 22 -35.19 4.06 -6.92
CA ARG P 22 -36.60 3.71 -6.96
C ARG P 22 -36.95 2.74 -5.84
N ILE P 23 -38.05 3.02 -5.14
CA ILE P 23 -38.45 2.20 -4.00
C ILE P 23 -39.85 1.61 -4.21
N SER P 24 -39.98 0.30 -4.02
CA SER P 24 -41.25 -0.38 -4.20
C SER P 24 -42.25 -0.02 -3.09
N GLY P 25 -43.47 -0.50 -3.24
CA GLY P 25 -44.53 -0.20 -2.30
C GLY P 25 -44.51 -1.07 -1.05
N LEU P 26 -44.16 -2.34 -1.23
CA LEU P 26 -44.14 -3.29 -0.12
C LEU P 26 -42.95 -3.05 0.81
N ILE P 27 -42.03 -2.19 0.39
CA ILE P 27 -40.86 -1.85 1.18
C ILE P 27 -41.23 -1.20 2.51
N TYR P 28 -42.16 -0.26 2.46
CA TYR P 28 -42.54 0.52 3.63
C TYR P 28 -43.07 -0.36 4.77
N GLU P 29 -43.79 -1.41 4.41
CA GLU P 29 -44.31 -2.35 5.40
C GLU P 29 -43.19 -3.26 5.90
N GLU P 30 -42.32 -3.68 4.98
CA GLU P 30 -41.18 -4.53 5.31
C GLU P 30 -40.20 -3.81 6.24
N THR P 31 -40.06 -2.50 6.04
CA THR P 31 -39.15 -1.69 6.85
C THR P 31 -39.68 -1.56 8.28
N ARG P 32 -40.99 -1.44 8.43
CA ARG P 32 -41.62 -1.37 9.75
C ARG P 32 -41.34 -2.64 10.53
N GLY P 33 -41.26 -3.76 9.82
CA GLY P 33 -40.96 -5.04 10.43
C GLY P 33 -39.57 -5.09 11.04
N VAL P 34 -38.55 -4.83 10.22
CA VAL P 34 -37.17 -4.89 10.67
C VAL P 34 -36.86 -3.82 11.70
N LEU P 35 -37.62 -2.74 11.71
CA LEU P 35 -37.45 -1.67 12.68
C LEU P 35 -38.00 -2.09 14.04
N LYS P 36 -39.19 -2.69 14.02
CA LYS P 36 -39.83 -3.16 15.24
C LYS P 36 -39.07 -4.34 15.83
N VAL P 37 -38.47 -5.14 14.96
CA VAL P 37 -37.67 -6.28 15.41
C VAL P 37 -36.38 -5.77 16.05
N PHE P 38 -35.75 -4.79 15.40
CA PHE P 38 -34.51 -4.21 15.91
C PHE P 38 -34.75 -3.54 17.26
N LEU P 39 -35.80 -2.73 17.34
CA LEU P 39 -36.13 -2.02 18.57
C LEU P 39 -36.45 -2.98 19.71
N GLU P 40 -37.18 -4.05 19.39
CA GLU P 40 -37.53 -5.05 20.39
C GLU P 40 -36.30 -5.67 21.02
N ASN P 41 -35.34 -6.06 20.17
CA ASN P 41 -34.11 -6.69 20.64
C ASN P 41 -33.27 -5.77 21.50
N VAL P 42 -33.21 -4.50 21.11
CA VAL P 42 -32.44 -3.50 21.84
C VAL P 42 -33.07 -3.14 23.19
N ILE P 43 -34.35 -2.81 23.15
CA ILE P 43 -35.08 -2.40 24.36
C ILE P 43 -35.13 -3.51 25.40
N ARG P 44 -35.30 -4.75 24.93
CA ARG P 44 -35.33 -5.92 25.81
C ARG P 44 -34.06 -5.98 26.67
N ASP P 45 -32.91 -5.80 26.05
CA ASP P 45 -31.65 -5.77 26.77
C ASP P 45 -31.54 -4.51 27.60
N ALA P 46 -32.07 -3.41 27.09
CA ALA P 46 -32.02 -2.13 27.77
C ALA P 46 -32.81 -2.17 29.08
N VAL P 47 -34.04 -2.68 29.02
CA VAL P 47 -34.88 -2.82 30.21
C VAL P 47 -34.23 -3.78 31.20
N THR P 48 -33.58 -4.81 30.67
CA THR P 48 -32.88 -5.80 31.48
C THR P 48 -31.82 -5.14 32.34
N TYR P 49 -31.08 -4.19 31.75
CA TYR P 49 -30.10 -3.41 32.49
C TYR P 49 -30.77 -2.52 33.53
N THR P 50 -31.89 -1.92 33.16
CA THR P 50 -32.62 -1.02 34.04
C THR P 50 -33.16 -1.74 35.27
N GLU P 51 -33.70 -2.93 35.06
CA GLU P 51 -34.28 -3.71 36.15
C GLU P 51 -33.22 -4.19 37.14
N HIS P 52 -32.05 -4.51 36.62
CA HIS P 52 -30.95 -4.97 37.47
C HIS P 52 -30.42 -3.83 38.35
N ALA P 53 -30.62 -2.59 37.89
CA ALA P 53 -30.18 -1.42 38.64
C ALA P 53 -31.23 -0.94 39.62
N LYS P 54 -32.32 -1.70 39.74
CA LYS P 54 -33.43 -1.36 40.64
C LYS P 54 -33.99 0.03 40.34
N ARG P 55 -34.26 0.31 39.07
CA ARG P 55 -34.77 1.61 38.66
C ARG P 55 -35.97 1.45 37.74
N LYS P 56 -36.89 2.42 37.82
CA LYS P 56 -38.09 2.40 36.96
C LYS P 56 -37.89 3.31 35.76
N THR P 57 -36.71 3.91 35.66
CA THR P 57 -36.39 4.81 34.57
C THR P 57 -35.13 4.34 33.83
N VAL P 58 -35.29 3.99 32.56
CA VAL P 58 -34.13 3.63 31.75
C VAL P 58 -33.39 4.90 31.36
N THR P 59 -32.06 4.84 31.41
CA THR P 59 -31.23 5.99 31.08
C THR P 59 -30.46 5.75 29.81
N ALA P 60 -29.82 6.79 29.29
CA ALA P 60 -29.09 6.72 28.03
C ALA P 60 -27.98 5.68 28.04
N MET P 61 -27.22 5.63 29.13
CA MET P 61 -26.11 4.69 29.25
C MET P 61 -26.58 3.24 29.23
N ASP P 62 -27.78 2.99 29.78
CA ASP P 62 -28.36 1.66 29.79
C ASP P 62 -28.60 1.14 28.37
N VAL P 63 -29.07 2.02 27.49
CA VAL P 63 -29.27 1.66 26.09
C VAL P 63 -27.91 1.48 25.42
N VAL P 64 -26.93 2.28 25.83
CA VAL P 64 -25.59 2.20 25.26
C VAL P 64 -24.97 0.84 25.56
N TYR P 65 -25.14 0.40 26.80
CA TYR P 65 -24.65 -0.91 27.23
C TYR P 65 -25.32 -2.01 26.39
N ALA P 66 -26.57 -1.78 26.01
CA ALA P 66 -27.32 -2.74 25.21
C ALA P 66 -26.84 -2.79 23.76
N LEU P 67 -26.75 -1.63 23.12
CA LEU P 67 -26.26 -1.56 21.73
C LEU P 67 -24.84 -2.09 21.61
N LYS P 68 -23.99 -1.76 22.59
CA LYS P 68 -22.60 -2.17 22.56
C LYS P 68 -22.46 -3.68 22.77
N ARG P 69 -23.49 -4.29 23.32
CA ARG P 69 -23.46 -5.71 23.61
C ARG P 69 -23.94 -6.57 22.44
N GLN P 70 -24.12 -5.95 21.28
CA GLN P 70 -24.53 -6.69 20.09
C GLN P 70 -24.00 -6.09 18.80
N GLY P 71 -22.76 -5.60 18.85
CA GLY P 71 -22.07 -5.11 17.67
C GLY P 71 -22.55 -3.77 17.14
N ARG P 72 -23.50 -3.17 17.84
CA ARG P 72 -24.05 -1.88 17.41
C ARG P 72 -23.59 -0.75 18.32
N THR P 73 -22.29 -0.71 18.60
CA THR P 73 -21.69 0.29 19.49
C THR P 73 -22.01 1.72 19.04
N LEU P 74 -22.30 2.59 20.00
CA LEU P 74 -22.69 3.97 19.71
C LEU P 74 -21.86 4.98 20.49
N TYR P 75 -21.28 5.94 19.76
CA TYR P 75 -20.51 7.02 20.38
C TYR P 75 -21.36 8.27 20.58
N GLY P 76 -21.09 9.00 21.65
CA GLY P 76 -21.75 10.26 21.89
C GLY P 76 -22.57 10.30 23.17
N PHE P 77 -22.85 9.13 23.74
CA PHE P 77 -23.65 9.04 24.95
C PHE P 77 -22.97 8.26 26.05
N GLY P 78 -21.71 8.57 26.30
CA GLY P 78 -20.95 7.91 27.35
C GLY P 78 -20.07 6.79 26.84
N GLY P 79 -19.19 6.29 27.70
CA GLY P 79 -18.28 5.22 27.34
C GLY P 79 -17.41 4.78 28.50
N SER Q 1 -20.33 -32.77 50.75
CA SER Q 1 -19.98 -32.11 49.51
C SER Q 1 -20.89 -30.90 49.25
N ARG Q 2 -20.58 -30.16 48.19
CA ARG Q 2 -21.39 -29.01 47.80
C ARG Q 2 -22.16 -29.27 46.52
N SER Q 3 -21.48 -29.86 45.54
CA SER Q 3 -22.12 -30.22 44.28
C SER Q 3 -23.18 -31.29 44.51
N ASN Q 4 -22.94 -32.13 45.51
CA ASN Q 4 -23.91 -33.15 45.90
C ASN Q 4 -25.06 -32.52 46.68
N ARG Q 5 -24.75 -31.46 47.43
CA ARG Q 5 -25.78 -30.71 48.14
C ARG Q 5 -26.59 -29.85 47.17
N ALA Q 6 -26.02 -29.58 46.01
CA ALA Q 6 -26.69 -28.78 44.99
C ALA Q 6 -27.55 -29.65 44.09
N GLY Q 7 -27.37 -30.97 44.18
CA GLY Q 7 -28.08 -31.89 43.32
C GLY Q 7 -27.68 -31.69 41.88
N LEU Q 8 -26.42 -31.37 41.66
CA LEU Q 8 -25.89 -31.11 40.33
C LEU Q 8 -24.66 -31.95 40.05
N GLN Q 9 -24.34 -32.11 38.77
CA GLN Q 9 -23.18 -32.89 38.36
C GLN Q 9 -21.94 -31.99 38.27
N PHE Q 10 -22.12 -30.78 37.76
CA PHE Q 10 -21.03 -29.83 37.61
C PHE Q 10 -20.54 -29.34 38.97
N PRO Q 11 -19.20 -29.28 39.15
CA PRO Q 11 -18.58 -28.92 40.43
C PRO Q 11 -18.80 -27.46 40.80
N VAL Q 12 -19.67 -27.24 41.79
CA VAL Q 12 -19.95 -25.89 42.28
C VAL Q 12 -18.71 -25.30 42.95
N GLY Q 13 -17.92 -26.15 43.59
CA GLY Q 13 -16.70 -25.72 44.26
C GLY Q 13 -15.65 -25.18 43.32
N ARG Q 14 -15.42 -25.89 42.22
CA ARG Q 14 -14.42 -25.50 41.22
C ARG Q 14 -14.80 -24.21 40.53
N ILE Q 15 -16.08 -24.08 40.18
CA ILE Q 15 -16.58 -22.89 39.51
C ILE Q 15 -16.39 -21.66 40.39
N HIS Q 16 -16.57 -21.85 41.69
CA HIS Q 16 -16.38 -20.78 42.67
C HIS Q 16 -14.94 -20.28 42.66
N ARG Q 17 -13.99 -21.19 42.49
CA ARG Q 17 -12.59 -20.84 42.43
C ARG Q 17 -12.24 -20.10 41.14
N LEU Q 18 -12.86 -20.52 40.05
CA LEU Q 18 -12.61 -19.93 38.75
C LEU Q 18 -13.14 -18.50 38.66
N LEU Q 19 -14.24 -18.23 39.33
CA LEU Q 19 -14.80 -16.88 39.37
C LEU Q 19 -13.94 -15.92 40.20
N ARG Q 20 -13.13 -16.49 41.08
CA ARG Q 20 -12.22 -15.69 41.90
C ARG Q 20 -10.92 -15.39 41.18
N LYS Q 21 -10.19 -16.44 40.81
CA LYS Q 21 -8.89 -16.30 40.17
C LYS Q 21 -9.00 -15.78 38.74
N GLY Q 22 -10.18 -15.91 38.16
CA GLY Q 22 -10.41 -15.47 36.79
C GLY Q 22 -10.48 -13.96 36.66
N ASN Q 23 -10.41 -13.27 37.80
CA ASN Q 23 -10.45 -11.81 37.84
C ASN Q 23 -11.68 -11.21 37.17
N TYR Q 24 -12.85 -11.53 37.73
CA TYR Q 24 -14.11 -10.94 37.27
C TYR Q 24 -14.60 -9.94 38.30
N ALA Q 25 -14.19 -10.16 39.55
CA ALA Q 25 -14.53 -9.26 40.65
C ALA Q 25 -13.66 -9.55 41.86
N GLU Q 26 -13.66 -8.62 42.81
CA GLU Q 26 -12.91 -8.79 44.05
C GLU Q 26 -13.62 -9.74 45.00
N ARG Q 27 -14.94 -9.57 45.15
CA ARG Q 27 -15.72 -10.40 46.04
C ARG Q 27 -16.78 -11.19 45.27
N VAL Q 28 -16.62 -12.51 45.23
CA VAL Q 28 -17.58 -13.38 44.57
C VAL Q 28 -18.59 -13.94 45.55
N GLY Q 29 -19.87 -13.83 45.22
CA GLY Q 29 -20.95 -14.28 46.09
C GLY Q 29 -20.91 -15.76 46.38
N ALA Q 30 -21.78 -16.20 47.30
CA ALA Q 30 -21.85 -17.61 47.68
C ALA Q 30 -22.81 -18.36 46.79
N GLY Q 31 -23.91 -17.71 46.41
CA GLY Q 31 -24.91 -18.32 45.55
C GLY Q 31 -24.58 -18.18 44.08
N ALA Q 32 -23.77 -17.18 43.75
CA ALA Q 32 -23.36 -16.90 42.39
C ALA Q 32 -22.72 -18.10 41.66
N PRO Q 33 -21.75 -18.78 42.29
CA PRO Q 33 -21.17 -19.91 41.55
C PRO Q 33 -22.13 -21.08 41.39
N VAL Q 34 -23.09 -21.18 42.32
CA VAL Q 34 -24.07 -22.24 42.27
C VAL Q 34 -25.06 -22.03 41.14
N TYR Q 35 -25.52 -20.78 40.99
CA TYR Q 35 -26.46 -20.41 39.94
C TYR Q 35 -25.87 -20.68 38.56
N LEU Q 36 -24.61 -20.27 38.38
CA LEU Q 36 -23.91 -20.46 37.11
C LEU Q 36 -23.72 -21.96 36.83
N ALA Q 37 -23.50 -22.73 37.88
CA ALA Q 37 -23.32 -24.17 37.75
C ALA Q 37 -24.59 -24.84 37.27
N ALA Q 38 -25.73 -24.26 37.62
CA ALA Q 38 -27.02 -24.83 37.25
C ALA Q 38 -27.36 -24.52 35.80
N VAL Q 39 -26.84 -23.41 35.29
CA VAL Q 39 -27.08 -22.99 33.92
C VAL Q 39 -26.22 -23.80 32.95
N MET Q 40 -24.96 -24.00 33.33
CA MET Q 40 -24.02 -24.76 32.52
C MET Q 40 -24.46 -26.22 32.41
N GLU Q 41 -24.87 -26.79 33.54
CA GLU Q 41 -25.33 -28.17 33.61
C GLU Q 41 -26.58 -28.37 32.74
N TYR Q 42 -27.50 -27.41 32.80
CA TYR Q 42 -28.72 -27.47 32.00
C TYR Q 42 -28.44 -27.45 30.50
N LEU Q 43 -27.68 -26.45 30.06
CA LEU Q 43 -27.35 -26.32 28.64
C LEU Q 43 -26.61 -27.54 28.10
N ALA Q 44 -25.74 -28.10 28.93
CA ALA Q 44 -25.01 -29.30 28.55
C ALA Q 44 -25.97 -30.48 28.35
N ALA Q 45 -26.94 -30.60 29.25
CA ALA Q 45 -27.93 -31.67 29.18
C ALA Q 45 -28.83 -31.54 27.96
N GLU Q 46 -29.27 -30.32 27.67
CA GLU Q 46 -30.17 -30.07 26.55
C GLU Q 46 -29.54 -30.45 25.22
N VAL Q 47 -28.24 -30.17 25.08
CA VAL Q 47 -27.52 -30.50 23.86
C VAL Q 47 -27.31 -31.99 23.76
N LEU Q 48 -26.87 -32.60 24.86
CA LEU Q 48 -26.59 -34.03 24.90
C LEU Q 48 -27.83 -34.86 24.59
N GLU Q 49 -28.98 -34.43 25.11
CA GLU Q 49 -30.23 -35.14 24.88
C GLU Q 49 -30.62 -35.11 23.40
N LEU Q 50 -30.51 -33.94 22.79
CA LEU Q 50 -30.80 -33.79 21.37
C LEU Q 50 -29.75 -34.50 20.51
N ALA Q 51 -28.52 -34.56 21.03
CA ALA Q 51 -27.44 -35.24 20.34
C ALA Q 51 -27.65 -36.75 20.35
N GLY Q 52 -28.03 -37.28 21.51
CA GLY Q 52 -28.28 -38.69 21.66
C GLY Q 52 -29.42 -39.17 20.78
N ASN Q 53 -30.46 -38.35 20.68
CA ASN Q 53 -31.59 -38.65 19.81
C ASN Q 53 -31.17 -38.63 18.34
N ALA Q 54 -30.16 -37.81 18.03
CA ALA Q 54 -29.61 -37.75 16.68
C ALA Q 54 -28.61 -38.87 16.46
N ALA Q 55 -28.17 -39.49 17.55
CA ALA Q 55 -27.24 -40.60 17.48
C ALA Q 55 -28.01 -41.91 17.29
N ARG Q 56 -29.21 -41.95 17.86
CA ARG Q 56 -30.06 -43.13 17.78
C ARG Q 56 -30.58 -43.33 16.35
N ASP Q 57 -30.69 -42.24 15.60
CA ASP Q 57 -31.15 -42.30 14.23
C ASP Q 57 -30.03 -42.73 13.29
N ASN Q 58 -28.78 -42.59 13.76
CA ASN Q 58 -27.62 -43.03 13.01
C ASN Q 58 -27.20 -44.43 13.41
N LYS Q 59 -28.01 -45.07 14.25
CA LYS Q 59 -27.76 -46.42 14.73
C LYS Q 59 -26.42 -46.53 15.45
N LYS Q 60 -26.01 -45.43 16.08
CA LYS Q 60 -24.74 -45.40 16.81
C LYS Q 60 -24.97 -45.07 18.29
N THR Q 61 -24.19 -45.71 19.15
CA THR Q 61 -24.32 -45.51 20.59
C THR Q 61 -23.25 -44.57 21.13
N ARG Q 62 -22.34 -44.14 20.26
CA ARG Q 62 -21.33 -43.17 20.66
C ARG Q 62 -21.53 -41.86 19.91
N ILE Q 63 -21.62 -40.76 20.67
CA ILE Q 63 -21.85 -39.45 20.09
C ILE Q 63 -20.57 -38.89 19.45
N ILE Q 64 -20.64 -38.65 18.14
CA ILE Q 64 -19.53 -38.08 17.39
C ILE Q 64 -19.84 -36.63 17.06
N PRO Q 65 -18.80 -35.83 16.75
CA PRO Q 65 -18.98 -34.42 16.36
C PRO Q 65 -20.10 -34.19 15.34
N ARG Q 66 -20.30 -35.15 14.44
CA ARG Q 66 -21.38 -35.06 13.46
C ARG Q 66 -22.75 -35.01 14.14
N HIS Q 67 -22.91 -35.80 15.19
CA HIS Q 67 -24.16 -35.83 15.94
C HIS Q 67 -24.45 -34.50 16.63
N LEU Q 68 -23.42 -33.93 17.24
CA LEU Q 68 -23.54 -32.65 17.93
C LEU Q 68 -23.94 -31.53 16.96
N GLN Q 69 -23.34 -31.53 15.78
CA GLN Q 69 -23.64 -30.53 14.76
C GLN Q 69 -25.10 -30.63 14.33
N LEU Q 70 -25.57 -31.84 14.10
CA LEU Q 70 -26.96 -32.07 13.70
C LEU Q 70 -27.93 -31.61 14.78
N ALA Q 71 -27.52 -31.76 16.04
CA ALA Q 71 -28.35 -31.38 17.17
C ALA Q 71 -28.51 -29.86 17.27
N ILE Q 72 -27.39 -29.15 17.23
CA ILE Q 72 -27.38 -27.70 17.40
C ILE Q 72 -28.07 -26.98 16.25
N ARG Q 73 -27.80 -27.40 15.02
CA ARG Q 73 -28.30 -26.69 13.85
C ARG Q 73 -29.76 -27.02 13.52
N ASN Q 74 -30.41 -27.81 14.36
CA ASN Q 74 -31.80 -28.16 14.16
C ASN Q 74 -32.70 -27.59 15.25
N ASP Q 75 -32.09 -26.84 16.16
CA ASP Q 75 -32.84 -26.17 17.22
C ASP Q 75 -32.66 -24.67 17.08
N GLU Q 76 -33.78 -23.95 17.02
CA GLU Q 76 -33.78 -22.50 16.81
C GLU Q 76 -32.91 -21.78 17.84
N GLU Q 77 -33.17 -22.05 19.12
CA GLU Q 77 -32.47 -21.38 20.21
C GLU Q 77 -30.99 -21.75 20.28
N LEU Q 78 -30.68 -23.01 20.03
CA LEU Q 78 -29.29 -23.46 20.08
C LEU Q 78 -28.47 -22.90 18.93
N ASN Q 79 -29.04 -22.94 17.73
CA ASN Q 79 -28.36 -22.42 16.54
C ASN Q 79 -28.10 -20.92 16.64
N LYS Q 80 -29.03 -20.20 17.24
CA LYS Q 80 -28.87 -18.76 17.44
C LYS Q 80 -27.79 -18.49 18.46
N LEU Q 81 -27.72 -19.33 19.48
CA LEU Q 81 -26.73 -19.20 20.53
C LEU Q 81 -25.33 -19.52 20.02
N LEU Q 82 -25.21 -20.65 19.33
CA LEU Q 82 -23.93 -21.12 18.82
C LEU Q 82 -23.71 -20.74 17.36
N SER Q 83 -24.23 -19.58 16.97
CA SER Q 83 -24.13 -19.10 15.60
C SER Q 83 -22.69 -18.80 15.19
N GLY Q 84 -21.98 -18.07 16.03
CA GLY Q 84 -20.63 -17.64 15.70
C GLY Q 84 -19.57 -18.73 15.82
N VAL Q 85 -19.89 -19.80 16.54
CA VAL Q 85 -18.93 -20.88 16.74
C VAL Q 85 -19.16 -22.00 15.73
N THR Q 86 -18.07 -22.62 15.28
CA THR Q 86 -18.15 -23.72 14.33
C THR Q 86 -17.65 -25.01 14.95
N ILE Q 87 -18.47 -26.05 14.91
CA ILE Q 87 -18.10 -27.36 15.44
C ILE Q 87 -17.14 -28.06 14.50
N ALA Q 88 -15.99 -28.47 15.01
CA ALA Q 88 -14.98 -29.15 14.20
C ALA Q 88 -15.50 -30.46 13.64
N GLN Q 89 -15.17 -30.72 12.37
CA GLN Q 89 -15.63 -31.88 11.61
C GLN Q 89 -17.06 -32.31 11.92
N GLY Q 90 -17.95 -31.32 12.00
CA GLY Q 90 -19.35 -31.58 12.25
C GLY Q 90 -20.16 -31.58 10.97
N GLY Q 91 -19.62 -30.98 9.92
CA GLY Q 91 -20.29 -30.91 8.64
C GLY Q 91 -21.40 -29.89 8.63
N VAL Q 92 -22.21 -29.91 7.57
CA VAL Q 92 -23.33 -28.98 7.43
C VAL Q 92 -24.62 -29.75 7.18
N LEU Q 93 -25.75 -29.14 7.55
CA LEU Q 93 -27.05 -29.75 7.32
C LEU Q 93 -27.32 -29.93 5.83
N PRO Q 94 -27.75 -31.14 5.43
CA PRO Q 94 -28.07 -31.39 4.03
C PRO Q 94 -29.21 -30.49 3.56
N ASN Q 95 -28.84 -29.43 2.84
CA ASN Q 95 -29.82 -28.48 2.34
C ASN Q 95 -29.57 -28.12 0.87
N ILE Q 96 -30.55 -28.36 0.03
CA ILE Q 96 -30.47 -28.02 -1.38
C ILE Q 96 -31.54 -27.03 -1.75
N GLN Q 97 -31.17 -25.94 -2.42
CA GLN Q 97 -32.11 -24.90 -2.79
C GLN Q 97 -33.18 -25.44 -3.74
N ALA Q 98 -34.33 -24.76 -3.76
CA ALA Q 98 -35.48 -25.22 -4.52
C ALA Q 98 -35.24 -25.20 -6.03
N VAL Q 99 -34.68 -24.11 -6.53
CA VAL Q 99 -34.51 -23.92 -7.96
C VAL Q 99 -33.30 -24.71 -8.49
N LEU Q 100 -32.67 -25.47 -7.60
CA LEU Q 100 -31.51 -26.27 -7.98
C LEU Q 100 -31.91 -27.73 -8.22
N LEU Q 101 -33.18 -28.04 -7.96
CA LEU Q 101 -33.68 -29.40 -8.15
C LEU Q 101 -34.34 -29.56 -9.52
N PRO Q 102 -34.16 -30.74 -10.14
CA PRO Q 102 -34.74 -31.05 -11.44
C PRO Q 102 -36.27 -30.97 -11.44
N GLU R 1 -7.60 -31.47 34.03
CA GLU R 1 -8.12 -30.22 34.56
C GLU R 1 -9.29 -29.72 33.71
N SER R 2 -10.20 -30.61 33.37
CA SER R 2 -11.33 -30.28 32.52
C SER R 2 -12.66 -30.72 33.12
N TYR R 3 -13.72 -30.62 32.33
CA TYR R 3 -15.06 -31.01 32.77
C TYR R 3 -15.43 -32.38 32.24
N ALA R 4 -14.42 -33.14 31.82
CA ALA R 4 -14.63 -34.42 31.15
C ALA R 4 -15.50 -35.40 31.94
N ILE R 5 -15.24 -35.53 33.24
CA ILE R 5 -15.95 -36.50 34.06
C ILE R 5 -17.37 -36.07 34.39
N TYR R 6 -17.63 -34.76 34.36
CA TYR R 6 -18.95 -34.24 34.73
C TYR R 6 -19.94 -34.31 33.58
N ILE R 7 -19.47 -33.99 32.38
CA ILE R 7 -20.29 -34.06 31.18
C ILE R 7 -20.73 -35.51 30.95
N TYR R 8 -19.88 -36.45 31.34
CA TYR R 8 -20.18 -37.86 31.21
C TYR R 8 -21.29 -38.27 32.18
N LYS R 9 -21.27 -37.67 33.37
CA LYS R 9 -22.31 -37.89 34.37
C LYS R 9 -23.66 -37.38 33.88
N VAL R 10 -23.64 -36.19 33.29
CA VAL R 10 -24.85 -35.58 32.74
C VAL R 10 -25.39 -36.42 31.57
N LEU R 11 -24.48 -36.99 30.80
CA LEU R 11 -24.85 -37.83 29.66
C LEU R 11 -25.65 -39.07 30.07
N LYS R 12 -25.19 -39.72 31.13
CA LYS R 12 -25.84 -40.95 31.61
C LYS R 12 -27.24 -40.69 32.17
N GLN R 13 -27.50 -39.46 32.61
CA GLN R 13 -28.82 -39.09 33.09
C GLN R 13 -29.84 -39.02 31.95
N VAL R 14 -29.50 -38.29 30.90
CA VAL R 14 -30.39 -38.14 29.76
C VAL R 14 -30.33 -39.37 28.86
N HIS R 15 -29.22 -40.09 28.92
CA HIS R 15 -29.00 -41.27 28.08
C HIS R 15 -27.97 -42.21 28.68
N PRO R 16 -28.43 -43.14 29.54
CA PRO R 16 -27.54 -44.11 30.19
C PRO R 16 -27.02 -45.17 29.22
N ASP R 17 -27.69 -45.32 28.09
CA ASP R 17 -27.34 -46.34 27.12
C ASP R 17 -26.21 -45.92 26.18
N THR R 18 -26.27 -44.68 25.70
CA THR R 18 -25.28 -44.19 24.74
C THR R 18 -24.04 -43.62 25.43
N GLY R 19 -22.95 -43.54 24.68
CA GLY R 19 -21.72 -42.97 25.17
C GLY R 19 -21.26 -41.80 24.32
N ILE R 20 -20.03 -41.34 24.55
CA ILE R 20 -19.51 -40.19 23.82
C ILE R 20 -18.02 -40.37 23.49
N SER R 21 -17.66 -40.05 22.26
CA SER R 21 -16.27 -40.13 21.80
C SER R 21 -15.42 -39.03 22.43
N SER R 22 -14.11 -39.23 22.42
CA SER R 22 -13.19 -38.25 22.99
C SER R 22 -13.19 -36.96 22.18
N LYS R 23 -13.43 -37.09 20.87
CA LYS R 23 -13.47 -35.94 19.99
C LYS R 23 -14.64 -35.04 20.35
N ALA R 24 -15.81 -35.64 20.56
CA ALA R 24 -17.01 -34.90 20.93
C ALA R 24 -16.91 -34.40 22.37
N MET R 25 -16.16 -35.12 23.20
CA MET R 25 -15.95 -34.72 24.58
C MET R 25 -15.19 -33.41 24.66
N SER R 26 -14.18 -33.26 23.80
CA SER R 26 -13.41 -32.02 23.74
C SER R 26 -14.28 -30.87 23.28
N ILE R 27 -15.17 -31.15 22.33
CA ILE R 27 -16.12 -30.16 21.83
C ILE R 27 -17.06 -29.68 22.94
N MET R 28 -17.62 -30.64 23.66
CA MET R 28 -18.52 -30.32 24.77
C MET R 28 -17.79 -29.64 25.91
N ASN R 29 -16.53 -29.99 26.10
CA ASN R 29 -15.71 -29.36 27.13
C ASN R 29 -15.37 -27.93 26.76
N SER R 30 -15.13 -27.70 25.47
CA SER R 30 -14.89 -26.36 24.96
C SER R 30 -16.17 -25.55 25.01
N PHE R 31 -17.29 -26.24 24.89
CA PHE R 31 -18.61 -25.61 24.93
C PHE R 31 -18.89 -25.01 26.30
N VAL R 32 -18.80 -25.86 27.33
CA VAL R 32 -19.11 -25.42 28.70
C VAL R 32 -18.13 -24.35 29.18
N ASN R 33 -16.93 -24.33 28.61
CA ASN R 33 -15.96 -23.30 28.91
C ASN R 33 -16.35 -21.98 28.25
N ASP R 34 -16.78 -22.08 26.99
CA ASP R 34 -17.22 -20.92 26.23
C ASP R 34 -18.50 -20.36 26.82
N ILE R 35 -19.26 -21.19 27.52
CA ILE R 35 -20.47 -20.76 28.20
C ILE R 35 -20.10 -20.09 29.52
N PHE R 36 -19.10 -20.65 30.20
CA PHE R 36 -18.62 -20.11 31.47
C PHE R 36 -18.08 -18.69 31.30
N GLU R 37 -17.08 -18.55 30.46
CA GLU R 37 -16.40 -17.27 30.23
C GLU R 37 -17.35 -16.19 29.69
N ARG R 38 -18.28 -16.60 28.84
CA ARG R 38 -19.24 -15.67 28.25
C ARG R 38 -20.16 -15.04 29.29
N ILE R 39 -20.67 -15.85 30.21
CA ILE R 39 -21.58 -15.37 31.24
C ILE R 39 -20.83 -14.63 32.35
N ALA R 40 -19.67 -15.17 32.74
CA ALA R 40 -18.87 -14.58 33.81
C ALA R 40 -18.44 -13.16 33.45
N ALA R 41 -17.99 -12.97 32.21
CA ALA R 41 -17.57 -11.66 31.74
C ALA R 41 -18.73 -10.67 31.73
N GLU R 42 -19.88 -11.12 31.22
CA GLU R 42 -21.07 -10.28 31.16
C GLU R 42 -21.55 -9.88 32.55
N ALA R 43 -21.48 -10.82 33.48
CA ALA R 43 -21.89 -10.57 34.86
C ALA R 43 -20.93 -9.59 35.53
N SER R 44 -19.64 -9.76 35.27
CA SER R 44 -18.61 -8.88 35.79
C SER R 44 -18.79 -7.46 35.27
N ARG R 45 -19.00 -7.35 33.96
CA ARG R 45 -19.22 -6.07 33.30
C ARG R 45 -20.51 -5.43 33.81
N LEU R 46 -21.46 -6.27 34.22
CA LEU R 46 -22.75 -5.81 34.71
C LEU R 46 -22.62 -5.14 36.07
N ALA R 47 -21.83 -5.74 36.96
CA ALA R 47 -21.61 -5.19 38.29
C ALA R 47 -20.80 -3.90 38.22
N HIS R 48 -19.90 -3.84 37.25
CA HIS R 48 -19.07 -2.65 37.02
C HIS R 48 -19.95 -1.45 36.65
N TYR R 49 -21.00 -1.71 35.89
CA TYR R 49 -21.94 -0.68 35.49
C TYR R 49 -22.65 -0.06 36.70
N ASN R 50 -22.98 -0.89 37.67
CA ASN R 50 -23.71 -0.45 38.85
C ASN R 50 -22.79 -0.11 40.02
N LYS R 51 -21.49 -0.04 39.73
CA LYS R 51 -20.47 0.30 40.72
C LYS R 51 -20.47 -0.64 41.91
N ARG R 52 -20.91 -1.88 41.68
CA ARG R 52 -20.89 -2.89 42.73
C ARG R 52 -19.64 -3.75 42.61
N SER R 53 -19.03 -4.08 43.75
CA SER R 53 -17.79 -4.85 43.77
C SER R 53 -18.04 -6.33 44.01
N THR R 54 -19.31 -6.73 43.94
CA THR R 54 -19.68 -8.12 44.21
C THR R 54 -20.53 -8.72 43.09
N ILE R 55 -20.08 -9.87 42.57
CA ILE R 55 -20.90 -10.66 41.66
C ILE R 55 -21.75 -11.60 42.49
N THR R 56 -23.07 -11.55 42.29
CA THR R 56 -23.99 -12.38 43.04
C THR R 56 -24.88 -13.19 42.12
N SER R 57 -25.81 -13.95 42.71
CA SER R 57 -26.75 -14.76 41.94
C SER R 57 -27.60 -13.90 41.02
N ARG R 58 -27.86 -12.66 41.43
CA ARG R 58 -28.67 -11.74 40.65
C ARG R 58 -27.96 -11.32 39.37
N GLU R 59 -26.65 -11.14 39.44
CA GLU R 59 -25.86 -10.78 38.27
C GLU R 59 -25.81 -11.91 37.26
N ILE R 60 -25.60 -13.13 37.75
CA ILE R 60 -25.55 -14.30 36.87
C ILE R 60 -26.88 -14.52 36.17
N GLN R 61 -27.97 -14.31 36.90
CA GLN R 61 -29.31 -14.46 36.35
C GLN R 61 -29.59 -13.42 35.26
N THR R 62 -29.23 -12.17 35.54
CA THR R 62 -29.44 -11.09 34.59
C THR R 62 -28.57 -11.29 33.34
N ALA R 63 -27.38 -11.87 33.54
CA ALA R 63 -26.48 -12.16 32.43
C ALA R 63 -27.06 -13.21 31.50
N VAL R 64 -27.73 -14.20 32.09
CA VAL R 64 -28.38 -15.27 31.33
C VAL R 64 -29.45 -14.72 30.39
N ARG R 65 -30.29 -13.82 30.91
CA ARG R 65 -31.36 -13.23 30.12
C ARG R 65 -30.82 -12.38 28.98
N LEU R 66 -29.59 -11.89 29.13
CA LEU R 66 -28.95 -11.08 28.10
C LEU R 66 -28.31 -11.95 27.03
N LEU R 67 -27.71 -13.06 27.45
CA LEU R 67 -26.99 -13.95 26.55
C LEU R 67 -27.89 -15.01 25.94
N LEU R 68 -28.44 -15.87 26.78
CA LEU R 68 -29.32 -16.94 26.34
C LEU R 68 -30.58 -16.38 25.67
N PRO R 69 -30.89 -16.87 24.45
CA PRO R 69 -32.05 -16.40 23.70
C PRO R 69 -33.35 -16.94 24.29
N GLY R 70 -34.47 -16.42 23.81
CA GLY R 70 -35.79 -16.84 24.26
C GLY R 70 -35.97 -18.34 24.33
N GLU R 71 -36.89 -18.79 25.19
CA GLU R 71 -37.20 -20.21 25.43
C GLU R 71 -36.07 -20.95 26.14
N LEU R 72 -34.83 -20.54 25.92
CA LEU R 72 -33.69 -21.15 26.60
C LEU R 72 -33.37 -20.43 27.90
N ALA R 73 -33.48 -19.10 27.85
CA ALA R 73 -33.20 -18.25 29.00
C ALA R 73 -34.17 -18.54 30.14
N LYS R 74 -35.42 -18.77 29.78
CA LYS R 74 -36.48 -19.01 30.76
C LYS R 74 -36.19 -20.26 31.59
N HIS R 75 -35.93 -21.37 30.92
CA HIS R 75 -35.64 -22.63 31.60
C HIS R 75 -34.31 -22.58 32.36
N ALA R 76 -33.35 -21.83 31.81
CA ALA R 76 -32.05 -21.69 32.45
C ALA R 76 -32.16 -20.93 33.77
N VAL R 77 -32.98 -19.89 33.79
CA VAL R 77 -33.22 -19.12 35.00
C VAL R 77 -33.91 -19.97 36.05
N SER R 78 -34.93 -20.71 35.61
CA SER R 78 -35.67 -21.60 36.51
C SER R 78 -34.76 -22.64 37.14
N GLU R 79 -33.93 -23.27 36.32
CA GLU R 79 -33.00 -24.29 36.79
C GLU R 79 -32.02 -23.72 37.81
N GLY R 80 -31.65 -22.46 37.63
CA GLY R 80 -30.76 -21.79 38.55
C GLY R 80 -31.48 -21.36 39.82
N THR R 81 -32.66 -20.79 39.65
CA THR R 81 -33.46 -20.32 40.78
C THR R 81 -33.84 -21.48 41.71
N LYS R 82 -34.25 -22.59 41.12
CA LYS R 82 -34.62 -23.77 41.90
C LYS R 82 -33.43 -24.27 42.71
N ALA R 83 -32.24 -24.24 42.10
CA ALA R 83 -31.02 -24.69 42.75
C ALA R 83 -30.63 -23.81 43.94
N VAL R 84 -30.59 -22.50 43.71
CA VAL R 84 -30.20 -21.54 44.75
C VAL R 84 -31.11 -21.62 45.99
N THR R 85 -32.41 -21.69 45.76
CA THR R 85 -33.37 -21.74 46.87
C THR R 85 -33.21 -23.03 47.68
N LYS R 86 -32.65 -24.04 47.03
CA LYS R 86 -32.35 -25.31 47.68
C LYS R 86 -31.09 -25.24 48.53
N TYR R 87 -30.13 -24.44 48.09
CA TYR R 87 -28.82 -24.41 48.74
C TYR R 87 -28.81 -23.42 49.90
N THR R 88 -29.97 -22.83 50.19
CA THR R 88 -30.09 -21.93 51.31
C THR R 88 -30.35 -22.80 52.53
N SER R 89 -31.00 -23.94 52.28
CA SER R 89 -31.27 -24.91 53.32
C SER R 89 -30.28 -26.06 53.20
N SER R 90 -30.62 -27.20 53.80
CA SER R 90 -29.77 -28.39 53.77
C SER R 90 -28.36 -28.13 54.29
N ARG S 1 -27.00 -40.63 -14.78
CA ARG S 1 -26.74 -39.19 -14.74
C ARG S 1 -25.97 -38.75 -15.99
N TYR S 2 -26.61 -38.94 -17.14
CA TYR S 2 -26.02 -38.61 -18.43
C TYR S 2 -26.37 -37.19 -18.88
N ARG S 3 -26.85 -36.38 -17.95
CA ARG S 3 -27.33 -35.05 -18.29
C ARG S 3 -26.60 -33.94 -17.52
N PRO S 4 -26.37 -32.80 -18.18
CA PRO S 4 -25.66 -31.65 -17.61
C PRO S 4 -26.34 -31.06 -16.37
N GLY S 5 -25.91 -31.49 -15.19
CA GLY S 5 -26.47 -30.98 -13.95
C GLY S 5 -26.96 -32.05 -13.01
N THR S 6 -27.07 -33.28 -13.50
CA THR S 6 -27.57 -34.38 -12.69
C THR S 6 -26.52 -34.86 -11.68
N VAL S 7 -25.27 -34.99 -12.13
CA VAL S 7 -24.20 -35.41 -11.23
C VAL S 7 -23.93 -34.31 -10.22
N ALA S 8 -24.14 -33.06 -10.65
CA ALA S 8 -23.96 -31.90 -9.80
C ALA S 8 -24.81 -32.01 -8.54
N LEU S 9 -26.07 -32.40 -8.71
CA LEU S 9 -26.95 -32.62 -7.58
C LEU S 9 -26.51 -33.83 -6.76
N ARG S 10 -25.98 -34.83 -7.46
CA ARG S 10 -25.55 -36.07 -6.82
C ARG S 10 -24.36 -35.87 -5.89
N GLU S 11 -23.43 -35.01 -6.29
CA GLU S 11 -22.25 -34.76 -5.47
C GLU S 11 -22.57 -33.83 -4.31
N ILE S 12 -23.61 -33.00 -4.47
CA ILE S 12 -24.04 -32.12 -3.39
C ILE S 12 -24.43 -32.92 -2.15
N ARG S 13 -25.40 -33.81 -2.30
CA ARG S 13 -25.93 -34.56 -1.18
C ARG S 13 -24.94 -35.56 -0.59
N ARG S 14 -23.98 -36.02 -1.39
CA ARG S 14 -23.01 -36.98 -0.91
C ARG S 14 -21.93 -36.31 -0.07
N TYR S 15 -21.71 -35.02 -0.29
CA TYR S 15 -20.70 -34.27 0.45
C TYR S 15 -21.31 -33.58 1.67
N GLN S 16 -22.56 -33.15 1.56
CA GLN S 16 -23.27 -32.58 2.69
C GLN S 16 -23.50 -33.64 3.77
N LYS S 17 -23.68 -34.87 3.33
CA LYS S 17 -23.90 -35.99 4.24
C LYS S 17 -22.62 -36.39 4.96
N SER S 18 -21.49 -36.16 4.31
CA SER S 18 -20.19 -36.56 4.86
C SER S 18 -19.59 -35.44 5.71
N THR S 19 -18.61 -35.80 6.53
CA THR S 19 -17.95 -34.85 7.42
C THR S 19 -16.46 -34.77 7.15
N GLU S 20 -16.00 -35.52 6.15
CA GLU S 20 -14.58 -35.57 5.79
C GLU S 20 -14.08 -34.23 5.26
N LEU S 21 -12.78 -33.96 5.47
CA LEU S 21 -12.16 -32.76 4.92
C LEU S 21 -12.12 -32.85 3.41
N LEU S 22 -12.52 -31.77 2.74
CA LEU S 22 -12.67 -31.78 1.29
C LEU S 22 -11.40 -31.39 0.53
N ILE S 23 -10.42 -30.86 1.26
CA ILE S 23 -9.14 -30.52 0.64
C ILE S 23 -8.02 -31.40 1.18
N ARG S 24 -7.00 -31.61 0.36
CA ARG S 24 -5.89 -32.49 0.73
C ARG S 24 -5.07 -31.91 1.88
N LYS S 25 -4.55 -32.81 2.71
CA LYS S 25 -3.84 -32.40 3.93
C LYS S 25 -2.46 -31.80 3.66
N LEU S 26 -1.67 -32.47 2.82
CA LEU S 26 -0.29 -32.06 2.59
C LEU S 26 -0.14 -30.74 1.81
N PRO S 27 -0.95 -30.54 0.75
CA PRO S 27 -0.86 -29.22 0.09
C PRO S 27 -1.24 -28.09 1.05
N PHE S 28 -2.24 -28.33 1.88
CA PHE S 28 -2.66 -27.33 2.87
C PHE S 28 -1.59 -27.19 3.93
N GLN S 29 -0.90 -28.29 4.22
CA GLN S 29 0.18 -28.30 5.21
C GLN S 29 1.29 -27.32 4.87
N ARG S 30 1.80 -27.40 3.64
CA ARG S 30 2.89 -26.55 3.21
C ARG S 30 2.42 -25.13 2.89
N LEU S 31 1.12 -24.98 2.61
CA LEU S 31 0.54 -23.67 2.33
C LEU S 31 0.58 -22.78 3.56
N VAL S 32 0.32 -23.37 4.72
CA VAL S 32 0.34 -22.64 5.98
C VAL S 32 1.78 -22.24 6.34
N ARG S 33 2.73 -23.10 5.96
CA ARG S 33 4.15 -22.84 6.21
C ARG S 33 4.60 -21.56 5.52
N GLU S 34 4.25 -21.42 4.26
CA GLU S 34 4.64 -20.26 3.45
C GLU S 34 4.08 -18.96 4.01
N ILE S 35 2.79 -18.98 4.33
CA ILE S 35 2.10 -17.79 4.82
C ILE S 35 2.66 -17.33 6.17
N ALA S 36 2.99 -18.28 7.03
CA ALA S 36 3.54 -17.96 8.35
C ALA S 36 4.97 -17.46 8.26
N GLN S 37 5.64 -17.80 7.17
CA GLN S 37 7.04 -17.41 6.96
C GLN S 37 7.19 -15.90 6.84
N ASP S 38 6.16 -15.25 6.30
CA ASP S 38 6.18 -13.81 6.10
C ASP S 38 6.17 -13.05 7.42
N PHE S 39 5.49 -13.60 8.41
CA PHE S 39 5.38 -12.96 9.71
C PHE S 39 6.57 -13.29 10.59
N LYS S 40 6.96 -14.57 10.61
CA LYS S 40 8.11 -15.03 11.37
C LYS S 40 8.77 -16.21 10.67
N THR S 41 10.10 -16.25 10.67
CA THR S 41 10.84 -17.30 10.00
C THR S 41 11.10 -18.48 10.94
N ASP S 42 11.23 -19.66 10.35
CA ASP S 42 11.49 -20.90 11.10
C ASP S 42 10.43 -21.13 12.18
N LEU S 43 9.21 -21.46 11.74
CA LEU S 43 8.12 -21.75 12.66
C LEU S 43 7.72 -23.22 12.61
N ARG S 44 7.29 -23.75 13.75
CA ARG S 44 6.85 -25.14 13.82
C ARG S 44 5.36 -25.22 14.16
N PHE S 45 4.69 -26.21 13.58
CA PHE S 45 3.25 -26.36 13.77
C PHE S 45 2.89 -27.70 14.38
N GLN S 46 2.07 -27.69 15.42
CA GLN S 46 1.56 -28.92 16.00
C GLN S 46 0.65 -29.63 15.00
N SER S 47 0.57 -30.95 15.11
CA SER S 47 -0.25 -31.76 14.21
C SER S 47 -1.72 -31.37 14.29
N SER S 48 -2.17 -30.96 15.46
CA SER S 48 -3.54 -30.54 15.67
C SER S 48 -3.75 -29.08 15.28
N ALA S 49 -2.68 -28.30 15.35
CA ALA S 49 -2.73 -26.88 15.03
C ALA S 49 -3.08 -26.66 13.56
N VAL S 50 -2.50 -27.48 12.69
CA VAL S 50 -2.77 -27.38 11.26
C VAL S 50 -4.19 -27.82 10.94
N MET S 51 -4.65 -28.87 11.61
CA MET S 51 -6.02 -29.36 11.44
C MET S 51 -7.05 -28.31 11.86
N ALA S 52 -6.71 -27.57 12.91
CA ALA S 52 -7.58 -26.49 13.39
C ALA S 52 -7.76 -25.42 12.31
N LEU S 53 -6.66 -25.11 11.63
CA LEU S 53 -6.70 -24.17 10.51
C LEU S 53 -7.56 -24.70 9.36
N GLN S 54 -7.41 -25.98 9.05
CA GLN S 54 -8.10 -26.58 7.92
C GLN S 54 -9.60 -26.68 8.15
N GLU S 55 -10.00 -26.97 9.38
CA GLU S 55 -11.42 -27.07 9.74
C GLU S 55 -12.12 -25.73 9.57
N ALA S 56 -11.55 -24.68 10.15
CA ALA S 56 -12.14 -23.35 10.08
C ALA S 56 -12.17 -22.80 8.66
N SER S 57 -11.14 -23.12 7.89
CA SER S 57 -11.04 -22.65 6.51
C SER S 57 -12.13 -23.24 5.64
N GLU S 58 -12.28 -24.57 5.68
CA GLU S 58 -13.31 -25.25 4.93
C GLU S 58 -14.69 -24.77 5.36
N ALA S 59 -14.89 -24.66 6.67
CA ALA S 59 -16.15 -24.21 7.24
C ALA S 59 -16.50 -22.82 6.75
N TYR S 60 -15.52 -21.92 6.76
CA TYR S 60 -15.72 -20.56 6.28
C TYR S 60 -16.06 -20.53 4.79
N LEU S 61 -15.33 -21.30 4.01
CA LEU S 61 -15.54 -21.36 2.57
C LEU S 61 -16.93 -21.89 2.22
N VAL S 62 -17.32 -22.99 2.87
CA VAL S 62 -18.64 -23.58 2.67
C VAL S 62 -19.73 -22.57 3.01
N GLY S 63 -19.58 -21.90 4.14
CA GLY S 63 -20.52 -20.86 4.54
C GLY S 63 -20.59 -19.72 3.54
N LEU S 64 -19.44 -19.37 2.97
CA LEU S 64 -19.39 -18.30 1.97
C LEU S 64 -20.07 -18.74 0.68
N PHE S 65 -19.89 -20.01 0.31
CA PHE S 65 -20.52 -20.54 -0.90
C PHE S 65 -22.04 -20.57 -0.78
N GLU S 66 -22.53 -20.80 0.43
CA GLU S 66 -23.97 -20.77 0.69
C GLU S 66 -24.50 -19.37 0.44
N ASP S 67 -23.81 -18.39 1.02
CA ASP S 67 -24.16 -16.99 0.83
C ASP S 67 -23.95 -16.55 -0.62
N THR S 68 -22.94 -17.12 -1.27
CA THR S 68 -22.67 -16.83 -2.67
C THR S 68 -23.81 -17.32 -3.55
N ASN S 69 -24.23 -18.56 -3.34
CA ASN S 69 -25.30 -19.16 -4.10
C ASN S 69 -26.61 -18.40 -3.94
N LEU S 70 -26.85 -17.90 -2.73
CA LEU S 70 -28.05 -17.13 -2.44
C LEU S 70 -28.07 -15.83 -3.26
N CYS S 71 -26.89 -15.23 -3.42
CA CYS S 71 -26.76 -14.03 -4.25
C CYS S 71 -26.90 -14.38 -5.72
N ALA S 72 -26.43 -15.57 -6.10
CA ALA S 72 -26.51 -16.04 -7.47
C ALA S 72 -27.95 -16.27 -7.91
N ILE S 73 -28.70 -17.02 -7.11
CA ILE S 73 -30.09 -17.31 -7.39
C ILE S 73 -30.92 -16.03 -7.42
N HIS S 74 -30.56 -15.08 -6.58
CA HIS S 74 -31.25 -13.79 -6.51
C HIS S 74 -31.10 -13.01 -7.82
N ALA S 75 -30.01 -13.27 -8.53
CA ALA S 75 -29.78 -12.63 -9.83
C ALA S 75 -30.41 -13.46 -10.96
N LYS S 76 -31.34 -14.32 -10.59
CA LYS S 76 -32.08 -15.17 -11.54
C LYS S 76 -31.15 -16.07 -12.36
N ARG S 77 -30.04 -16.48 -11.77
CA ARG S 77 -29.13 -17.43 -12.41
C ARG S 77 -28.78 -18.55 -11.43
N VAL S 78 -28.44 -19.72 -11.97
CA VAL S 78 -28.12 -20.87 -11.14
C VAL S 78 -26.61 -21.10 -11.08
N THR S 79 -25.87 -20.32 -11.85
CA THR S 79 -24.42 -20.44 -11.88
C THR S 79 -23.77 -19.34 -11.05
N ILE S 80 -22.88 -19.74 -10.15
CA ILE S 80 -22.18 -18.77 -9.30
C ILE S 80 -21.01 -18.14 -10.04
N MET S 81 -20.91 -16.82 -9.93
CA MET S 81 -19.83 -16.08 -10.57
C MET S 81 -19.11 -15.22 -9.52
N PRO S 82 -17.87 -14.81 -9.81
CA PRO S 82 -17.11 -13.93 -8.89
C PRO S 82 -17.89 -12.69 -8.50
N LYS S 83 -18.81 -12.26 -9.36
CA LYS S 83 -19.70 -11.14 -9.07
C LYS S 83 -20.51 -11.42 -7.81
N ASP S 84 -20.89 -12.67 -7.62
CA ASP S 84 -21.69 -13.09 -6.48
C ASP S 84 -20.86 -13.16 -5.20
N ILE S 85 -19.65 -13.70 -5.33
CA ILE S 85 -18.75 -13.83 -4.18
C ILE S 85 -18.39 -12.48 -3.58
N GLN S 86 -18.06 -11.52 -4.45
CA GLN S 86 -17.66 -10.20 -4.02
C GLN S 86 -18.78 -9.49 -3.25
N LEU S 87 -20.00 -9.61 -3.74
CA LEU S 87 -21.15 -9.01 -3.07
C LEU S 87 -21.39 -9.66 -1.72
N ALA S 88 -21.21 -10.99 -1.67
CA ALA S 88 -21.40 -11.75 -0.44
C ALA S 88 -20.47 -11.25 0.66
N ARG S 89 -19.26 -10.88 0.28
CA ARG S 89 -18.29 -10.35 1.24
C ARG S 89 -18.61 -8.92 1.61
N ARG S 90 -19.12 -8.15 0.66
CA ARG S 90 -19.44 -6.75 0.87
C ARG S 90 -20.57 -6.57 1.88
N ILE S 91 -21.61 -7.41 1.75
CA ILE S 91 -22.75 -7.32 2.64
C ILE S 91 -22.39 -7.83 4.04
N ARG S 92 -21.57 -8.87 4.08
CA ARG S 92 -21.09 -9.45 5.33
C ARG S 92 -20.36 -8.40 6.18
N GLY S 93 -19.70 -7.47 5.50
CA GLY S 93 -18.96 -6.43 6.18
C GLY S 93 -17.48 -6.73 6.29
N ILE S 94 -16.85 -6.17 7.33
CA ILE S 94 -15.42 -6.33 7.54
C ILE S 94 -15.05 -7.62 8.28
N GLU S 95 -15.99 -8.17 9.04
CA GLU S 95 -15.75 -9.42 9.74
C GLU S 95 -16.01 -10.62 8.83
N GLY S 96 -16.91 -10.44 7.86
CA GLY S 96 -17.25 -11.50 6.94
C GLY S 96 -16.37 -11.47 5.70
N GLY S 97 -15.07 -11.64 5.89
CA GLY S 97 -14.14 -11.66 4.79
C GLY S 97 -13.40 -10.36 4.57
N LEU S 98 -12.15 -10.32 5.01
CA LEU S 98 -11.31 -9.14 4.84
C LEU S 98 -9.83 -9.49 5.01
N ASP T 1 2.44 -20.54 -6.49
CA ASP T 1 2.84 -21.91 -6.75
C ASP T 1 2.29 -22.86 -5.68
N ASN T 2 2.44 -22.46 -4.41
CA ASN T 2 1.95 -23.27 -3.31
C ASN T 2 0.49 -22.96 -3.01
N ILE T 3 0.06 -21.76 -3.39
CA ILE T 3 -1.34 -21.37 -3.27
C ILE T 3 -2.18 -22.23 -4.22
N GLN T 4 -1.52 -22.76 -5.25
CA GLN T 4 -2.15 -23.68 -6.18
C GLN T 4 -2.13 -25.11 -5.62
N GLY T 5 -1.69 -25.23 -4.37
CA GLY T 5 -1.69 -26.52 -3.68
C GLY T 5 -3.09 -27.10 -3.59
N ILE T 6 -4.05 -26.25 -3.25
CA ILE T 6 -5.45 -26.64 -3.32
C ILE T 6 -5.84 -26.72 -4.80
N THR T 7 -6.73 -27.64 -5.13
CA THR T 7 -7.01 -27.94 -6.53
C THR T 7 -8.41 -27.50 -6.96
N LYS T 8 -8.70 -27.67 -8.24
CA LYS T 8 -10.00 -27.32 -8.80
C LYS T 8 -11.13 -28.23 -8.25
N PRO T 9 -10.93 -29.55 -8.25
CA PRO T 9 -12.02 -30.37 -7.67
C PRO T 9 -12.16 -30.17 -6.16
N ALA T 10 -11.07 -29.76 -5.51
CA ALA T 10 -11.10 -29.47 -4.08
C ALA T 10 -12.06 -28.31 -3.80
N ILE T 11 -11.89 -27.22 -4.53
CA ILE T 11 -12.79 -26.08 -4.43
C ILE T 11 -14.18 -26.45 -4.92
N ARG T 12 -14.23 -27.27 -5.97
CA ARG T 12 -15.49 -27.67 -6.58
C ARG T 12 -16.39 -28.42 -5.61
N ARG T 13 -15.80 -29.28 -4.79
CA ARG T 13 -16.57 -30.07 -3.84
C ARG T 13 -16.88 -29.25 -2.58
N LEU T 14 -16.05 -28.26 -2.31
CA LEU T 14 -16.31 -27.32 -1.21
C LEU T 14 -17.57 -26.52 -1.50
N ALA T 15 -17.82 -26.26 -2.77
CA ALA T 15 -19.00 -25.51 -3.19
C ALA T 15 -20.23 -26.42 -3.23
N ARG T 16 -19.99 -27.71 -3.43
CA ARG T 16 -21.06 -28.70 -3.39
C ARG T 16 -21.63 -28.80 -1.98
N ARG T 17 -20.74 -28.81 -1.00
CA ARG T 17 -21.14 -28.82 0.40
C ARG T 17 -21.89 -27.54 0.74
N GLY T 18 -21.56 -26.46 0.03
CA GLY T 18 -22.26 -25.20 0.18
C GLY T 18 -23.61 -25.22 -0.49
N GLY T 19 -23.84 -26.23 -1.31
CA GLY T 19 -25.13 -26.41 -1.97
C GLY T 19 -25.32 -25.56 -3.21
N VAL T 20 -24.34 -25.59 -4.11
CA VAL T 20 -24.47 -24.88 -5.38
C VAL T 20 -24.55 -25.90 -6.53
N LYS T 21 -25.15 -25.48 -7.64
CA LYS T 21 -25.36 -26.39 -8.77
C LYS T 21 -24.30 -26.20 -9.84
N ARG T 22 -24.25 -25.01 -10.43
CA ARG T 22 -23.29 -24.74 -11.49
C ARG T 22 -22.25 -23.71 -11.03
N ILE T 23 -20.98 -23.99 -11.31
CA ILE T 23 -19.89 -23.14 -10.88
C ILE T 23 -19.07 -22.63 -12.07
N SER T 24 -18.86 -21.32 -12.12
CA SER T 24 -18.10 -20.71 -13.21
C SER T 24 -16.61 -21.05 -13.12
N GLY T 25 -15.85 -20.63 -14.12
CA GLY T 25 -14.43 -20.92 -14.20
C GLY T 25 -13.58 -19.98 -13.37
N LEU T 26 -13.97 -18.71 -13.32
CA LEU T 26 -13.21 -17.69 -12.61
C LEU T 26 -13.37 -17.83 -11.09
N ILE T 27 -14.30 -18.67 -10.67
CA ILE T 27 -14.56 -18.91 -9.25
C ILE T 27 -13.35 -19.48 -8.52
N TYR T 28 -12.70 -20.46 -9.14
CA TYR T 28 -11.60 -21.19 -8.52
C TYR T 28 -10.43 -20.29 -8.12
N GLU T 29 -10.15 -19.29 -8.94
CA GLU T 29 -9.07 -18.35 -8.63
C GLU T 29 -9.48 -17.36 -7.54
N GLU T 30 -10.73 -16.92 -7.59
CA GLU T 30 -11.26 -16.01 -6.59
C GLU T 30 -11.28 -16.68 -5.22
N THR T 31 -11.50 -17.99 -5.21
CA THR T 31 -11.53 -18.77 -3.98
C THR T 31 -10.13 -18.88 -3.38
N ARG T 32 -9.13 -19.01 -4.25
CA ARG T 32 -7.73 -19.05 -3.80
C ARG T 32 -7.37 -17.74 -3.11
N GLY T 33 -7.97 -16.65 -3.58
CA GLY T 33 -7.75 -15.34 -2.99
C GLY T 33 -8.27 -15.25 -1.57
N VAL T 34 -9.56 -15.54 -1.40
CA VAL T 34 -10.19 -15.44 -0.08
C VAL T 34 -9.63 -16.45 0.91
N LEU T 35 -9.05 -17.53 0.38
CA LEU T 35 -8.43 -18.55 1.23
C LEU T 35 -7.10 -18.04 1.75
N LYS T 36 -6.31 -17.43 0.86
CA LYS T 36 -5.02 -16.88 1.24
C LYS T 36 -5.19 -15.67 2.15
N VAL T 37 -6.28 -14.93 1.93
CA VAL T 37 -6.58 -13.76 2.76
C VAL T 37 -7.01 -14.19 4.15
N PHE T 38 -7.88 -15.20 4.23
CA PHE T 38 -8.37 -15.70 5.50
C PHE T 38 -7.24 -16.27 6.35
N LEU T 39 -6.40 -17.09 5.73
CA LEU T 39 -5.29 -17.73 6.43
C LEU T 39 -4.31 -16.69 6.97
N GLU T 40 -4.06 -15.65 6.19
CA GLU T 40 -3.14 -14.59 6.60
C GLU T 40 -3.62 -13.92 7.88
N ASN T 41 -4.90 -13.58 7.93
CA ASN T 41 -5.46 -12.90 9.10
C ASN T 41 -5.41 -13.78 10.34
N VAL T 42 -5.67 -15.07 10.17
CA VAL T 42 -5.66 -16.00 11.29
C VAL T 42 -4.24 -16.26 11.78
N ILE T 43 -3.35 -16.59 10.85
CA ILE T 43 -1.97 -16.91 11.19
C ILE T 43 -1.25 -15.71 11.81
N ARG T 44 -1.51 -14.52 11.29
CA ARG T 44 -0.91 -13.30 11.84
C ARG T 44 -1.20 -13.15 13.33
N ASP T 45 -2.45 -13.34 13.70
CA ASP T 45 -2.85 -13.25 15.10
C ASP T 45 -2.34 -14.45 15.89
N ALA T 46 -2.32 -15.61 15.26
CA ALA T 46 -1.87 -16.84 15.90
C ALA T 46 -0.38 -16.78 16.26
N VAL T 47 0.43 -16.37 15.28
CA VAL T 47 1.87 -16.23 15.49
C VAL T 47 2.16 -15.16 16.54
N THR T 48 1.33 -14.12 16.54
CA THR T 48 1.48 -13.03 17.51
C THR T 48 1.38 -13.55 18.94
N TYR T 49 0.45 -14.47 19.17
CA TYR T 49 0.32 -15.12 20.47
C TYR T 49 1.55 -15.96 20.79
N THR T 50 2.05 -16.66 19.77
CA THR T 50 3.21 -17.53 19.93
C THR T 50 4.45 -16.73 20.31
N GLU T 51 4.63 -15.57 19.67
CA GLU T 51 5.80 -14.74 19.91
C GLU T 51 5.77 -14.14 21.32
N HIS T 52 4.58 -13.82 21.80
CA HIS T 52 4.40 -13.27 23.14
C HIS T 52 4.70 -14.34 24.19
N ALA T 53 4.54 -15.60 23.81
CA ALA T 53 4.79 -16.72 24.70
C ALA T 53 6.25 -17.17 24.64
N LYS T 54 7.06 -16.42 23.90
CA LYS T 54 8.48 -16.72 23.74
C LYS T 54 8.70 -18.12 23.19
N ARG T 55 7.99 -18.47 22.12
CA ARG T 55 8.08 -19.79 21.53
C ARG T 55 8.26 -19.70 20.01
N LYS T 56 8.98 -20.67 19.46
CA LYS T 56 9.19 -20.72 18.01
C LYS T 56 8.23 -21.72 17.37
N THR T 57 7.36 -22.30 18.20
CA THR T 57 6.38 -23.27 17.73
C THR T 57 4.97 -22.85 18.09
N VAL T 58 4.15 -22.59 17.08
CA VAL T 58 2.74 -22.26 17.31
C VAL T 58 1.99 -23.54 17.64
N THR T 59 1.08 -23.45 18.61
CA THR T 59 0.30 -24.61 19.03
C THR T 59 -1.17 -24.44 18.67
N ALA T 60 -1.94 -25.52 18.81
CA ALA T 60 -3.35 -25.52 18.45
C ALA T 60 -4.17 -24.48 19.20
N MET T 61 -3.93 -24.35 20.50
CA MET T 61 -4.66 -23.40 21.32
C MET T 61 -4.41 -21.97 20.90
N ASP T 62 -3.20 -21.69 20.41
CA ASP T 62 -2.85 -20.35 19.92
C ASP T 62 -3.71 -19.93 18.73
N VAL T 63 -3.97 -20.88 17.82
CA VAL T 63 -4.84 -20.59 16.68
C VAL T 63 -6.28 -20.42 17.17
N VAL T 64 -6.63 -21.17 18.21
CA VAL T 64 -7.97 -21.10 18.78
C VAL T 64 -8.21 -19.73 19.40
N TYR T 65 -7.26 -19.25 20.18
CA TYR T 65 -7.36 -17.92 20.80
C TYR T 65 -7.48 -16.83 19.75
N ALA T 66 -6.79 -17.03 18.62
CA ALA T 66 -6.83 -16.07 17.52
C ALA T 66 -8.16 -16.15 16.78
N LEU T 67 -8.56 -17.38 16.46
CA LEU T 67 -9.82 -17.65 15.76
C LEU T 67 -11.02 -17.17 16.56
N LYS T 68 -10.99 -17.40 17.87
CA LYS T 68 -12.09 -17.01 18.74
C LYS T 68 -12.12 -15.49 18.93
N ARG T 69 -11.00 -14.84 18.61
CA ARG T 69 -10.88 -13.40 18.79
C ARG T 69 -11.37 -12.62 17.57
N GLN T 70 -12.05 -13.31 16.65
CA GLN T 70 -12.58 -12.65 15.47
C GLN T 70 -13.86 -13.31 14.98
N GLY T 71 -14.69 -13.74 15.93
CA GLY T 71 -16.01 -14.28 15.60
C GLY T 71 -15.98 -15.66 14.98
N ARG T 72 -14.80 -16.25 14.87
CA ARG T 72 -14.64 -17.57 14.27
C ARG T 72 -14.32 -18.60 15.34
N THR T 73 -15.08 -18.59 16.43
CA THR T 73 -14.86 -19.52 17.54
C THR T 73 -14.90 -20.97 17.07
N LEU T 74 -13.97 -21.78 17.57
CA LEU T 74 -13.86 -23.17 17.13
C LEU T 74 -13.85 -24.14 18.32
N TYR T 75 -14.76 -25.12 18.27
CA TYR T 75 -14.81 -26.17 19.28
C TYR T 75 -14.07 -27.41 18.80
N GLY T 76 -13.44 -28.13 19.71
CA GLY T 76 -12.80 -29.39 19.37
C GLY T 76 -11.30 -29.44 19.56
N PHE T 77 -10.69 -28.26 19.69
CA PHE T 77 -9.25 -28.18 19.86
C PHE T 77 -8.89 -27.36 21.10
N GLY T 78 -9.54 -27.67 22.21
CA GLY T 78 -9.29 -26.98 23.46
C GLY T 78 -10.33 -25.90 23.71
N GLY T 79 -10.34 -25.36 24.92
CA GLY T 79 -11.28 -24.32 25.30
C GLY T 79 -11.08 -23.82 26.71
N SER U 1 4.95 15.77 38.74
CA SER U 1 3.89 14.99 38.10
C SER U 1 4.46 13.83 37.30
N ARG U 2 3.58 13.00 36.76
CA ARG U 2 3.99 11.85 35.94
C ARG U 2 3.67 12.06 34.48
N SER U 3 2.46 12.55 34.20
CA SER U 3 2.05 12.82 32.83
C SER U 3 2.88 13.94 32.21
N ASN U 4 3.34 14.86 33.05
CA ASN U 4 4.22 15.93 32.59
C ASN U 4 5.64 15.43 32.37
N ARG U 5 6.05 14.45 33.19
CA ARG U 5 7.35 13.81 33.01
C ARG U 5 7.33 12.86 31.82
N ALA U 6 6.14 12.43 31.42
CA ALA U 6 5.99 11.53 30.29
C ALA U 6 5.87 12.28 28.97
N GLY U 7 5.67 13.59 29.06
CA GLY U 7 5.48 14.42 27.88
C GLY U 7 4.22 14.05 27.13
N LEU U 8 3.18 13.70 27.89
CA LEU U 8 1.91 13.29 27.29
C LEU U 8 0.76 14.11 27.86
N GLN U 9 -0.35 14.14 27.14
CA GLN U 9 -1.53 14.88 27.59
C GLN U 9 -2.45 14.00 28.44
N PHE U 10 -2.60 12.74 28.03
CA PHE U 10 -3.46 11.80 28.74
C PHE U 10 -2.87 11.41 30.09
N PRO U 11 -3.70 11.40 31.14
CA PRO U 11 -3.27 11.14 32.52
C PRO U 11 -2.82 9.69 32.73
N VAL U 12 -1.51 9.49 32.84
CA VAL U 12 -0.95 8.17 33.11
C VAL U 12 -1.37 7.67 34.50
N GLY U 13 -1.49 8.61 35.44
CA GLY U 13 -1.88 8.29 36.79
C GLY U 13 -3.29 7.74 36.89
N ARG U 14 -4.22 8.40 36.21
CA ARG U 14 -5.63 7.97 36.22
C ARG U 14 -5.81 6.64 35.51
N ILE U 15 -5.14 6.47 34.38
CA ILE U 15 -5.21 5.23 33.60
C ILE U 15 -4.70 4.05 34.42
N HIS U 16 -3.67 4.30 35.22
CA HIS U 16 -3.10 3.26 36.07
C HIS U 16 -4.12 2.80 37.11
N ARG U 17 -4.92 3.74 37.59
CA ARG U 17 -5.95 3.42 38.58
C ARG U 17 -7.10 2.65 37.94
N LEU U 18 -7.44 2.99 36.71
CA LEU U 18 -8.52 2.32 35.99
C LEU U 18 -8.14 0.90 35.64
N LEU U 19 -6.85 0.70 35.35
CA LEU U 19 -6.31 -0.62 35.08
C LEU U 19 -6.25 -1.42 36.37
N ARG U 20 -6.25 -0.71 37.49
CA ARG U 20 -6.21 -1.33 38.81
C ARG U 20 -7.59 -1.78 39.29
N LYS U 21 -8.50 -0.82 39.41
CA LYS U 21 -9.84 -1.09 39.91
C LYS U 21 -10.72 -1.80 38.89
N GLY U 22 -10.34 -1.73 37.62
CA GLY U 22 -11.12 -2.33 36.54
C GLY U 22 -11.10 -3.85 36.50
N ASN U 23 -10.31 -4.45 37.39
CA ASN U 23 -10.18 -5.90 37.49
C ASN U 23 -9.75 -6.56 36.17
N TYR U 24 -8.55 -6.22 35.72
CA TYR U 24 -7.96 -6.86 34.56
C TYR U 24 -6.86 -7.80 35.03
N ALA U 25 -6.30 -7.46 36.20
CA ALA U 25 -5.27 -8.27 36.83
C ALA U 25 -5.10 -7.85 38.28
N GLU U 26 -4.42 -8.69 39.06
CA GLU U 26 -4.14 -8.38 40.46
C GLU U 26 -3.02 -7.35 40.55
N ARG U 27 -1.96 -7.55 39.78
CA ARG U 27 -0.82 -6.65 39.79
C ARG U 27 -0.61 -5.99 38.43
N VAL U 28 -0.81 -4.68 38.39
CA VAL U 28 -0.61 -3.92 37.16
C VAL U 28 0.78 -3.28 37.15
N GLY U 29 1.51 -3.46 36.05
CA GLY U 29 2.86 -2.95 35.93
C GLY U 29 2.97 -1.44 36.04
N ALA U 30 4.19 -0.95 36.09
CA ALA U 30 4.46 0.49 36.21
C ALA U 30 4.54 1.14 34.83
N GLY U 31 5.11 0.42 33.88
CA GLY U 31 5.25 0.91 32.52
C GLY U 31 4.01 0.69 31.69
N ALA U 32 3.21 -0.30 32.09
CA ALA U 32 1.97 -0.63 31.40
C ALA U 32 0.99 0.55 31.23
N PRO U 33 0.72 1.32 32.31
CA PRO U 33 -0.22 2.42 32.09
C PRO U 33 0.37 3.54 31.23
N VAL U 34 1.70 3.67 31.23
CA VAL U 34 2.37 4.69 30.43
C VAL U 34 2.28 4.35 28.96
N TYR U 35 2.54 3.09 28.64
CA TYR U 35 2.48 2.59 27.27
C TYR U 35 1.08 2.77 26.69
N LEU U 36 0.08 2.39 27.47
CA LEU U 36 -1.32 2.50 27.05
C LEU U 36 -1.74 3.95 26.89
N ALA U 37 -1.20 4.81 27.75
CA ALA U 37 -1.51 6.24 27.69
C ALA U 37 -0.94 6.85 26.42
N ALA U 38 0.17 6.29 25.94
CA ALA U 38 0.82 6.79 24.74
C ALA U 38 0.09 6.32 23.48
N VAL U 39 -0.56 5.17 23.56
CA VAL U 39 -1.30 4.64 22.43
C VAL U 39 -2.63 5.36 22.28
N MET U 40 -3.30 5.60 23.40
CA MET U 40 -4.58 6.30 23.41
C MET U 40 -4.41 7.75 22.94
N GLU U 41 -3.37 8.41 23.43
CA GLU U 41 -3.08 9.79 23.06
C GLU U 41 -2.77 9.90 21.57
N TYR U 42 -2.02 8.93 21.05
CA TYR U 42 -1.68 8.91 19.64
C TYR U 42 -2.93 8.78 18.74
N LEU U 43 -3.75 7.77 19.01
CA LEU U 43 -4.96 7.54 18.25
C LEU U 43 -5.91 8.73 18.31
N ALA U 44 -5.97 9.37 19.47
CA ALA U 44 -6.79 10.56 19.64
C ALA U 44 -6.29 11.69 18.75
N ALA U 45 -4.97 11.84 18.67
CA ALA U 45 -4.35 12.86 17.83
C ALA U 45 -4.59 12.59 16.35
N GLU U 46 -4.49 11.32 15.97
CA GLU U 46 -4.66 10.91 14.58
C GLU U 46 -6.05 11.27 14.05
N VAL U 47 -7.06 11.09 14.88
CA VAL U 47 -8.44 11.39 14.52
C VAL U 47 -8.69 12.89 14.46
N LEU U 48 -8.25 13.61 15.49
CA LEU U 48 -8.49 15.04 15.61
C LEU U 48 -7.93 15.87 14.45
N GLU U 49 -6.72 15.56 14.01
CA GLU U 49 -6.11 16.30 12.91
C GLU U 49 -6.90 16.10 11.62
N LEU U 50 -7.30 14.86 11.34
CA LEU U 50 -8.10 14.55 10.16
C LEU U 50 -9.48 15.18 10.28
N ALA U 51 -9.95 15.33 11.50
CA ALA U 51 -11.24 15.97 11.75
C ALA U 51 -11.12 17.46 11.47
N GLY U 52 -10.06 18.07 11.97
CA GLY U 52 -9.79 19.48 11.76
C GLY U 52 -9.60 19.83 10.29
N ASN U 53 -8.90 18.96 9.57
CA ASN U 53 -8.69 19.14 8.14
C ASN U 53 -10.01 19.01 7.37
N ALA U 54 -10.93 18.23 7.91
CA ALA U 54 -12.26 18.07 7.32
C ALA U 54 -13.16 19.22 7.77
N ALA U 55 -12.74 19.94 8.80
CA ALA U 55 -13.49 21.07 9.31
C ALA U 55 -13.15 22.34 8.55
N ARG U 56 -11.91 22.44 8.09
CA ARG U 56 -11.44 23.61 7.36
C ARG U 56 -12.08 23.67 5.98
N ASP U 57 -12.45 22.51 5.45
CA ASP U 57 -13.10 22.43 4.15
C ASP U 57 -14.59 22.77 4.23
N ASN U 58 -15.14 22.69 5.44
CA ASN U 58 -16.53 23.06 5.68
C ASN U 58 -16.64 24.51 6.12
N LYS U 59 -15.52 25.22 6.05
CA LYS U 59 -15.41 26.63 6.42
C LYS U 59 -15.82 26.84 7.88
N LYS U 60 -15.60 25.81 8.70
CA LYS U 60 -15.94 25.87 10.12
C LYS U 60 -14.71 25.67 11.01
N THR U 61 -14.68 26.40 12.13
CA THR U 61 -13.56 26.33 13.06
C THR U 61 -13.91 25.46 14.26
N ARG U 62 -15.15 24.98 14.31
CA ARG U 62 -15.57 24.09 15.38
C ARG U 62 -15.87 22.70 14.83
N ILE U 63 -15.25 21.69 15.44
CA ILE U 63 -15.42 20.32 14.99
C ILE U 63 -16.76 19.74 15.43
N ILE U 64 -17.58 19.36 14.45
CA ILE U 64 -18.88 18.76 14.71
C ILE U 64 -18.83 17.26 14.42
N PRO U 65 -19.78 16.48 14.97
CA PRO U 65 -19.88 15.04 14.72
C PRO U 65 -19.74 14.65 13.24
N ARG U 66 -20.24 15.50 12.35
CA ARG U 66 -20.13 15.26 10.91
C ARG U 66 -18.67 15.19 10.47
N HIS U 67 -17.84 16.06 11.04
CA HIS U 67 -16.42 16.09 10.73
C HIS U 67 -15.72 14.80 11.12
N LEU U 68 -16.04 14.30 12.31
CA LEU U 68 -15.46 13.06 12.81
C LEU U 68 -15.80 11.87 11.91
N GLN U 69 -17.05 11.81 11.45
CA GLN U 69 -17.48 10.74 10.57
C GLN U 69 -16.72 10.76 9.26
N LEU U 70 -16.57 11.96 8.68
CA LEU U 70 -15.83 12.12 7.43
C LEU U 70 -14.38 11.70 7.57
N ALA U 71 -13.81 11.94 8.74
CA ALA U 71 -12.42 11.61 9.01
C ALA U 71 -12.21 10.09 9.08
N ILE U 72 -13.03 9.42 9.86
CA ILE U 72 -12.89 7.99 10.11
C ILE U 72 -13.14 7.16 8.84
N ARG U 73 -14.18 7.51 8.10
CA ARG U 73 -14.60 6.71 6.96
C ARG U 73 -13.75 6.93 5.72
N ASN U 74 -12.71 7.76 5.84
CA ASN U 74 -11.81 8.03 4.73
C ASN U 74 -10.39 7.52 4.98
N ASP U 75 -10.19 6.86 6.11
CA ASP U 75 -8.90 6.27 6.44
C ASP U 75 -9.04 4.75 6.58
N GLU U 76 -8.20 4.01 5.85
CA GLU U 76 -8.26 2.55 5.82
C GLU U 76 -8.19 1.93 7.22
N GLU U 77 -7.14 2.28 7.96
CA GLU U 77 -6.91 1.71 9.28
C GLU U 77 -7.96 2.18 10.29
N LEU U 78 -8.34 3.46 10.20
CA LEU U 78 -9.33 4.02 11.12
C LEU U 78 -10.73 3.45 10.88
N ASN U 79 -11.13 3.39 9.62
CA ASN U 79 -12.45 2.86 9.26
C ASN U 79 -12.58 1.38 9.65
N LYS U 80 -11.48 0.64 9.50
CA LYS U 80 -11.47 -0.77 9.88
C LYS U 80 -11.55 -0.92 11.40
N LEU U 81 -10.89 0.00 12.10
CA LEU U 81 -10.88 -0.02 13.56
C LEU U 81 -12.26 0.33 14.13
N LEU U 82 -12.84 1.42 13.62
CA LEU U 82 -14.13 1.88 14.11
C LEU U 82 -15.26 1.42 13.21
N SER U 83 -15.09 0.22 12.64
CA SER U 83 -16.07 -0.35 11.73
C SER U 83 -17.40 -0.68 12.40
N GLY U 84 -17.33 -1.37 13.54
CA GLY U 84 -18.53 -1.81 14.22
C GLY U 84 -19.27 -0.72 14.95
N VAL U 85 -18.59 0.39 15.21
CA VAL U 85 -19.19 1.50 15.93
C VAL U 85 -19.74 2.55 14.97
N THR U 86 -20.86 3.15 15.35
CA THR U 86 -21.50 4.18 14.53
C THR U 86 -21.48 5.53 15.24
N ILE U 87 -20.93 6.53 14.57
CA ILE U 87 -20.86 7.88 15.13
C ILE U 87 -22.23 8.55 15.09
N ALA U 88 -22.69 9.01 16.26
CA ALA U 88 -23.99 9.66 16.36
C ALA U 88 -24.04 10.92 15.51
N GLN U 89 -25.17 11.11 14.82
CA GLN U 89 -25.41 12.22 13.89
C GLN U 89 -24.17 12.60 13.08
N GLY U 90 -23.47 11.59 12.58
CA GLY U 90 -22.30 11.82 11.77
C GLY U 90 -22.62 11.74 10.29
N GLY U 91 -23.75 11.13 9.98
CA GLY U 91 -24.18 10.99 8.59
C GLY U 91 -23.38 9.93 7.85
N VAL U 92 -23.55 9.89 6.53
CA VAL U 92 -22.86 8.91 5.70
C VAL U 92 -22.10 9.63 4.57
N LEU U 93 -21.04 9.00 4.09
CA LEU U 93 -20.26 9.53 2.98
C LEU U 93 -21.11 9.64 1.72
N PRO U 94 -21.07 10.80 1.06
CA PRO U 94 -21.82 10.99 -0.18
C PRO U 94 -21.36 10.01 -1.26
N ASN U 95 -22.13 8.94 -1.44
CA ASN U 95 -21.80 7.93 -2.44
C ASN U 95 -23.02 7.51 -3.26
N ILE U 96 -22.93 7.68 -4.57
CA ILE U 96 -23.99 7.27 -5.48
C ILE U 96 -23.47 6.21 -6.43
N GLN U 97 -24.22 5.11 -6.56
CA GLN U 97 -23.81 4.01 -7.42
C GLN U 97 -23.73 4.44 -8.88
N ALA U 98 -22.94 3.70 -9.65
CA ALA U 98 -22.66 4.06 -11.04
C ALA U 98 -23.89 3.96 -11.93
N VAL U 99 -24.65 2.87 -11.80
CA VAL U 99 -25.78 2.61 -12.68
C VAL U 99 -27.02 3.44 -12.27
N LEU U 100 -26.85 4.27 -11.26
CA LEU U 100 -27.95 5.12 -10.79
C LEU U 100 -27.83 6.54 -11.33
N LEU U 101 -26.75 6.82 -12.04
CA LEU U 101 -26.53 8.14 -12.62
C LEU U 101 -26.98 8.20 -14.08
N PRO U 102 -27.54 9.34 -14.50
CA PRO U 102 -27.99 9.55 -15.88
C PRO U 102 -26.87 9.38 -16.89
N GLU V 1 -15.73 13.83 35.33
CA GLU V 1 -14.93 12.62 35.50
C GLU V 1 -14.62 11.98 34.15
N SER V 2 -14.22 12.81 33.19
CA SER V 2 -13.95 12.32 31.84
C SER V 2 -12.60 12.78 31.31
N TYR V 3 -12.36 12.54 30.03
CA TYR V 3 -11.11 12.92 29.36
C TYR V 3 -11.27 14.22 28.57
N ALA V 4 -12.32 14.97 28.87
CA ALA V 4 -12.68 16.16 28.10
C ALA V 4 -11.54 17.18 27.98
N ILE V 5 -10.84 17.44 29.08
CA ILE V 5 -9.80 18.46 29.10
C ILE V 5 -8.52 18.02 28.39
N TYR V 6 -8.31 16.71 28.29
CA TYR V 6 -7.09 16.18 27.69
C TYR V 6 -7.17 16.15 26.17
N ILE V 7 -8.33 15.76 25.66
CA ILE V 7 -8.56 15.73 24.21
C ILE V 7 -8.46 17.12 23.61
N TYR V 8 -8.84 18.13 24.40
CA TYR V 8 -8.77 19.51 23.96
C TYR V 8 -7.33 19.98 23.85
N LYS V 9 -6.49 19.51 24.78
CA LYS V 9 -5.06 19.81 24.75
C LYS V 9 -4.41 19.21 23.51
N VAL V 10 -4.78 17.97 23.20
CA VAL V 10 -4.28 17.28 22.01
C VAL V 10 -4.78 17.98 20.74
N LEU V 11 -6.00 18.51 20.80
CA LEU V 11 -6.58 19.22 19.67
C LEU V 11 -5.79 20.47 19.30
N LYS V 12 -5.40 21.23 20.31
CA LYS V 12 -4.65 22.47 20.09
C LYS V 12 -3.26 22.18 19.55
N GLN V 13 -2.77 20.96 19.79
CA GLN V 13 -1.49 20.53 19.27
C GLN V 13 -1.57 20.33 17.75
N VAL V 14 -2.57 19.57 17.31
CA VAL V 14 -2.75 19.30 15.89
C VAL V 14 -3.39 20.48 15.17
N HIS V 15 -4.14 21.28 15.92
CA HIS V 15 -4.86 22.43 15.36
C HIS V 15 -5.19 23.47 16.43
N PRO V 16 -4.26 24.42 16.65
CA PRO V 16 -4.47 25.46 17.66
C PRO V 16 -5.52 26.48 17.22
N ASP V 17 -5.83 26.52 15.93
CA ASP V 17 -6.77 27.50 15.39
C ASP V 17 -8.22 27.07 15.54
N THR V 18 -8.50 25.80 15.24
CA THR V 18 -9.87 25.29 15.29
C THR V 18 -10.27 24.80 16.67
N GLY V 19 -11.58 24.71 16.91
CA GLY V 19 -12.11 24.20 18.16
C GLY V 19 -12.99 22.99 17.93
N ILE V 20 -13.71 22.58 18.97
CA ILE V 20 -14.56 21.40 18.87
C ILE V 20 -15.86 21.59 19.66
N SER V 21 -16.97 21.19 19.04
CA SER V 21 -18.28 21.29 19.68
C SER V 21 -18.42 20.27 20.81
N SER V 22 -19.38 20.53 21.70
CA SER V 22 -19.63 19.64 22.83
C SER V 22 -20.15 18.29 22.35
N LYS V 23 -20.87 18.31 21.23
CA LYS V 23 -21.43 17.10 20.64
C LYS V 23 -20.34 16.15 20.18
N ALA V 24 -19.35 16.70 19.48
CA ALA V 24 -18.22 15.92 18.99
C ALA V 24 -17.27 15.54 20.13
N MET V 25 -17.24 16.38 21.17
CA MET V 25 -16.41 16.12 22.34
C MET V 25 -16.84 14.85 23.07
N SER V 26 -18.15 14.66 23.19
CA SER V 26 -18.68 13.46 23.83
C SER V 26 -18.32 12.23 23.02
N ILE V 27 -18.35 12.37 21.69
CA ILE V 27 -17.99 11.29 20.78
C ILE V 27 -16.53 10.89 20.94
N MET V 28 -15.65 11.88 20.97
CA MET V 28 -14.22 11.64 21.15
C MET V 28 -13.93 11.08 22.54
N ASN V 29 -14.73 11.49 23.52
CA ASN V 29 -14.58 11.00 24.88
C ASN V 29 -15.00 9.53 24.96
N SER V 30 -16.04 9.18 24.21
CA SER V 30 -16.49 7.80 24.13
C SER V 30 -15.48 6.95 23.37
N PHE V 31 -14.76 7.59 22.45
CA PHE V 31 -13.76 6.91 21.64
C PHE V 31 -12.59 6.42 22.47
N VAL V 32 -11.98 7.33 23.23
CA VAL V 32 -10.81 6.99 24.04
C VAL V 32 -11.14 5.96 25.11
N ASN V 33 -12.40 5.92 25.52
CA ASN V 33 -12.87 4.90 26.46
C ASN V 33 -13.00 3.55 25.78
N ASP V 34 -13.56 3.55 24.58
CA ASP V 34 -13.73 2.31 23.81
C ASP V 34 -12.38 1.75 23.37
N ILE V 35 -11.37 2.61 23.28
CA ILE V 35 -10.02 2.16 22.94
C ILE V 35 -9.35 1.62 24.20
N PHE V 36 -9.60 2.27 25.32
CA PHE V 36 -9.04 1.87 26.60
C PHE V 36 -9.52 0.47 26.99
N GLU V 37 -10.85 0.33 27.09
CA GLU V 37 -11.47 -0.92 27.51
C GLU V 37 -11.14 -2.09 26.59
N ARG V 38 -11.05 -1.81 25.29
CA ARG V 38 -10.73 -2.84 24.29
C ARG V 38 -9.32 -3.41 24.46
N ILE V 39 -8.35 -2.53 24.69
CA ILE V 39 -6.96 -2.94 24.84
C ILE V 39 -6.71 -3.58 26.21
N ALA V 40 -7.30 -2.98 27.24
CA ALA V 40 -7.13 -3.47 28.61
C ALA V 40 -7.63 -4.90 28.76
N ALA V 41 -8.80 -5.17 28.19
CA ALA V 41 -9.39 -6.51 28.23
C ALA V 41 -8.52 -7.52 27.48
N GLU V 42 -8.05 -7.13 26.30
CA GLU V 42 -7.22 -8.01 25.48
C GLU V 42 -5.88 -8.31 26.17
N ALA V 43 -5.33 -7.30 26.83
CA ALA V 43 -4.07 -7.47 27.56
C ALA V 43 -4.28 -8.39 28.76
N SER V 44 -5.40 -8.22 29.44
CA SER V 44 -5.76 -9.05 30.58
C SER V 44 -5.94 -10.50 30.15
N ARG V 45 -6.68 -10.70 29.06
CA ARG V 45 -6.91 -12.03 28.52
C ARG V 45 -5.61 -12.67 28.03
N LEU V 46 -4.67 -11.83 27.62
CA LEU V 46 -3.38 -12.29 27.12
C LEU V 46 -2.51 -12.84 28.25
N ALA V 47 -2.47 -12.13 29.38
CA ALA V 47 -1.69 -12.55 30.53
C ALA V 47 -2.30 -13.79 31.16
N HIS V 48 -3.62 -13.88 31.10
CA HIS V 48 -4.34 -15.04 31.63
C HIS V 48 -3.94 -16.30 30.85
N TYR V 49 -3.73 -16.14 29.55
CA TYR V 49 -3.29 -17.24 28.70
C TYR V 49 -1.91 -17.74 29.09
N ASN V 50 -1.03 -16.82 29.49
CA ASN V 50 0.33 -17.17 29.84
C ASN V 50 0.51 -17.36 31.34
N LYS V 51 -0.61 -17.44 32.05
CA LYS V 51 -0.62 -17.67 33.49
C LYS V 51 0.18 -16.62 34.27
N ARG V 52 0.28 -15.42 33.72
CA ARG V 52 0.97 -14.34 34.38
C ARG V 52 -0.02 -13.46 35.14
N SER V 53 0.36 -13.06 36.34
CA SER V 53 -0.53 -12.27 37.20
C SER V 53 -0.22 -10.78 37.09
N THR V 54 0.61 -10.43 36.12
CA THR V 54 1.02 -9.03 35.94
C THR V 54 0.82 -8.54 34.51
N ILE V 55 0.10 -7.43 34.37
CA ILE V 55 0.01 -6.73 33.10
C ILE V 55 1.19 -5.76 33.02
N THR V 56 1.97 -5.87 31.96
CA THR V 56 3.16 -5.02 31.79
C THR V 56 3.14 -4.32 30.44
N SER V 57 4.20 -3.58 30.16
CA SER V 57 4.33 -2.86 28.89
C SER V 57 4.32 -3.83 27.71
N ARG V 58 4.81 -5.04 27.93
CA ARG V 58 4.86 -6.07 26.89
C ARG V 58 3.46 -6.53 26.48
N GLU V 59 2.59 -6.68 27.46
CA GLU V 59 1.21 -7.11 27.20
C GLU V 59 0.45 -6.04 26.44
N ILE V 60 0.61 -4.79 26.85
CA ILE V 60 -0.06 -3.68 26.19
C ILE V 60 0.41 -3.56 24.74
N GLN V 61 1.71 -3.76 24.52
CA GLN V 61 2.28 -3.69 23.18
C GLN V 61 1.76 -4.80 22.27
N THR V 62 1.72 -6.03 22.79
CA THR V 62 1.23 -7.16 22.02
C THR V 62 -0.25 -7.00 21.71
N ALA V 63 -0.98 -6.38 22.64
CA ALA V 63 -2.40 -6.12 22.47
C ALA V 63 -2.63 -5.12 21.32
N VAL V 64 -1.76 -4.14 21.21
CA VAL V 64 -1.86 -3.13 20.16
C VAL V 64 -1.76 -3.75 18.75
N ARG V 65 -0.76 -4.61 18.56
CA ARG V 65 -0.56 -5.26 17.28
C ARG V 65 -1.71 -6.18 16.89
N LEU V 66 -2.45 -6.66 17.90
CA LEU V 66 -3.58 -7.54 17.66
C LEU V 66 -4.83 -6.73 17.30
N LEU V 67 -5.00 -5.59 17.94
CA LEU V 67 -6.19 -4.77 17.74
C LEU V 67 -6.02 -3.77 16.59
N LEU V 68 -5.07 -2.85 16.74
CA LEU V 68 -4.80 -1.85 15.72
C LEU V 68 -4.34 -2.49 14.41
N PRO V 69 -4.99 -2.13 13.30
CA PRO V 69 -4.63 -2.69 11.99
C PRO V 69 -3.31 -2.11 11.46
N GLY V 70 -2.79 -2.74 10.41
CA GLY V 70 -1.53 -2.39 9.75
C GLY V 70 -0.70 -1.20 10.20
N GLU V 71 -0.75 -0.13 9.41
CA GLU V 71 0.02 1.09 9.63
C GLU V 71 -0.22 1.79 10.98
N LEU V 72 -1.36 1.51 11.59
CA LEU V 72 -1.68 2.16 12.86
C LEU V 72 -0.99 1.44 14.02
N ALA V 73 -0.88 0.13 13.91
CA ALA V 73 -0.22 -0.67 14.95
C ALA V 73 1.25 -0.28 15.09
N LYS V 74 1.90 -0.04 13.96
CA LYS V 74 3.33 0.29 13.95
C LYS V 74 3.64 1.58 14.70
N HIS V 75 2.95 2.66 14.33
CA HIS V 75 3.18 3.95 14.96
C HIS V 75 2.71 3.99 16.42
N ALA V 76 1.66 3.24 16.73
CA ALA V 76 1.16 3.16 18.10
C ALA V 76 2.18 2.49 19.02
N VAL V 77 2.82 1.45 18.51
CA VAL V 77 3.87 0.76 19.25
C VAL V 77 5.06 1.70 19.47
N SER V 78 5.45 2.40 18.42
CA SER V 78 6.56 3.34 18.47
C SER V 78 6.29 4.44 19.50
N GLU V 79 5.10 5.01 19.47
CA GLU V 79 4.71 6.06 20.40
C GLU V 79 4.74 5.56 21.85
N GLY V 80 4.42 4.28 22.03
CA GLY V 80 4.47 3.67 23.35
C GLY V 80 5.89 3.35 23.76
N THR V 81 6.65 2.79 22.82
CA THR V 81 8.05 2.44 23.06
C THR V 81 8.87 3.68 23.37
N LYS V 82 8.62 4.75 22.62
CA LYS V 82 9.32 6.02 22.79
C LYS V 82 9.12 6.59 24.19
N ALA V 83 7.90 6.48 24.70
CA ALA V 83 7.56 7.01 26.01
C ALA V 83 8.27 6.31 27.18
N VAL V 84 8.18 4.98 27.20
CA VAL V 84 8.74 4.19 28.30
C VAL V 84 10.24 4.37 28.55
N THR V 85 11.05 4.31 27.49
CA THR V 85 12.50 4.43 27.63
C THR V 85 12.91 5.84 28.10
N LYS V 86 12.06 6.82 27.83
CA LYS V 86 12.29 8.18 28.26
C LYS V 86 11.95 8.39 29.73
N TYR V 87 11.03 7.59 30.23
CA TYR V 87 10.52 7.74 31.59
C TYR V 87 11.40 7.04 32.63
N THR V 88 12.55 6.53 32.20
CA THR V 88 13.48 5.88 33.11
C THR V 88 14.36 6.91 33.81
N ARG W 4 3.72 21.11 16.33
CA ARG W 4 2.51 20.44 15.85
C ARG W 4 2.60 18.94 16.11
N ARG W 5 1.90 18.14 15.31
CA ARG W 5 1.94 16.69 15.45
C ARG W 5 2.23 15.99 14.13
N SER W 6 2.64 14.73 14.23
CA SER W 6 3.18 13.98 13.10
C SER W 6 2.10 13.22 12.31
N ASN W 7 2.54 12.55 11.25
CA ASN W 7 1.64 11.84 10.34
C ASN W 7 2.12 10.44 9.98
N ARG W 8 1.24 9.65 9.40
CA ARG W 8 1.55 8.30 8.95
C ARG W 8 1.11 8.08 7.51
N ILE W 9 1.00 6.81 7.11
CA ILE W 9 0.57 6.46 5.76
C ILE W 9 -0.92 6.16 5.71
N ARG W 10 -1.70 7.07 5.13
CA ARG W 10 -3.14 6.89 5.02
C ARG W 10 -3.57 6.53 3.60
N LEU W 11 -4.68 5.81 3.47
CA LEU W 11 -5.20 5.46 2.15
C LEU W 11 -6.67 5.83 1.96
N LYS W 12 -7.55 4.84 2.12
CA LYS W 12 -8.96 4.95 1.75
C LYS W 12 -9.69 3.64 2.13
N PRO W 13 -11.03 3.59 1.97
CA PRO W 13 -11.78 2.34 2.19
C PRO W 13 -11.18 1.08 1.52
N LEU W 14 -10.59 1.26 0.34
CA LEU W 14 -9.74 0.23 -0.29
C LEU W 14 -10.43 -1.04 -0.82
N GLU W 15 -11.70 -1.25 -0.48
CA GLU W 15 -12.49 -2.36 -1.05
C GLU W 15 -11.89 -3.76 -0.87
N TYR W 16 -11.82 -4.21 0.39
CA TYR W 16 -11.28 -5.51 0.78
C TYR W 16 -11.78 -6.78 0.05
N TRP W 17 -12.87 -6.69 -0.69
CA TRP W 17 -13.53 -7.89 -1.24
C TRP W 17 -13.18 -8.26 -2.67
N ARG W 18 -12.44 -7.41 -3.37
CA ARG W 18 -11.98 -7.73 -4.71
C ARG W 18 -10.66 -7.05 -4.96
N GLY W 19 -10.51 -5.88 -4.36
CA GLY W 19 -9.30 -5.09 -4.51
C GLY W 19 -8.14 -5.69 -3.76
N GLU W 20 -7.05 -4.93 -3.70
CA GLU W 20 -5.82 -5.40 -3.06
C GLU W 20 -5.88 -5.25 -1.55
N ARG W 21 -5.00 -5.99 -0.87
CA ARG W 21 -4.72 -5.76 0.53
C ARG W 21 -3.28 -5.27 0.64
N ILE W 22 -2.97 -4.52 1.69
CA ILE W 22 -1.67 -3.86 1.77
C ILE W 22 -0.59 -4.77 2.37
N ASP W 23 0.56 -4.78 1.71
CA ASP W 23 1.73 -5.52 2.20
C ASP W 23 2.97 -4.65 2.14
N TYR W 24 4.06 -5.12 2.75
CA TYR W 24 5.31 -4.38 2.76
C TYR W 24 6.51 -5.32 2.75
N SER X 6 -33.24 -31.45 33.28
CA SER X 6 -34.60 -31.68 32.79
C SER X 6 -34.74 -31.24 31.34
N ASN X 7 -35.94 -31.42 30.79
CA ASN X 7 -36.21 -31.05 29.40
C ASN X 7 -36.65 -29.61 29.27
N ARG X 8 -37.15 -29.27 28.08
CA ARG X 8 -37.60 -27.90 27.79
C ARG X 8 -39.09 -27.76 28.02
#